data_2EFN
# 
_entry.id   2EFN 
# 
_audit_conform.dict_name       mmcif_pdbx.dic 
_audit_conform.dict_version    5.380 
_audit_conform.dict_location   http://mmcif.pdb.org/dictionaries/ascii/mmcif_pdbx.dic 
# 
loop_
_database_2.database_id 
_database_2.database_code 
_database_2.pdbx_database_accession 
_database_2.pdbx_DOI 
PDB   2EFN         pdb_00002efn 10.2210/pdb2efn/pdb 
RCSB  RCSB026605   ?            ?                   
WWPDB D_1000026605 ?            ?                   
# 
_pdbx_database_related.db_name        TargetDB 
_pdbx_database_related.db_id          sto001001022.3 
_pdbx_database_related.details        . 
_pdbx_database_related.content_type   unspecified 
# 
_pdbx_database_status.status_code                     REL 
_pdbx_database_status.entry_id                        2EFN 
_pdbx_database_status.recvd_initial_deposition_date   2007-02-23 
_pdbx_database_status.deposit_site                    PDBJ 
_pdbx_database_status.process_site                    PDBJ 
_pdbx_database_status.status_code_sf                  REL 
_pdbx_database_status.status_code_mr                  ? 
_pdbx_database_status.SG_entry                        Y 
_pdbx_database_status.pdb_format_compatible           Y 
_pdbx_database_status.status_code_cs                  ? 
_pdbx_database_status.methods_development_category    ? 
_pdbx_database_status.status_code_nmr_data            ? 
# 
loop_
_audit_author.name 
_audit_author.pdbx_ordinal 
'Kumarevel, T.S.'                                        1 
'Karthe, P.'                                             2 
'Nakano, N.'                                             3 
'Shinkai, A.'                                            4 
'Yokoyama, S.'                                           5 
'RIKEN Structural Genomics/Proteomics Initiative (RSGI)' 6 
# 
_citation.id                        primary 
_citation.title                     
;Crystal structure of glutamine receptor protein from Sulfolobus tokodaii strain 7 in complex with its effector L-glutamine: implications of effector binding in molecular association and DNA binding.
;
_citation.journal_abbrev            'Nucleic Acids Res.' 
_citation.journal_volume            36 
_citation.page_first                4808 
_citation.page_last                 4820 
_citation.year                      2008 
_citation.journal_id_ASTM           NARHAD 
_citation.country                   UK 
_citation.journal_id_ISSN           0305-1048 
_citation.journal_id_CSD            0389 
_citation.book_publisher            ? 
_citation.pdbx_database_id_PubMed   18653535 
_citation.pdbx_database_id_DOI      10.1093/nar/gkn456 
# 
loop_
_citation_author.citation_id 
_citation_author.name 
_citation_author.ordinal 
_citation_author.identifier_ORCID 
primary 'Kumarevel, T.S.' 1 ? 
primary 'Nakano, N.'      2 ? 
primary 'Ponnuraj, K.'    3 ? 
primary 'Gopinath, S.C.'  4 ? 
primary 'Sakamoto, K.'    5 ? 
primary 'Shinkai, A.'     6 ? 
primary 'Kumar, P.K.'     7 ? 
primary 'Yokoyama, S.'    8 ? 
# 
_cell.entry_id           2EFN 
_cell.length_a           103.662 
_cell.length_b           103.662 
_cell.length_c           73.146 
_cell.angle_alpha        90.00 
_cell.angle_beta         90.00 
_cell.angle_gamma        90.00 
_cell.Z_PDB              16 
_cell.pdbx_unique_axis   ? 
_cell.length_a_esd       ? 
_cell.length_b_esd       ? 
_cell.length_c_esd       ? 
_cell.angle_alpha_esd    ? 
_cell.angle_beta_esd     ? 
_cell.angle_gamma_esd    ? 
# 
_symmetry.entry_id                         2EFN 
_symmetry.space_group_name_H-M             'I 4 2 2' 
_symmetry.pdbx_full_space_group_name_H-M   ? 
_symmetry.cell_setting                     ? 
_symmetry.Int_Tables_number                97 
_symmetry.space_group_name_Hall            ? 
# 
loop_
_entity.id 
_entity.type 
_entity.src_method 
_entity.pdbx_description 
_entity.formula_weight 
_entity.pdbx_number_of_molecules 
_entity.pdbx_ec 
_entity.pdbx_mutation 
_entity.pdbx_fragment 
_entity.details 
1 polymer     man '150aa long hypothetical transcriptional regulator' 17482.473 1   ? S32A ? ? 
2 non-polymer syn 'MAGNESIUM ION'                                     24.305    1   ? ?    ? ? 
3 water       nat water                                               18.015    115 ? ?    ? ? 
# 
_entity_name_com.entity_id   1 
_entity_name_com.name        ST1022 
# 
_entity_poly.entity_id                      1 
_entity_poly.type                           'polypeptide(L)' 
_entity_poly.nstd_linkage                   no 
_entity_poly.nstd_monomer                   no 
_entity_poly.pdbx_seq_one_letter_code       
;MDEIDLRILKILQYNAKYSLDEIAREIRIPKATLSYRIKKLEKDGVIKGYYAYINPASLNLDYIVITSVKAKYGKNYHVE
LGNKLAQIPGVWGVYFVLGDNDFIVMARYKTREEFMEKFLERVMSIPEVERTSTQVVVKIIKESPNIVIF
;
_entity_poly.pdbx_seq_one_letter_code_can   
;MDEIDLRILKILQYNAKYSLDEIAREIRIPKATLSYRIKKLEKDGVIKGYYAYINPASLNLDYIVITSVKAKYGKNYHVE
LGNKLAQIPGVWGVYFVLGDNDFIVMARYKTREEFMEKFLERVMSIPEVERTSTQVVVKIIKESPNIVIF
;
_entity_poly.pdbx_strand_id                 A 
_entity_poly.pdbx_target_identifier         sto001001022.3 
# 
loop_
_entity_poly_seq.entity_id 
_entity_poly_seq.num 
_entity_poly_seq.mon_id 
_entity_poly_seq.hetero 
1 1   MET n 
1 2   ASP n 
1 3   GLU n 
1 4   ILE n 
1 5   ASP n 
1 6   LEU n 
1 7   ARG n 
1 8   ILE n 
1 9   LEU n 
1 10  LYS n 
1 11  ILE n 
1 12  LEU n 
1 13  GLN n 
1 14  TYR n 
1 15  ASN n 
1 16  ALA n 
1 17  LYS n 
1 18  TYR n 
1 19  SER n 
1 20  LEU n 
1 21  ASP n 
1 22  GLU n 
1 23  ILE n 
1 24  ALA n 
1 25  ARG n 
1 26  GLU n 
1 27  ILE n 
1 28  ARG n 
1 29  ILE n 
1 30  PRO n 
1 31  LYS n 
1 32  ALA n 
1 33  THR n 
1 34  LEU n 
1 35  SER n 
1 36  TYR n 
1 37  ARG n 
1 38  ILE n 
1 39  LYS n 
1 40  LYS n 
1 41  LEU n 
1 42  GLU n 
1 43  LYS n 
1 44  ASP n 
1 45  GLY n 
1 46  VAL n 
1 47  ILE n 
1 48  LYS n 
1 49  GLY n 
1 50  TYR n 
1 51  TYR n 
1 52  ALA n 
1 53  TYR n 
1 54  ILE n 
1 55  ASN n 
1 56  PRO n 
1 57  ALA n 
1 58  SER n 
1 59  LEU n 
1 60  ASN n 
1 61  LEU n 
1 62  ASP n 
1 63  TYR n 
1 64  ILE n 
1 65  VAL n 
1 66  ILE n 
1 67  THR n 
1 68  SER n 
1 69  VAL n 
1 70  LYS n 
1 71  ALA n 
1 72  LYS n 
1 73  TYR n 
1 74  GLY n 
1 75  LYS n 
1 76  ASN n 
1 77  TYR n 
1 78  HIS n 
1 79  VAL n 
1 80  GLU n 
1 81  LEU n 
1 82  GLY n 
1 83  ASN n 
1 84  LYS n 
1 85  LEU n 
1 86  ALA n 
1 87  GLN n 
1 88  ILE n 
1 89  PRO n 
1 90  GLY n 
1 91  VAL n 
1 92  TRP n 
1 93  GLY n 
1 94  VAL n 
1 95  TYR n 
1 96  PHE n 
1 97  VAL n 
1 98  LEU n 
1 99  GLY n 
1 100 ASP n 
1 101 ASN n 
1 102 ASP n 
1 103 PHE n 
1 104 ILE n 
1 105 VAL n 
1 106 MET n 
1 107 ALA n 
1 108 ARG n 
1 109 TYR n 
1 110 LYS n 
1 111 THR n 
1 112 ARG n 
1 113 GLU n 
1 114 GLU n 
1 115 PHE n 
1 116 MET n 
1 117 GLU n 
1 118 LYS n 
1 119 PHE n 
1 120 LEU n 
1 121 GLU n 
1 122 ARG n 
1 123 VAL n 
1 124 MET n 
1 125 SER n 
1 126 ILE n 
1 127 PRO n 
1 128 GLU n 
1 129 VAL n 
1 130 GLU n 
1 131 ARG n 
1 132 THR n 
1 133 SER n 
1 134 THR n 
1 135 GLN n 
1 136 VAL n 
1 137 VAL n 
1 138 VAL n 
1 139 LYS n 
1 140 ILE n 
1 141 ILE n 
1 142 LYS n 
1 143 GLU n 
1 144 SER n 
1 145 PRO n 
1 146 ASN n 
1 147 ILE n 
1 148 VAL n 
1 149 ILE n 
1 150 PHE n 
# 
_entity_src_gen.entity_id                          1 
_entity_src_gen.pdbx_src_id                        1 
_entity_src_gen.pdbx_alt_source_flag               sample 
_entity_src_gen.pdbx_seq_type                      ? 
_entity_src_gen.pdbx_beg_seq_num                   ? 
_entity_src_gen.pdbx_end_seq_num                   ? 
_entity_src_gen.gene_src_common_name               ? 
_entity_src_gen.gene_src_genus                     Sulfolobus 
_entity_src_gen.pdbx_gene_src_gene                 ST1022 
_entity_src_gen.gene_src_species                   'Sulfolobus tokodaii' 
_entity_src_gen.gene_src_strain                    7 
_entity_src_gen.gene_src_tissue                    ? 
_entity_src_gen.gene_src_tissue_fraction           ? 
_entity_src_gen.gene_src_details                   ? 
_entity_src_gen.pdbx_gene_src_fragment             ? 
_entity_src_gen.pdbx_gene_src_scientific_name      'Sulfolobus tokodaii' 
_entity_src_gen.pdbx_gene_src_ncbi_taxonomy_id     273063 
_entity_src_gen.pdbx_gene_src_variant              ? 
_entity_src_gen.pdbx_gene_src_cell_line            ? 
_entity_src_gen.pdbx_gene_src_atcc                 ? 
_entity_src_gen.pdbx_gene_src_organ                ? 
_entity_src_gen.pdbx_gene_src_organelle            ? 
_entity_src_gen.pdbx_gene_src_cell                 ? 
_entity_src_gen.pdbx_gene_src_cellular_location    ? 
_entity_src_gen.host_org_common_name               ? 
_entity_src_gen.pdbx_host_org_scientific_name      'Escherichia coli BL21(DE3)' 
_entity_src_gen.pdbx_host_org_ncbi_taxonomy_id     469008 
_entity_src_gen.host_org_genus                     Escherichia 
_entity_src_gen.pdbx_host_org_gene                 ? 
_entity_src_gen.pdbx_host_org_organ                ? 
_entity_src_gen.host_org_species                   'Escherichia coli' 
_entity_src_gen.pdbx_host_org_tissue               ? 
_entity_src_gen.pdbx_host_org_tissue_fraction      ? 
_entity_src_gen.pdbx_host_org_strain               'BL21(DE3)' 
_entity_src_gen.pdbx_host_org_variant              ? 
_entity_src_gen.pdbx_host_org_cell_line            ? 
_entity_src_gen.pdbx_host_org_atcc                 ? 
_entity_src_gen.pdbx_host_org_culture_collection   ? 
_entity_src_gen.pdbx_host_org_cell                 ? 
_entity_src_gen.pdbx_host_org_organelle            ? 
_entity_src_gen.pdbx_host_org_cellular_location    ? 
_entity_src_gen.pdbx_host_org_vector_type          plasmid 
_entity_src_gen.pdbx_host_org_vector               ? 
_entity_src_gen.host_org_details                   ? 
_entity_src_gen.expression_system_id               ? 
_entity_src_gen.plasmid_name                       pET21a 
_entity_src_gen.plasmid_details                    ? 
_entity_src_gen.pdbx_description                   ? 
# 
_struct_ref.id                         1 
_struct_ref.db_name                    UNP 
_struct_ref.db_code                    Q972W6_SULTO 
_struct_ref.pdbx_db_accession          Q972W6 
_struct_ref.entity_id                  1 
_struct_ref.pdbx_seq_one_letter_code   
;MDEIDLRILKILQYNAKYSLDEIAREIRIPKSTLSYRIKKLEKDGVIKGYYAYINPASLNLDYIVITSVKAKYGKNYHVE
LGNKLAQIPGVWGVYFVLGDNDFIVMARYKTREEFMEKFLERVMSIPEVERTSTQVVVKIIKESPNIVIF
;
_struct_ref.pdbx_align_begin           1 
_struct_ref.pdbx_db_isoform            ? 
# 
_struct_ref_seq.align_id                      1 
_struct_ref_seq.ref_id                        1 
_struct_ref_seq.pdbx_PDB_id_code              2EFN 
_struct_ref_seq.pdbx_strand_id                A 
_struct_ref_seq.seq_align_beg                 1 
_struct_ref_seq.pdbx_seq_align_beg_ins_code   ? 
_struct_ref_seq.seq_align_end                 150 
_struct_ref_seq.pdbx_seq_align_end_ins_code   ? 
_struct_ref_seq.pdbx_db_accession             Q972W6 
_struct_ref_seq.db_align_beg                  1 
_struct_ref_seq.pdbx_db_align_beg_ins_code    ? 
_struct_ref_seq.db_align_end                  150 
_struct_ref_seq.pdbx_db_align_end_ins_code    ? 
_struct_ref_seq.pdbx_auth_seq_align_beg       1 
_struct_ref_seq.pdbx_auth_seq_align_end       150 
# 
_struct_ref_seq_dif.align_id                     1 
_struct_ref_seq_dif.pdbx_pdb_id_code             2EFN 
_struct_ref_seq_dif.mon_id                       ALA 
_struct_ref_seq_dif.pdbx_pdb_strand_id           A 
_struct_ref_seq_dif.seq_num                      32 
_struct_ref_seq_dif.pdbx_pdb_ins_code            ? 
_struct_ref_seq_dif.pdbx_seq_db_name             UNP 
_struct_ref_seq_dif.pdbx_seq_db_accession_code   Q972W6 
_struct_ref_seq_dif.db_mon_id                    SER 
_struct_ref_seq_dif.pdbx_seq_db_seq_num          32 
_struct_ref_seq_dif.details                      'engineered mutation' 
_struct_ref_seq_dif.pdbx_auth_seq_num            32 
_struct_ref_seq_dif.pdbx_ordinal                 1 
# 
loop_
_chem_comp.id 
_chem_comp.type 
_chem_comp.mon_nstd_flag 
_chem_comp.name 
_chem_comp.pdbx_synonyms 
_chem_comp.formula 
_chem_comp.formula_weight 
ALA 'L-peptide linking' y ALANINE         ? 'C3 H7 N O2'     89.093  
ARG 'L-peptide linking' y ARGININE        ? 'C6 H15 N4 O2 1' 175.209 
ASN 'L-peptide linking' y ASPARAGINE      ? 'C4 H8 N2 O3'    132.118 
ASP 'L-peptide linking' y 'ASPARTIC ACID' ? 'C4 H7 N O4'     133.103 
GLN 'L-peptide linking' y GLUTAMINE       ? 'C5 H10 N2 O3'   146.144 
GLU 'L-peptide linking' y 'GLUTAMIC ACID' ? 'C5 H9 N O4'     147.129 
GLY 'peptide linking'   y GLYCINE         ? 'C2 H5 N O2'     75.067  
HIS 'L-peptide linking' y HISTIDINE       ? 'C6 H10 N3 O2 1' 156.162 
HOH non-polymer         . WATER           ? 'H2 O'           18.015  
ILE 'L-peptide linking' y ISOLEUCINE      ? 'C6 H13 N O2'    131.173 
LEU 'L-peptide linking' y LEUCINE         ? 'C6 H13 N O2'    131.173 
LYS 'L-peptide linking' y LYSINE          ? 'C6 H15 N2 O2 1' 147.195 
MET 'L-peptide linking' y METHIONINE      ? 'C5 H11 N O2 S'  149.211 
MG  non-polymer         . 'MAGNESIUM ION' ? 'Mg 2'           24.305  
PHE 'L-peptide linking' y PHENYLALANINE   ? 'C9 H11 N O2'    165.189 
PRO 'L-peptide linking' y PROLINE         ? 'C5 H9 N O2'     115.130 
SER 'L-peptide linking' y SERINE          ? 'C3 H7 N O3'     105.093 
THR 'L-peptide linking' y THREONINE       ? 'C4 H9 N O3'     119.119 
TRP 'L-peptide linking' y TRYPTOPHAN      ? 'C11 H12 N2 O2'  204.225 
TYR 'L-peptide linking' y TYROSINE        ? 'C9 H11 N O3'    181.189 
VAL 'L-peptide linking' y VALINE          ? 'C5 H11 N O2'    117.146 
# 
_exptl.entry_id          2EFN 
_exptl.method            'X-RAY DIFFRACTION' 
_exptl.crystals_number   1 
# 
_exptl_crystal.id                    1 
_exptl_crystal.density_meas          ? 
_exptl_crystal.density_Matthews      2.81 
_exptl_crystal.density_percent_sol   56.21 
_exptl_crystal.description           ? 
_exptl_crystal.F_000                 ? 
_exptl_crystal.preparation           ? 
# 
_exptl_crystal_grow.crystal_id      1 
_exptl_crystal_grow.method          'VAPOR DIFFUSION, SITTING DROP' 
_exptl_crystal_grow.temp            293 
_exptl_crystal_grow.temp_details    ? 
_exptl_crystal_grow.pH              6.2 
_exptl_crystal_grow.pdbx_details    
;20%iso PolypropyleneGlycol, 30% isopropanol 0.07M Sodium citrate, 10mM FeCl3-additive, pH 6.2, VAPOR DIFFUSION, SITTING DROP, temperature 293K
;
_exptl_crystal_grow.pdbx_pH_range   . 
# 
_diffrn.id                     1 
_diffrn.ambient_temp           180 
_diffrn.ambient_temp_details   ? 
_diffrn.crystal_id             1 
# 
_diffrn_detector.diffrn_id              1 
_diffrn_detector.detector               CCD 
_diffrn_detector.type                   'RIGAKU JUPITER 210' 
_diffrn_detector.pdbx_collection_date   2006-12-15 
_diffrn_detector.details                ? 
# 
_diffrn_radiation.diffrn_id                        1 
_diffrn_radiation.wavelength_id                    1 
_diffrn_radiation.pdbx_monochromatic_or_laue_m_l   M 
_diffrn_radiation.monochromator                    Si 
_diffrn_radiation.pdbx_diffrn_protocol             'SINGLE WAVELENGTH' 
_diffrn_radiation.pdbx_scattering_type             x-ray 
# 
_diffrn_radiation_wavelength.id           1 
_diffrn_radiation_wavelength.wavelength   0.9793 
_diffrn_radiation_wavelength.wt           1.0 
# 
_diffrn_source.diffrn_id                   1 
_diffrn_source.source                      SYNCHROTRON 
_diffrn_source.type                        'SPRING-8 BEAMLINE BL45XU' 
_diffrn_source.pdbx_synchrotron_site       SPring-8 
_diffrn_source.pdbx_synchrotron_beamline   BL45XU 
_diffrn_source.pdbx_wavelength             ? 
_diffrn_source.pdbx_wavelength_list        0.9793 
# 
_reflns.entry_id                     2EFN 
_reflns.observed_criterion_sigma_I   2 
_reflns.observed_criterion_sigma_F   2 
_reflns.d_resolution_low             50 
_reflns.d_resolution_high            1.98 
_reflns.number_obs                   14388 
_reflns.number_all                   14388 
_reflns.percent_possible_obs         100 
_reflns.pdbx_Rmerge_I_obs            0.099 
_reflns.pdbx_Rsym_value              ? 
_reflns.pdbx_netI_over_sigmaI        ? 
_reflns.B_iso_Wilson_estimate        17.5 
_reflns.pdbx_redundancy              14.7 
_reflns.R_free_details               ? 
_reflns.limit_h_max                  ? 
_reflns.limit_h_min                  ? 
_reflns.limit_k_max                  ? 
_reflns.limit_k_min                  ? 
_reflns.limit_l_max                  ? 
_reflns.limit_l_min                  ? 
_reflns.observed_criterion_F_max     ? 
_reflns.observed_criterion_F_min     ? 
_reflns.pdbx_chi_squared             ? 
_reflns.pdbx_scaling_rejects         ? 
_reflns.pdbx_ordinal                 1 
_reflns.pdbx_diffrn_id               1 
# 
_reflns_shell.d_res_high             1.98 
_reflns_shell.d_res_low              2.05 
_reflns_shell.percent_possible_all   100 
_reflns_shell.Rmerge_I_obs           0.465 
_reflns_shell.pdbx_Rsym_value        ? 
_reflns_shell.meanI_over_sigI_obs    ? 
_reflns_shell.pdbx_redundancy        14.8 
_reflns_shell.percent_possible_obs   ? 
_reflns_shell.number_unique_all      1411 
_reflns_shell.number_measured_all    ? 
_reflns_shell.number_measured_obs    ? 
_reflns_shell.number_unique_obs      ? 
_reflns_shell.pdbx_chi_squared       ? 
_reflns_shell.pdbx_ordinal           1 
_reflns_shell.pdbx_diffrn_id         1 
# 
_refine.entry_id                                 2EFN 
_refine.ls_number_reflns_obs                     14174 
_refine.ls_number_reflns_all                     14388 
_refine.pdbx_ls_sigma_I                          ? 
_refine.pdbx_ls_sigma_F                          0.0 
_refine.pdbx_data_cutoff_high_absF               2457982.29 
_refine.pdbx_data_cutoff_low_absF                0.000000 
_refine.pdbx_data_cutoff_high_rms_absF           ? 
_refine.ls_d_res_low                             19.95 
_refine.ls_d_res_high                            1.98 
_refine.ls_percent_reflns_obs                    100.0 
_refine.ls_R_factor_obs                          0.209 
_refine.ls_R_factor_all                          ? 
_refine.ls_R_factor_R_work                       0.209 
_refine.ls_R_factor_R_free                       0.245 
_refine.ls_R_factor_R_free_error                 0.009 
_refine.ls_R_factor_R_free_error_details         ? 
_refine.ls_percent_reflns_R_free                 5.0 
_refine.ls_number_reflns_R_free                  706 
_refine.ls_number_parameters                     ? 
_refine.ls_number_restraints                     ? 
_refine.occupancy_min                            ? 
_refine.occupancy_max                            ? 
_refine.correlation_coeff_Fo_to_Fc               ? 
_refine.correlation_coeff_Fo_to_Fc_free          ? 
_refine.B_iso_mean                               25.8 
_refine.aniso_B[1][1]                            -1.65 
_refine.aniso_B[2][2]                            -1.65 
_refine.aniso_B[3][3]                            3.30 
_refine.aniso_B[1][2]                            0.00 
_refine.aniso_B[1][3]                            0.00 
_refine.aniso_B[2][3]                            0.00 
_refine.solvent_model_details                    'FLAT MODEL' 
_refine.solvent_model_param_ksol                 0.382725 
_refine.solvent_model_param_bsol                 47.4078 
_refine.pdbx_solvent_vdw_probe_radii             ? 
_refine.pdbx_solvent_ion_probe_radii             ? 
_refine.pdbx_solvent_shrinkage_radii             ? 
_refine.pdbx_ls_cross_valid_method               THROUGHOUT 
_refine.details                                  ? 
_refine.pdbx_starting_model                      2E7W 
_refine.pdbx_method_to_determine_struct          'MOLECULAR REPLACEMENT' 
_refine.pdbx_isotropic_thermal_model             RESTRAINED 
_refine.pdbx_stereochemistry_target_values       'Engh & Huber' 
_refine.pdbx_stereochem_target_val_spec_case     ? 
_refine.pdbx_R_Free_selection_details            RANDOM 
_refine.pdbx_overall_ESU_R                       ? 
_refine.pdbx_overall_ESU_R_Free                  ? 
_refine.overall_SU_ML                            ? 
_refine.overall_SU_B                             ? 
_refine.ls_redundancy_reflns_obs                 ? 
_refine.B_iso_min                                ? 
_refine.B_iso_max                                ? 
_refine.overall_SU_R_Cruickshank_DPI             ? 
_refine.overall_SU_R_free                        ? 
_refine.ls_wR_factor_R_free                      ? 
_refine.ls_wR_factor_R_work                      ? 
_refine.overall_FOM_free_R_set                   ? 
_refine.overall_FOM_work_R_set                   ? 
_refine.pdbx_overall_phase_error                 ? 
_refine.pdbx_refine_id                           'X-RAY DIFFRACTION' 
_refine.pdbx_diffrn_id                           1 
_refine.pdbx_TLS_residual_ADP_flag               ? 
_refine.pdbx_overall_SU_R_free_Cruickshank_DPI   ? 
_refine.pdbx_overall_SU_R_Blow_DPI               ? 
_refine.pdbx_overall_SU_R_free_Blow_DPI          ? 
# 
_refine_analyze.entry_id                        2EFN 
_refine_analyze.Luzzati_coordinate_error_obs    0.23 
_refine_analyze.Luzzati_sigma_a_obs             0.10 
_refine_analyze.Luzzati_d_res_low_obs           5.00 
_refine_analyze.Luzzati_coordinate_error_free   0.26 
_refine_analyze.Luzzati_sigma_a_free            0.06 
_refine_analyze.Luzzati_d_res_low_free          ? 
_refine_analyze.number_disordered_residues      ? 
_refine_analyze.occupancy_sum_hydrogen          ? 
_refine_analyze.occupancy_sum_non_hydrogen      ? 
_refine_analyze.pdbx_Luzzati_d_res_high_obs     ? 
_refine_analyze.pdbx_refine_id                  'X-RAY DIFFRACTION' 
# 
_refine_hist.pdbx_refine_id                   'X-RAY DIFFRACTION' 
_refine_hist.cycle_id                         LAST 
_refine_hist.pdbx_number_atoms_protein        1232 
_refine_hist.pdbx_number_atoms_nucleic_acid   0 
_refine_hist.pdbx_number_atoms_ligand         1 
_refine_hist.number_atoms_solvent             115 
_refine_hist.number_atoms_total               1348 
_refine_hist.d_res_high                       1.98 
_refine_hist.d_res_low                        19.95 
# 
loop_
_refine_ls_restr.type 
_refine_ls_restr.dev_ideal 
_refine_ls_restr.dev_ideal_target 
_refine_ls_restr.weight 
_refine_ls_restr.number 
_refine_ls_restr.pdbx_refine_id 
_refine_ls_restr.pdbx_restraint_function 
c_bond_d           0.005 ?    ? ? 'X-RAY DIFFRACTION' ? 
c_angle_deg        1.2   ?    ? ? 'X-RAY DIFFRACTION' ? 
c_dihedral_angle_d 21.9  ?    ? ? 'X-RAY DIFFRACTION' ? 
c_improper_angle_d 0.72  ?    ? ? 'X-RAY DIFFRACTION' ? 
c_mcbond_it        1.38  1.50 ? ? 'X-RAY DIFFRACTION' ? 
c_mcangle_it       2.01  2.00 ? ? 'X-RAY DIFFRACTION' ? 
c_scbond_it        2.37  2.00 ? ? 'X-RAY DIFFRACTION' ? 
c_scangle_it       3.64  2.50 ? ? 'X-RAY DIFFRACTION' ? 
# 
_refine_ls_shell.pdbx_total_number_of_bins_used   6 
_refine_ls_shell.d_res_high                       1.98 
_refine_ls_shell.d_res_low                        2.10 
_refine_ls_shell.number_reflns_R_work             2191 
_refine_ls_shell.R_factor_R_work                  0.211 
_refine_ls_shell.percent_reflns_obs               100.0 
_refine_ls_shell.R_factor_R_free                  0.236 
_refine_ls_shell.R_factor_R_free_error            0.021 
_refine_ls_shell.percent_reflns_R_free            5.3 
_refine_ls_shell.number_reflns_R_free             123 
_refine_ls_shell.number_reflns_all                ? 
_refine_ls_shell.R_factor_all                     ? 
_refine_ls_shell.number_reflns_obs                ? 
_refine_ls_shell.redundancy_reflns_obs            ? 
_refine_ls_shell.pdbx_refine_id                   'X-RAY DIFFRACTION' 
# 
loop_
_pdbx_xplor_file.serial_no 
_pdbx_xplor_file.param_file 
_pdbx_xplor_file.topol_file 
_pdbx_xplor_file.pdbx_refine_id 
1 protein_rep.param protein.top     'X-RAY DIFFRACTION' 
2 water_rep.param   water.top       'X-RAY DIFFRACTION' 
3 dna-rna_rep.param dna-rna_rep.top 'X-RAY DIFFRACTION' 
4 ion.param         ion.top         'X-RAY DIFFRACTION' 
# 
_struct.entry_id                  2EFN 
_struct.title                     'Crystal Structure of Ser 32 to Ala of ST1022 from Sulfolobus tokodaii 7' 
_struct.pdbx_model_details        ? 
_struct.pdbx_CASP_flag            ? 
_struct.pdbx_model_type_details   ? 
# 
_struct_keywords.entry_id        2EFN 
_struct_keywords.pdbx_keywords   'TRANSCRIPTION REGULATOR' 
_struct_keywords.text            
;Transcriptional regulator, Lrp/AsnC family Gln binding, ST1022, Structural Genomics, NPPSFA, National Project on Protein Structural and Functional Analyses, RIKEN Structural Genomics/Proteomics Initiative, RSGI, TRANSCRIPTION REGULATOR
;
# 
loop_
_struct_asym.id 
_struct_asym.pdbx_blank_PDB_chainid_flag 
_struct_asym.pdbx_modified 
_struct_asym.entity_id 
_struct_asym.details 
A N N 1 ? 
B N N 2 ? 
C N N 3 ? 
# 
_struct_biol.id        1 
_struct_biol.details   ? 
# 
loop_
_struct_conf.conf_type_id 
_struct_conf.id 
_struct_conf.pdbx_PDB_helix_id 
_struct_conf.beg_label_comp_id 
_struct_conf.beg_label_asym_id 
_struct_conf.beg_label_seq_id 
_struct_conf.pdbx_beg_PDB_ins_code 
_struct_conf.end_label_comp_id 
_struct_conf.end_label_asym_id 
_struct_conf.end_label_seq_id 
_struct_conf.pdbx_end_PDB_ins_code 
_struct_conf.beg_auth_comp_id 
_struct_conf.beg_auth_asym_id 
_struct_conf.beg_auth_seq_id 
_struct_conf.end_auth_comp_id 
_struct_conf.end_auth_asym_id 
_struct_conf.end_auth_seq_id 
_struct_conf.pdbx_PDB_helix_class 
_struct_conf.details 
_struct_conf.pdbx_PDB_helix_length 
HELX_P HELX_P1 1 ASP A 2   ? GLN A 13  ? ASP A 2   GLN A 13  1 ? 12 
HELX_P HELX_P2 2 SER A 19  ? ARG A 28  ? SER A 19  ARG A 28  1 ? 10 
HELX_P HELX_P3 3 PRO A 30  ? ASP A 44  ? PRO A 30  ASP A 44  1 ? 15 
HELX_P HELX_P4 4 ASN A 55  ? ASN A 60  ? ASN A 55  ASN A 60  5 ? 6  
HELX_P HELX_P5 5 ASN A 76  ? GLN A 87  ? ASN A 76  GLN A 87  1 ? 12 
HELX_P HELX_P6 6 THR A 111 ? PHE A 119 ? THR A 111 PHE A 119 1 ? 9  
HELX_P HELX_P7 7 PHE A 119 ? SER A 125 ? PHE A 119 SER A 125 1 ? 7  
# 
_struct_conf_type.id          HELX_P 
_struct_conf_type.criteria    ? 
_struct_conf_type.reference   ? 
# 
_struct_sheet.id               A 
_struct_sheet.type             ? 
_struct_sheet.number_strands   4 
_struct_sheet.details          ? 
# 
loop_
_struct_sheet_order.sheet_id 
_struct_sheet_order.range_id_1 
_struct_sheet_order.range_id_2 
_struct_sheet_order.offset 
_struct_sheet_order.sense 
A 1 2 ? anti-parallel 
A 2 3 ? anti-parallel 
A 3 4 ? anti-parallel 
# 
loop_
_struct_sheet_range.sheet_id 
_struct_sheet_range.id 
_struct_sheet_range.beg_label_comp_id 
_struct_sheet_range.beg_label_asym_id 
_struct_sheet_range.beg_label_seq_id 
_struct_sheet_range.pdbx_beg_PDB_ins_code 
_struct_sheet_range.end_label_comp_id 
_struct_sheet_range.end_label_asym_id 
_struct_sheet_range.end_label_seq_id 
_struct_sheet_range.pdbx_end_PDB_ins_code 
_struct_sheet_range.beg_auth_comp_id 
_struct_sheet_range.beg_auth_asym_id 
_struct_sheet_range.beg_auth_seq_id 
_struct_sheet_range.end_auth_comp_id 
_struct_sheet_range.end_auth_asym_id 
_struct_sheet_range.end_auth_seq_id 
A 1 VAL A 91  ? VAL A 97  ? VAL A 91  VAL A 97  
A 2 ASP A 102 ? TYR A 109 ? ASP A 102 TYR A 109 
A 3 TYR A 63  ? ALA A 71  ? TYR A 63  ALA A 71  
A 4 VAL A 129 ? VAL A 137 ? VAL A 129 VAL A 137 
# 
loop_
_pdbx_struct_sheet_hbond.sheet_id 
_pdbx_struct_sheet_hbond.range_id_1 
_pdbx_struct_sheet_hbond.range_id_2 
_pdbx_struct_sheet_hbond.range_1_label_atom_id 
_pdbx_struct_sheet_hbond.range_1_label_comp_id 
_pdbx_struct_sheet_hbond.range_1_label_asym_id 
_pdbx_struct_sheet_hbond.range_1_label_seq_id 
_pdbx_struct_sheet_hbond.range_1_PDB_ins_code 
_pdbx_struct_sheet_hbond.range_1_auth_atom_id 
_pdbx_struct_sheet_hbond.range_1_auth_comp_id 
_pdbx_struct_sheet_hbond.range_1_auth_asym_id 
_pdbx_struct_sheet_hbond.range_1_auth_seq_id 
_pdbx_struct_sheet_hbond.range_2_label_atom_id 
_pdbx_struct_sheet_hbond.range_2_label_comp_id 
_pdbx_struct_sheet_hbond.range_2_label_asym_id 
_pdbx_struct_sheet_hbond.range_2_label_seq_id 
_pdbx_struct_sheet_hbond.range_2_PDB_ins_code 
_pdbx_struct_sheet_hbond.range_2_auth_atom_id 
_pdbx_struct_sheet_hbond.range_2_auth_comp_id 
_pdbx_struct_sheet_hbond.range_2_auth_asym_id 
_pdbx_struct_sheet_hbond.range_2_auth_seq_id 
A 1 2 N VAL A 97  ? N VAL A 97  O ASP A 102 ? O ASP A 102 
A 2 3 O TYR A 109 ? O TYR A 109 N TYR A 63  ? N TYR A 63  
A 3 4 N ILE A 66  ? N ILE A 66  O GLN A 135 ? O GLN A 135 
# 
_struct_site.id                   AC1 
_struct_site.pdbx_evidence_code   Software 
_struct_site.pdbx_auth_asym_id    A 
_struct_site.pdbx_auth_comp_id    MG 
_struct_site.pdbx_auth_seq_id     1001 
_struct_site.pdbx_auth_ins_code   ? 
_struct_site.pdbx_num_residues    1 
_struct_site.details              'BINDING SITE FOR RESIDUE MG A 1001' 
# 
_struct_site_gen.id                   1 
_struct_site_gen.site_id              AC1 
_struct_site_gen.pdbx_num_res         1 
_struct_site_gen.label_comp_id        TYR 
_struct_site_gen.label_asym_id        A 
_struct_site_gen.label_seq_id         51 
_struct_site_gen.pdbx_auth_ins_code   ? 
_struct_site_gen.auth_comp_id         TYR 
_struct_site_gen.auth_asym_id         A 
_struct_site_gen.auth_seq_id          51 
_struct_site_gen.label_atom_id        . 
_struct_site_gen.label_alt_id         ? 
_struct_site_gen.symmetry             1_555 
_struct_site_gen.details              ? 
# 
_atom_sites.entry_id                    2EFN 
_atom_sites.fract_transf_matrix[1][1]   0.00545512 
_atom_sites.fract_transf_matrix[1][2]   0.00399598 
_atom_sites.fract_transf_matrix[1][3]   -0.00688029 
_atom_sites.fract_transf_matrix[2][1]   0.00630628 
_atom_sites.fract_transf_matrix[2][2]   -0.00725809 
_atom_sites.fract_transf_matrix[2][3]   0.00078461 
_atom_sites.fract_transf_matrix[3][1]   -0.00687519 
_atom_sites.fract_transf_matrix[3][2]   -0.00700251 
_atom_sites.fract_transf_matrix[3][3]   -0.00951803 
_atom_sites.fract_transf_vector[1]      0.192741 
_atom_sites.fract_transf_vector[2]      0.206089 
_atom_sites.fract_transf_vector[3]      0.043370 
# 
loop_
_atom_type.symbol 
C  
MG 
N  
O  
S  
# 
loop_
_atom_site.group_PDB 
_atom_site.id 
_atom_site.type_symbol 
_atom_site.label_atom_id 
_atom_site.label_alt_id 
_atom_site.label_comp_id 
_atom_site.label_asym_id 
_atom_site.label_entity_id 
_atom_site.label_seq_id 
_atom_site.pdbx_PDB_ins_code 
_atom_site.Cartn_x 
_atom_site.Cartn_y 
_atom_site.Cartn_z 
_atom_site.occupancy 
_atom_site.B_iso_or_equiv 
_atom_site.pdbx_formal_charge 
_atom_site.auth_seq_id 
_atom_site.auth_comp_id 
_atom_site.auth_asym_id 
_atom_site.auth_atom_id 
_atom_site.pdbx_PDB_model_num 
ATOM   1    N  N   . MET A 1 1   ? 13.094  -17.285 9.739   1.00 42.63 ? 1    MET A N   1 
ATOM   2    C  CA  . MET A 1 1   ? 14.337  -16.473 9.598   1.00 42.30 ? 1    MET A CA  1 
ATOM   3    C  C   . MET A 1 1   ? 14.918  -16.121 10.966  1.00 41.36 ? 1    MET A C   1 
ATOM   4    O  O   . MET A 1 1   ? 14.256  -16.293 11.992  1.00 40.89 ? 1    MET A O   1 
ATOM   5    C  CB  . MET A 1 1   ? 14.037  -15.200 8.804   1.00 44.39 ? 1    MET A CB  1 
ATOM   6    C  CG  . MET A 1 1   ? 12.949  -14.330 9.404   1.00 47.10 ? 1    MET A CG  1 
ATOM   7    S  SD  . MET A 1 1   ? 12.492  -12.958 8.328   1.00 49.20 ? 1    MET A SD  1 
ATOM   8    C  CE  . MET A 1 1   ? 11.102  -13.668 7.457   1.00 49.77 ? 1    MET A CE  1 
ATOM   9    N  N   . ASP A 1 2   ? 16.155  -15.632 10.975  1.00 38.64 ? 2    ASP A N   1 
ATOM   10   C  CA  . ASP A 1 2   ? 16.824  -15.276 12.218  1.00 36.58 ? 2    ASP A CA  1 
ATOM   11   C  C   . ASP A 1 2   ? 17.061  -13.778 12.389  1.00 35.79 ? 2    ASP A C   1 
ATOM   12   O  O   . ASP A 1 2   ? 16.590  -12.959 11.597  1.00 33.38 ? 2    ASP A O   1 
ATOM   13   C  CB  . ASP A 1 2   ? 18.162  -16.013 12.328  1.00 36.26 ? 2    ASP A CB  1 
ATOM   14   C  CG  . ASP A 1 2   ? 19.043  -15.813 11.109  1.00 37.29 ? 2    ASP A CG  1 
ATOM   15   O  OD1 . ASP A 1 2   ? 19.193  -14.655 10.663  1.00 35.89 ? 2    ASP A OD1 1 
ATOM   16   O  OD2 . ASP A 1 2   ? 19.591  -16.815 10.602  1.00 38.12 ? 2    ASP A OD2 1 
ATOM   17   N  N   . GLU A 1 3   ? 17.796  -13.434 13.441  1.00 34.25 ? 3    GLU A N   1 
ATOM   18   C  CA  . GLU A 1 3   ? 18.104  -12.045 13.757  1.00 35.39 ? 3    GLU A CA  1 
ATOM   19   C  C   . GLU A 1 3   ? 18.882  -11.365 12.632  1.00 32.76 ? 3    GLU A C   1 
ATOM   20   O  O   . GLU A 1 3   ? 18.689  -10.175 12.365  1.00 32.93 ? 3    GLU A O   1 
ATOM   21   C  CB  . GLU A 1 3   ? 18.916  -11.980 15.051  1.00 39.29 ? 3    GLU A CB  1 
ATOM   22   C  CG  . GLU A 1 3   ? 20.195  -12.810 14.994  1.00 45.12 ? 3    GLU A CG  1 
ATOM   23   C  CD  . GLU A 1 3   ? 21.164  -12.494 16.117  1.00 48.95 ? 3    GLU A CD  1 
ATOM   24   O  OE1 . GLU A 1 3   ? 20.831  -12.753 17.296  1.00 51.21 ? 3    GLU A OE1 1 
ATOM   25   O  OE2 . GLU A 1 3   ? 22.267  -11.987 15.813  1.00 51.04 ? 3    GLU A OE2 1 
ATOM   26   N  N   . ILE A 1 4   ? 19.763  -12.116 11.980  1.00 29.49 ? 4    ILE A N   1 
ATOM   27   C  CA  . ILE A 1 4   ? 20.557  -11.566 10.891  1.00 28.12 ? 4    ILE A CA  1 
ATOM   28   C  C   . ILE A 1 4   ? 19.652  -11.173 9.727   1.00 27.09 ? 4    ILE A C   1 
ATOM   29   O  O   . ILE A 1 4   ? 19.837  -10.113 9.126   1.00 26.69 ? 4    ILE A O   1 
ATOM   30   C  CB  . ILE A 1 4   ? 21.636  -12.572 10.423  1.00 28.11 ? 4    ILE A CB  1 
ATOM   31   C  CG1 . ILE A 1 4   ? 22.682  -12.751 11.529  1.00 28.90 ? 4    ILE A CG1 1 
ATOM   32   C  CG2 . ILE A 1 4   ? 22.306  -12.081 9.147   1.00 25.64 ? 4    ILE A CG2 1 
ATOM   33   C  CD1 . ILE A 1 4   ? 23.770  -13.754 11.198  1.00 31.75 ? 4    ILE A CD1 1 
ATOM   34   N  N   . ASP A 1 5   ? 18.667  -12.010 9.414   1.00 26.45 ? 5    ASP A N   1 
ATOM   35   C  CA  . ASP A 1 5   ? 17.742  -11.693 8.330   1.00 26.60 ? 5    ASP A CA  1 
ATOM   36   C  C   . ASP A 1 5   ? 17.013  -10.394 8.659   1.00 24.48 ? 5    ASP A C   1 
ATOM   37   O  O   . ASP A 1 5   ? 16.825  -9.537  7.795   1.00 22.60 ? 5    ASP A O   1 
ATOM   38   C  CB  . ASP A 1 5   ? 16.716  -12.814 8.138   1.00 28.57 ? 5    ASP A CB  1 
ATOM   39   C  CG  . ASP A 1 5   ? 17.347  -14.100 7.658   1.00 31.02 ? 5    ASP A CG  1 
ATOM   40   O  OD1 . ASP A 1 5   ? 18.124  -14.053 6.678   1.00 31.38 ? 5    ASP A OD1 1 
ATOM   41   O  OD2 . ASP A 1 5   ? 17.062  -15.158 8.254   1.00 32.57 ? 5    ASP A OD2 1 
ATOM   42   N  N   . LEU A 1 6   ? 16.619  -10.252 9.919   1.00 23.70 ? 6    LEU A N   1 
ATOM   43   C  CA  . LEU A 1 6   ? 15.912  -9.061  10.374  1.00 23.55 ? 6    LEU A CA  1 
ATOM   44   C  C   . LEU A 1 6   ? 16.740  -7.793  10.205  1.00 23.44 ? 6    LEU A C   1 
ATOM   45   O  O   . LEU A 1 6   ? 16.213  -6.746  9.816   1.00 21.16 ? 6    LEU A O   1 
ATOM   46   C  CB  . LEU A 1 6   ? 15.507  -9.224  11.837  1.00 25.29 ? 6    LEU A CB  1 
ATOM   47   C  CG  . LEU A 1 6   ? 14.472  -10.325 12.078  1.00 27.84 ? 6    LEU A CG  1 
ATOM   48   C  CD1 . LEU A 1 6   ? 14.145  -10.409 13.559  1.00 26.97 ? 6    LEU A CD1 1 
ATOM   49   C  CD2 . LEU A 1 6   ? 13.215  -10.031 11.265  1.00 28.98 ? 6    LEU A CD2 1 
ATOM   50   N  N   . ARG A 1 7   ? 18.033  -7.883  10.501  1.00 22.04 ? 7    ARG A N   1 
ATOM   51   C  CA  . ARG A 1 7   ? 18.917  -6.730  10.357  1.00 23.56 ? 7    ARG A CA  1 
ATOM   52   C  C   . ARG A 1 7   ? 19.029  -6.374  8.880   1.00 21.30 ? 7    ARG A C   1 
ATOM   53   O  O   . ARG A 1 7   ? 19.073  -5.199  8.515   1.00 21.58 ? 7    ARG A O   1 
ATOM   54   C  CB  . ARG A 1 7   ? 20.307  -7.044  10.925  1.00 24.88 ? 7    ARG A CB  1 
ATOM   55   C  CG  . ARG A 1 7   ? 20.341  -7.192  12.440  1.00 31.35 ? 7    ARG A CG  1 
ATOM   56   C  CD  . ARG A 1 7   ? 21.752  -7.485  12.935  1.00 35.01 ? 7    ARG A CD  1 
ATOM   57   N  NE  . ARG A 1 7   ? 22.676  -6.395  12.629  1.00 41.02 ? 7    ARG A NE  1 
ATOM   58   C  CZ  . ARG A 1 7   ? 23.989  -6.447  12.837  1.00 43.11 ? 7    ARG A CZ  1 
ATOM   59   N  NH1 . ARG A 1 7   ? 24.540  -7.538  13.352  1.00 44.79 ? 7    ARG A NH1 1 
ATOM   60   N  NH2 . ARG A 1 7   ? 24.752  -5.405  12.532  1.00 45.85 ? 7    ARG A NH2 1 
ATOM   61   N  N   . ILE A 1 8   ? 19.072  -7.397  8.031   1.00 20.63 ? 8    ILE A N   1 
ATOM   62   C  CA  . ILE A 1 8   ? 19.164  -7.188  6.591   1.00 18.96 ? 8    ILE A CA  1 
ATOM   63   C  C   . ILE A 1 8   ? 17.893  -6.509  6.084   1.00 18.14 ? 8    ILE A C   1 
ATOM   64   O  O   . ILE A 1 8   ? 17.951  -5.546  5.322   1.00 16.70 ? 8    ILE A O   1 
ATOM   65   C  CB  . ILE A 1 8   ? 19.351  -8.524  5.847   1.00 19.06 ? 8    ILE A CB  1 
ATOM   66   C  CG1 . ILE A 1 8   ? 20.723  -9.114  6.188   1.00 18.85 ? 8    ILE A CG1 1 
ATOM   67   C  CG2 . ILE A 1 8   ? 19.216  -8.317  4.340   1.00 18.99 ? 8    ILE A CG2 1 
ATOM   68   C  CD1 . ILE A 1 8   ? 20.920  -10.528 5.688   1.00 21.62 ? 8    ILE A CD1 1 
ATOM   69   N  N   . LEU A 1 9   ? 16.744  -7.024  6.507   1.00 17.29 ? 9    LEU A N   1 
ATOM   70   C  CA  . LEU A 1 9   ? 15.468  -6.453  6.095   1.00 16.31 ? 9    LEU A CA  1 
ATOM   71   C  C   . LEU A 1 9   ? 15.327  -5.025  6.623   1.00 17.09 ? 9    LEU A C   1 
ATOM   72   O  O   . LEU A 1 9   ? 14.783  -4.151  5.945   1.00 16.49 ? 9    LEU A O   1 
ATOM   73   C  CB  . LEU A 1 9   ? 14.315  -7.319  6.616   1.00 17.49 ? 9    LEU A CB  1 
ATOM   74   C  CG  . LEU A 1 9   ? 14.195  -8.720  6.012   1.00 16.15 ? 9    LEU A CG  1 
ATOM   75   C  CD1 . LEU A 1 9   ? 13.152  -9.527  6.770   1.00 19.06 ? 9    LEU A CD1 1 
ATOM   76   C  CD2 . LEU A 1 9   ? 13.823  -8.605  4.539   1.00 17.76 ? 9    LEU A CD2 1 
ATOM   77   N  N   . LYS A 1 10  ? 15.827  -4.782  7.831   1.00 18.15 ? 10   LYS A N   1 
ATOM   78   C  CA  . LYS A 1 10  ? 15.724  -3.448  8.401   1.00 19.11 ? 10   LYS A CA  1 
ATOM   79   C  C   . LYS A 1 10  ? 16.415  -2.431  7.497   1.00 18.25 ? 10   LYS A C   1 
ATOM   80   O  O   . LYS A 1 10  ? 16.013  -1.267  7.442   1.00 18.10 ? 10   LYS A O   1 
ATOM   81   C  CB  . LYS A 1 10  ? 16.324  -3.408  9.810   1.00 21.62 ? 10   LYS A CB  1 
ATOM   82   C  CG  . LYS A 1 10  ? 16.035  -2.109  10.545  1.00 24.69 ? 10   LYS A CG  1 
ATOM   83   C  CD  . LYS A 1 10  ? 16.432  -2.192  12.012  1.00 28.68 ? 10   LYS A CD  1 
ATOM   84   C  CE  . LYS A 1 10  ? 16.093  -0.901  12.741  1.00 30.56 ? 10   LYS A CE  1 
ATOM   85   N  NZ  . LYS A 1 10  ? 16.343  -1.004  14.206  1.00 33.46 ? 10   LYS A NZ  1 
ATOM   86   N  N   . ILE A 1 11  ? 17.441  -2.874  6.774   1.00 18.54 ? 11   ILE A N   1 
ATOM   87   C  CA  . ILE A 1 11  ? 18.161  -1.984  5.864   1.00 18.54 ? 11   ILE A CA  1 
ATOM   88   C  C   . ILE A 1 11  ? 17.455  -1.887  4.512   1.00 17.97 ? 11   ILE A C   1 
ATOM   89   O  O   . ILE A 1 11  ? 17.220  -0.789  3.995   1.00 16.26 ? 11   ILE A O   1 
ATOM   90   C  CB  . ILE A 1 11  ? 19.612  -2.473  5.615   1.00 20.28 ? 11   ILE A CB  1 
ATOM   91   C  CG1 . ILE A 1 11  ? 20.415  -2.411  6.917   1.00 20.76 ? 11   ILE A CG1 1 
ATOM   92   C  CG2 . ILE A 1 11  ? 20.273  -1.616  4.540   1.00 17.82 ? 11   ILE A CG2 1 
ATOM   93   C  CD1 . ILE A 1 11  ? 21.813  -2.988  6.821   1.00 23.48 ? 11   ILE A CD1 1 
ATOM   94   N  N   . LEU A 1 12  ? 17.115  -3.040  3.947   1.00 16.16 ? 12   LEU A N   1 
ATOM   95   C  CA  . LEU A 1 12  ? 16.467  -3.084  2.648   1.00 16.62 ? 12   LEU A CA  1 
ATOM   96   C  C   . LEU A 1 12  ? 15.110  -2.384  2.595   1.00 16.99 ? 12   LEU A C   1 
ATOM   97   O  O   . LEU A 1 12  ? 14.688  -1.942  1.526   1.00 17.48 ? 12   LEU A O   1 
ATOM   98   C  CB  . LEU A 1 12  ? 16.327  -4.532  2.176   1.00 15.92 ? 12   LEU A CB  1 
ATOM   99   C  CG  . LEU A 1 12  ? 17.628  -5.325  1.982   1.00 17.72 ? 12   LEU A CG  1 
ATOM   100  C  CD1 . LEU A 1 12  ? 17.303  -6.634  1.288   1.00 18.07 ? 12   LEU A CD1 1 
ATOM   101  C  CD2 . LEU A 1 12  ? 18.628  -4.525  1.151   1.00 18.55 ? 12   LEU A CD2 1 
ATOM   102  N  N   . GLN A 1 13  ? 14.430  -2.277  3.735   1.00 18.72 ? 13   GLN A N   1 
ATOM   103  C  CA  . GLN A 1 13  ? 13.126  -1.611  3.771   1.00 20.84 ? 13   GLN A CA  1 
ATOM   104  C  C   . GLN A 1 13  ? 13.283  -0.112  3.498   1.00 22.18 ? 13   GLN A C   1 
ATOM   105  O  O   . GLN A 1 13  ? 12.352  0.533   3.024   1.00 22.18 ? 13   GLN A O   1 
ATOM   106  C  CB  . GLN A 1 13  ? 12.448  -1.813  5.134   1.00 19.37 ? 13   GLN A CB  1 
ATOM   107  C  CG  . GLN A 1 13  ? 13.201  -1.189  6.308   1.00 19.84 ? 13   GLN A CG  1 
ATOM   108  C  CD  . GLN A 1 13  ? 12.454  -1.295  7.635   1.00 18.60 ? 13   GLN A CD  1 
ATOM   109  O  OE1 . GLN A 1 13  ? 12.966  -0.895  8.683   1.00 21.87 ? 13   GLN A OE1 1 
ATOM   110  N  NE2 . GLN A 1 13  ? 11.248  -1.832  7.595   1.00 15.08 ? 13   GLN A NE2 1 
ATOM   111  N  N   . TYR A 1 14  ? 14.462  0.431   3.807   1.00 23.59 ? 14   TYR A N   1 
ATOM   112  C  CA  . TYR A 1 14  ? 14.748  1.856   3.606   1.00 27.01 ? 14   TYR A CA  1 
ATOM   113  C  C   . TYR A 1 14  ? 15.498  2.155   2.319   1.00 26.61 ? 14   TYR A C   1 
ATOM   114  O  O   . TYR A 1 14  ? 15.207  3.135   1.631   1.00 26.76 ? 14   TYR A O   1 
ATOM   115  C  CB  . TYR A 1 14  ? 15.607  2.423   4.743   1.00 29.86 ? 14   TYR A CB  1 
ATOM   116  C  CG  . TYR A 1 14  ? 14.909  2.650   6.056   1.00 34.72 ? 14   TYR A CG  1 
ATOM   117  C  CD1 . TYR A 1 14  ? 14.993  1.711   7.081   1.00 35.38 ? 14   TYR A CD1 1 
ATOM   118  C  CD2 . TYR A 1 14  ? 14.197  3.829   6.293   1.00 36.80 ? 14   TYR A CD2 1 
ATOM   119  C  CE1 . TYR A 1 14  ? 14.388  1.935   8.316   1.00 37.97 ? 14   TYR A CE1 1 
ATOM   120  C  CE2 . TYR A 1 14  ? 13.587  4.065   7.524   1.00 38.91 ? 14   TYR A CE2 1 
ATOM   121  C  CZ  . TYR A 1 14  ? 13.687  3.113   8.530   1.00 39.43 ? 14   TYR A CZ  1 
ATOM   122  O  OH  . TYR A 1 14  ? 13.082  3.335   9.745   1.00 40.80 ? 14   TYR A OH  1 
ATOM   123  N  N   . ASN A 1 15  ? 16.485  1.325   2.009   1.00 25.75 ? 15   ASN A N   1 
ATOM   124  C  CA  . ASN A 1 15  ? 17.300  1.541   0.827   1.00 26.53 ? 15   ASN A CA  1 
ATOM   125  C  C   . ASN A 1 15  ? 17.731  0.211   0.242   1.00 26.11 ? 15   ASN A C   1 
ATOM   126  O  O   . ASN A 1 15  ? 18.625  -0.452  0.770   1.00 27.24 ? 15   ASN A O   1 
ATOM   127  C  CB  . ASN A 1 15  ? 18.537  2.358   1.201   1.00 28.98 ? 15   ASN A CB  1 
ATOM   128  C  CG  . ASN A 1 15  ? 19.249  2.925   -0.007  1.00 30.44 ? 15   ASN A CG  1 
ATOM   129  O  OD1 . ASN A 1 15  ? 19.302  2.298   -1.068  1.00 30.92 ? 15   ASN A OD1 1 
ATOM   130  N  ND2 . ASN A 1 15  ? 19.816  4.114   0.149   1.00 32.70 ? 15   ASN A ND2 1 
ATOM   131  N  N   . ALA A 1 16  ? 17.095  -0.174  -0.854  1.00 25.91 ? 16   ALA A N   1 
ATOM   132  C  CA  . ALA A 1 16  ? 17.414  -1.436  -1.501  1.00 28.22 ? 16   ALA A CA  1 
ATOM   133  C  C   . ALA A 1 16  ? 18.618  -1.297  -2.426  1.00 30.14 ? 16   ALA A C   1 
ATOM   134  O  O   . ALA A 1 16  ? 19.095  -2.286  -2.979  1.00 30.76 ? 16   ALA A O   1 
ATOM   135  C  CB  . ALA A 1 16  ? 16.210  -1.928  -2.283  1.00 27.47 ? 16   ALA A CB  1 
ATOM   136  N  N   . LYS A 1 17  ? 19.116  -0.076  -2.589  1.00 31.66 ? 17   LYS A N   1 
ATOM   137  C  CA  . LYS A 1 17  ? 20.257  0.146   -3.470  1.00 35.53 ? 17   LYS A CA  1 
ATOM   138  C  C   . LYS A 1 17  ? 21.626  0.176   -2.798  1.00 36.74 ? 17   LYS A C   1 
ATOM   139  O  O   . LYS A 1 17  ? 22.609  0.573   -3.419  1.00 37.49 ? 17   LYS A O   1 
ATOM   140  C  CB  . LYS A 1 17  ? 20.056  1.425   -4.288  1.00 37.23 ? 17   LYS A CB  1 
ATOM   141  C  CG  . LYS A 1 17  ? 18.987  1.302   -5.368  1.00 39.63 ? 17   LYS A CG  1 
ATOM   142  C  CD  . LYS A 1 17  ? 19.218  0.065   -6.229  1.00 42.19 ? 17   LYS A CD  1 
ATOM   143  C  CE  . LYS A 1 17  ? 18.226  -0.025  -7.382  1.00 43.85 ? 17   LYS A CE  1 
ATOM   144  N  NZ  . LYS A 1 17  ? 18.464  1.034   -8.404  1.00 44.56 ? 17   LYS A NZ  1 
ATOM   145  N  N   . TYR A 1 18  ? 21.697  -0.233  -1.534  1.00 38.57 ? 18   TYR A N   1 
ATOM   146  C  CA  . TYR A 1 18  ? 22.980  -0.276  -0.834  1.00 40.04 ? 18   TYR A CA  1 
ATOM   147  C  C   . TYR A 1 18  ? 23.742  -1.479  -1.376  1.00 39.46 ? 18   TYR A C   1 
ATOM   148  O  O   . TYR A 1 18  ? 23.215  -2.589  -1.396  1.00 40.20 ? 18   TYR A O   1 
ATOM   149  C  CB  . TYR A 1 18  ? 22.782  -0.457  0.673   1.00 42.77 ? 18   TYR A CB  1 
ATOM   150  C  CG  . TYR A 1 18  ? 22.709  0.825   1.467   1.00 45.23 ? 18   TYR A CG  1 
ATOM   151  C  CD1 . TYR A 1 18  ? 23.723  1.780   1.383   1.00 47.21 ? 18   TYR A CD1 1 
ATOM   152  C  CD2 . TYR A 1 18  ? 21.640  1.074   2.328   1.00 46.17 ? 18   TYR A CD2 1 
ATOM   153  C  CE1 . TYR A 1 18  ? 23.674  2.952   2.137   1.00 48.87 ? 18   TYR A CE1 1 
ATOM   154  C  CE2 . TYR A 1 18  ? 21.580  2.240   3.087   1.00 47.88 ? 18   TYR A CE2 1 
ATOM   155  C  CZ  . TYR A 1 18  ? 22.600  3.175   2.988   1.00 49.48 ? 18   TYR A CZ  1 
ATOM   156  O  OH  . TYR A 1 18  ? 22.544  4.330   3.736   1.00 50.28 ? 18   TYR A OH  1 
ATOM   157  N  N   . SER A 1 19  ? 24.977  -1.265  -1.820  1.00 38.96 ? 19   SER A N   1 
ATOM   158  C  CA  . SER A 1 19  ? 25.781  -2.359  -2.353  1.00 37.07 ? 19   SER A CA  1 
ATOM   159  C  C   . SER A 1 19  ? 25.925  -3.457  -1.302  1.00 36.05 ? 19   SER A C   1 
ATOM   160  O  O   . SER A 1 19  ? 25.777  -3.204  -0.106  1.00 34.68 ? 19   SER A O   1 
ATOM   161  C  CB  . SER A 1 19  ? 27.173  -1.861  -2.747  1.00 38.33 ? 19   SER A CB  1 
ATOM   162  O  OG  . SER A 1 19  ? 27.938  -1.534  -1.598  1.00 38.67 ? 19   SER A OG  1 
ATOM   163  N  N   . LEU A 1 20  ? 26.214  -4.673  -1.757  1.00 35.59 ? 20   LEU A N   1 
ATOM   164  C  CA  . LEU A 1 20  ? 26.393  -5.806  -0.855  1.00 34.62 ? 20   LEU A CA  1 
ATOM   165  C  C   . LEU A 1 20  ? 27.543  -5.549  0.117   1.00 33.93 ? 20   LEU A C   1 
ATOM   166  O  O   . LEU A 1 20  ? 27.444  -5.855  1.305   1.00 31.28 ? 20   LEU A O   1 
ATOM   167  C  CB  . LEU A 1 20  ? 26.686  -7.081  -1.652  1.00 35.51 ? 20   LEU A CB  1 
ATOM   168  C  CG  . LEU A 1 20  ? 25.534  -7.728  -2.430  1.00 36.91 ? 20   LEU A CG  1 
ATOM   169  C  CD1 . LEU A 1 20  ? 24.462  -8.191  -1.452  1.00 36.32 ? 20   LEU A CD1 1 
ATOM   170  C  CD2 . LEU A 1 20  ? 24.960  -6.738  -3.434  1.00 36.25 ? 20   LEU A CD2 1 
ATOM   171  N  N   . ASP A 1 21  ? 28.633  -4.988  -0.398  1.00 33.61 ? 21   ASP A N   1 
ATOM   172  C  CA  . ASP A 1 21  ? 29.802  -4.696  0.423   1.00 34.02 ? 21   ASP A CA  1 
ATOM   173  C  C   . ASP A 1 21  ? 29.423  -3.852  1.631   1.00 33.30 ? 21   ASP A C   1 
ATOM   174  O  O   . ASP A 1 21  ? 29.771  -4.182  2.765   1.00 32.26 ? 21   ASP A O   1 
ATOM   175  C  CB  . ASP A 1 21  ? 30.860  -3.958  -0.403  1.00 37.55 ? 21   ASP A CB  1 
ATOM   176  C  CG  . ASP A 1 21  ? 31.462  -4.828  -1.493  1.00 41.36 ? 21   ASP A CG  1 
ATOM   177  O  OD1 . ASP A 1 21  ? 30.695  -5.408  -2.290  1.00 44.56 ? 21   ASP A OD1 1 
ATOM   178  O  OD2 . ASP A 1 21  ? 32.705  -4.928  -1.560  1.00 44.65 ? 21   ASP A OD2 1 
ATOM   179  N  N   . GLU A 1 22  ? 28.703  -2.764  1.379   1.00 32.61 ? 22   GLU A N   1 
ATOM   180  C  CA  . GLU A 1 22  ? 28.283  -1.863  2.444   1.00 32.98 ? 22   GLU A CA  1 
ATOM   181  C  C   . GLU A 1 22  ? 27.465  -2.587  3.511   1.00 31.39 ? 22   GLU A C   1 
ATOM   182  O  O   . GLU A 1 22  ? 27.747  -2.471  4.705   1.00 29.68 ? 22   GLU A O   1 
ATOM   183  C  CB  . GLU A 1 22  ? 27.472  -0.708  1.855   1.00 36.44 ? 22   GLU A CB  1 
ATOM   184  C  CG  . GLU A 1 22  ? 28.265  0.168   0.896   1.00 42.16 ? 22   GLU A CG  1 
ATOM   185  C  CD  . GLU A 1 22  ? 27.407  1.217   0.217   1.00 45.41 ? 22   GLU A CD  1 
ATOM   186  O  OE1 . GLU A 1 22  ? 26.500  0.837   -0.558  1.00 47.51 ? 22   GLU A OE1 1 
ATOM   187  O  OE2 . GLU A 1 22  ? 27.638  2.422   0.457   1.00 47.14 ? 22   GLU A OE2 1 
ATOM   188  N  N   . ILE A 1 23  ? 26.453  -3.336  3.079   1.00 29.80 ? 23   ILE A N   1 
ATOM   189  C  CA  . ILE A 1 23  ? 25.607  -4.076  4.010   1.00 28.04 ? 23   ILE A CA  1 
ATOM   190  C  C   . ILE A 1 23  ? 26.419  -5.146  4.737   1.00 27.97 ? 23   ILE A C   1 
ATOM   191  O  O   . ILE A 1 23  ? 26.276  -5.332  5.945   1.00 27.05 ? 23   ILE A O   1 
ATOM   192  C  CB  . ILE A 1 23  ? 24.424  -4.741  3.278   1.00 28.23 ? 23   ILE A CB  1 
ATOM   193  C  CG1 . ILE A 1 23  ? 23.546  -3.662  2.639   1.00 28.26 ? 23   ILE A CG1 1 
ATOM   194  C  CG2 . ILE A 1 23  ? 23.609  -5.582  4.256   1.00 27.60 ? 23   ILE A CG2 1 
ATOM   195  C  CD1 . ILE A 1 23  ? 22.408  -4.204  1.793   1.00 28.86 ? 23   ILE A CD1 1 
ATOM   196  N  N   . ALA A 1 24  ? 27.277  -5.840  3.996   1.00 27.67 ? 24   ALA A N   1 
ATOM   197  C  CA  . ALA A 1 24  ? 28.117  -6.883  4.570   1.00 29.93 ? 24   ALA A CA  1 
ATOM   198  C  C   . ALA A 1 24  ? 28.957  -6.331  5.722   1.00 31.42 ? 24   ALA A C   1 
ATOM   199  O  O   . ALA A 1 24  ? 29.126  -6.994  6.747   1.00 30.25 ? 24   ALA A O   1 
ATOM   200  C  CB  . ALA A 1 24  ? 29.019  -7.477  3.494   1.00 29.93 ? 24   ALA A CB  1 
ATOM   201  N  N   . ARG A 1 25  ? 29.473  -5.116  5.548   1.00 33.66 ? 25   ARG A N   1 
ATOM   202  C  CA  . ARG A 1 25  ? 30.277  -4.466  6.578   1.00 36.56 ? 25   ARG A CA  1 
ATOM   203  C  C   . ARG A 1 25  ? 29.430  -4.047  7.773   1.00 37.47 ? 25   ARG A C   1 
ATOM   204  O  O   . ARG A 1 25  ? 29.838  -4.235  8.921   1.00 39.31 ? 25   ARG A O   1 
ATOM   205  C  CB  . ARG A 1 25  ? 30.967  -3.213  6.035   1.00 38.03 ? 25   ARG A CB  1 
ATOM   206  C  CG  . ARG A 1 25  ? 32.363  -3.456  5.490   1.00 39.22 ? 25   ARG A CG  1 
ATOM   207  C  CD  . ARG A 1 25  ? 33.115  -2.143  5.323   1.00 40.06 ? 25   ARG A CD  1 
ATOM   208  N  NE  . ARG A 1 25  ? 32.565  -1.328  4.247   1.00 40.51 ? 25   ARG A NE  1 
ATOM   209  C  CZ  . ARG A 1 25  ? 32.741  -1.562  2.948   1.00 40.18 ? 25   ARG A CZ  1 
ATOM   210  N  NH1 . ARG A 1 25  ? 33.471  -2.601  2.546   1.00 40.06 ? 25   ARG A NH1 1 
ATOM   211  N  NH2 . ARG A 1 25  ? 32.176  -0.751  2.057   1.00 40.58 ? 25   ARG A NH2 1 
ATOM   212  N  N   . GLU A 1 26  ? 28.261  -3.469  7.513   1.00 39.04 ? 26   GLU A N   1 
ATOM   213  C  CA  . GLU A 1 26  ? 27.400  -3.016  8.598   1.00 41.20 ? 26   GLU A CA  1 
ATOM   214  C  C   . GLU A 1 26  ? 26.960  -4.145  9.527   1.00 41.97 ? 26   GLU A C   1 
ATOM   215  O  O   . GLU A 1 26  ? 27.042  -4.010  10.750  1.00 42.54 ? 26   GLU A O   1 
ATOM   216  C  CB  . GLU A 1 26  ? 26.172  -2.290  8.036   1.00 42.53 ? 26   GLU A CB  1 
ATOM   217  C  CG  . GLU A 1 26  ? 25.230  -1.749  9.106   1.00 45.18 ? 26   GLU A CG  1 
ATOM   218  C  CD  . GLU A 1 26  ? 24.156  -0.835  8.538   1.00 47.13 ? 26   GLU A CD  1 
ATOM   219  O  OE1 . GLU A 1 26  ? 23.282  -0.393  9.317   1.00 49.04 ? 26   GLU A OE1 1 
ATOM   220  O  OE2 . GLU A 1 26  ? 24.182  -0.554  7.315   1.00 48.77 ? 26   GLU A OE2 1 
ATOM   221  N  N   . ILE A 1 27  ? 26.498  -5.252  8.954   1.00 42.07 ? 27   ILE A N   1 
ATOM   222  C  CA  . ILE A 1 27  ? 26.042  -6.376  9.762   1.00 43.57 ? 27   ILE A CA  1 
ATOM   223  C  C   . ILE A 1 27  ? 27.137  -7.369  10.146  1.00 43.47 ? 27   ILE A C   1 
ATOM   224  O  O   . ILE A 1 27  ? 26.907  -8.261  10.962  1.00 43.45 ? 27   ILE A O   1 
ATOM   225  C  CB  . ILE A 1 27  ? 24.875  -7.140  9.075   1.00 43.81 ? 27   ILE A CB  1 
ATOM   226  C  CG1 . ILE A 1 27  ? 25.159  -7.341  7.587   1.00 45.69 ? 27   ILE A CG1 1 
ATOM   227  C  CG2 . ILE A 1 27  ? 23.581  -6.362  9.243   1.00 44.63 ? 27   ILE A CG2 1 
ATOM   228  C  CD1 . ILE A 1 27  ? 26.465  -8.028  7.289   1.00 47.42 ? 27   ILE A CD1 1 
ATOM   229  N  N   . ARG A 1 28  ? 28.322  -7.219  9.559   1.00 44.01 ? 28   ARG A N   1 
ATOM   230  C  CA  . ARG A 1 28  ? 29.452  -8.097  9.864   1.00 43.92 ? 28   ARG A CA  1 
ATOM   231  C  C   . ARG A 1 28  ? 29.306  -9.562  9.462   1.00 43.22 ? 28   ARG A C   1 
ATOM   232  O  O   . ARG A 1 28  ? 29.328  -10.447 10.317  1.00 43.65 ? 28   ARG A O   1 
ATOM   233  C  CB  . ARG A 1 28  ? 29.782  -8.033  11.359  1.00 46.54 ? 28   ARG A CB  1 
ATOM   234  C  CG  . ARG A 1 28  ? 30.918  -7.092  11.716  1.00 50.07 ? 28   ARG A CG  1 
ATOM   235  C  CD  . ARG A 1 28  ? 30.592  -5.650  11.380  1.00 53.26 ? 28   ARG A CD  1 
ATOM   236  N  NE  . ARG A 1 28  ? 31.725  -4.770  11.653  1.00 55.67 ? 28   ARG A NE  1 
ATOM   237  C  CZ  . ARG A 1 28  ? 32.883  -4.817  11.002  1.00 57.17 ? 28   ARG A CZ  1 
ATOM   238  N  NH1 . ARG A 1 28  ? 33.069  -5.701  10.030  1.00 57.61 ? 28   ARG A NH1 1 
ATOM   239  N  NH2 . ARG A 1 28  ? 33.862  -3.984  11.326  1.00 58.38 ? 28   ARG A NH2 1 
ATOM   240  N  N   . ILE A 1 29  ? 29.159  -9.817  8.167   1.00 41.22 ? 29   ILE A N   1 
ATOM   241  C  CA  . ILE A 1 29  ? 29.052  -11.184 7.667   1.00 39.49 ? 29   ILE A CA  1 
ATOM   242  C  C   . ILE A 1 29  ? 29.609  -11.220 6.249   1.00 38.32 ? 29   ILE A C   1 
ATOM   243  O  O   . ILE A 1 29  ? 29.648  -10.196 5.564   1.00 35.05 ? 29   ILE A O   1 
ATOM   244  C  CB  . ILE A 1 29  ? 27.585  -11.697 7.630   1.00 40.40 ? 29   ILE A CB  1 
ATOM   245  C  CG1 . ILE A 1 29  ? 26.798  -10.974 6.537   1.00 40.93 ? 29   ILE A CG1 1 
ATOM   246  C  CG2 . ILE A 1 29  ? 26.926  -11.513 8.991   1.00 40.46 ? 29   ILE A CG2 1 
ATOM   247  C  CD1 . ILE A 1 29  ? 25.360  -11.437 6.404   1.00 41.03 ? 29   ILE A CD1 1 
ATOM   248  N  N   . PRO A 1 30  ? 30.059  -12.398 5.795   1.00 37.25 ? 30   PRO A N   1 
ATOM   249  C  CA  . PRO A 1 30  ? 30.610  -12.528 4.446   1.00 36.49 ? 30   PRO A CA  1 
ATOM   250  C  C   . PRO A 1 30  ? 29.623  -12.060 3.384   1.00 35.60 ? 30   PRO A C   1 
ATOM   251  O  O   . PRO A 1 30  ? 28.428  -12.340 3.469   1.00 34.69 ? 30   PRO A O   1 
ATOM   252  C  CB  . PRO A 1 30  ? 30.910  -14.019 4.343   1.00 36.24 ? 30   PRO A CB  1 
ATOM   253  C  CG  . PRO A 1 30  ? 31.268  -14.375 5.749   1.00 37.93 ? 30   PRO A CG  1 
ATOM   254  C  CD  . PRO A 1 30  ? 30.196  -13.664 6.537   1.00 37.21 ? 30   PRO A CD  1 
ATOM   255  N  N   . LYS A 1 31  ? 30.137  -11.343 2.390   1.00 35.49 ? 31   LYS A N   1 
ATOM   256  C  CA  . LYS A 1 31  ? 29.319  -10.828 1.297   1.00 34.75 ? 31   LYS A CA  1 
ATOM   257  C  C   . LYS A 1 31  ? 28.541  -11.947 0.610   1.00 33.50 ? 31   LYS A C   1 
ATOM   258  O  O   . LYS A 1 31  ? 27.357  -11.796 0.310   1.00 31.00 ? 31   LYS A O   1 
ATOM   259  C  CB  . LYS A 1 31  ? 30.210  -10.117 0.277   1.00 36.34 ? 31   LYS A CB  1 
ATOM   260  C  CG  . LYS A 1 31  ? 29.484  -9.627  -0.961  1.00 38.17 ? 31   LYS A CG  1 
ATOM   261  C  CD  . LYS A 1 31  ? 30.460  -8.989  -1.936  1.00 41.98 ? 31   LYS A CD  1 
ATOM   262  C  CE  . LYS A 1 31  ? 29.755  -8.499  -3.188  1.00 43.43 ? 31   LYS A CE  1 
ATOM   263  N  NZ  . LYS A 1 31  ? 30.716  -7.903  -4.159  1.00 45.84 ? 31   LYS A NZ  1 
ATOM   264  N  N   . ALA A 1 32  ? 29.209  -13.066 0.357   1.00 32.42 ? 32   ALA A N   1 
ATOM   265  C  CA  . ALA A 1 32  ? 28.562  -14.200 -0.291  1.00 31.45 ? 32   ALA A CA  1 
ATOM   266  C  C   . ALA A 1 32  ? 27.407  -14.708 0.569   1.00 31.00 ? 32   ALA A C   1 
ATOM   267  O  O   . ALA A 1 32  ? 26.377  -15.138 0.049   1.00 30.95 ? 32   ALA A O   1 
ATOM   268  C  CB  . ALA A 1 32  ? 29.574  -15.320 -0.530  1.00 31.69 ? 32   ALA A CB  1 
ATOM   269  N  N   . THR A 1 33  ? 27.586  -14.654 1.885   1.00 29.89 ? 33   THR A N   1 
ATOM   270  C  CA  . THR A 1 33  ? 26.560  -15.102 2.822   1.00 30.14 ? 33   THR A CA  1 
ATOM   271  C  C   . THR A 1 33  ? 25.377  -14.133 2.821   1.00 29.42 ? 33   THR A C   1 
ATOM   272  O  O   . THR A 1 33  ? 24.224  -14.544 2.966   1.00 28.48 ? 33   THR A O   1 
ATOM   273  C  CB  . THR A 1 33  ? 27.129  -15.216 4.253   1.00 31.04 ? 33   THR A CB  1 
ATOM   274  O  OG1 . THR A 1 33  ? 28.171  -16.201 4.273   1.00 32.03 ? 33   THR A OG1 1 
ATOM   275  C  CG2 . THR A 1 33  ? 26.043  -15.627 5.234   1.00 30.78 ? 33   THR A CG2 1 
ATOM   276  N  N   . LEU A 1 34  ? 25.674  -12.847 2.669   1.00 28.34 ? 34   LEU A N   1 
ATOM   277  C  CA  . LEU A 1 34  ? 24.638  -11.823 2.622   1.00 27.45 ? 34   LEU A CA  1 
ATOM   278  C  C   . LEU A 1 34  ? 23.799  -12.067 1.376   1.00 27.31 ? 34   LEU A C   1 
ATOM   279  O  O   . LEU A 1 34  ? 22.573  -12.162 1.444   1.00 27.30 ? 34   LEU A O   1 
ATOM   280  C  CB  . LEU A 1 34  ? 25.270  -10.427 2.555   1.00 26.17 ? 34   LEU A CB  1 
ATOM   281  C  CG  . LEU A 1 34  ? 24.328  -9.258  2.241   1.00 26.61 ? 34   LEU A CG  1 
ATOM   282  C  CD1 . LEU A 1 34  ? 23.258  -9.144  3.325   1.00 24.64 ? 34   LEU A CD1 1 
ATOM   283  C  CD2 . LEU A 1 34  ? 25.139  -7.970  2.141   1.00 27.99 ? 34   LEU A CD2 1 
ATOM   284  N  N   . SER A 1 35  ? 24.473  -12.181 0.237   1.00 27.44 ? 35   SER A N   1 
ATOM   285  C  CA  . SER A 1 35  ? 23.798  -12.421 -1.032  1.00 28.59 ? 35   SER A CA  1 
ATOM   286  C  C   . SER A 1 35  ? 22.903  -13.652 -0.940  1.00 28.98 ? 35   SER A C   1 
ATOM   287  O  O   . SER A 1 35  ? 21.755  -13.636 -1.393  1.00 29.84 ? 35   SER A O   1 
ATOM   288  C  CB  . SER A 1 35  ? 24.828  -12.606 -2.149  1.00 29.62 ? 35   SER A CB  1 
ATOM   289  O  OG  . SER A 1 35  ? 24.195  -12.795 -3.403  1.00 32.05 ? 35   SER A OG  1 
ATOM   290  N  N   . TYR A 1 36  ? 23.427  -14.719 -0.348  1.00 29.04 ? 36   TYR A N   1 
ATOM   291  C  CA  . TYR A 1 36  ? 22.661  -15.947 -0.193  1.00 28.49 ? 36   TYR A CA  1 
ATOM   292  C  C   . TYR A 1 36  ? 21.404  -15.710 0.630   1.00 27.93 ? 36   TYR A C   1 
ATOM   293  O  O   . TYR A 1 36  ? 20.305  -16.102 0.232   1.00 26.79 ? 36   TYR A O   1 
ATOM   294  C  CB  . TYR A 1 36  ? 23.495  -17.027 0.494   1.00 31.22 ? 36   TYR A CB  1 
ATOM   295  C  CG  . TYR A 1 36  ? 22.688  -18.265 0.796   1.00 33.65 ? 36   TYR A CG  1 
ATOM   296  C  CD1 . TYR A 1 36  ? 22.286  -19.121 -0.229  1.00 35.28 ? 36   TYR A CD1 1 
ATOM   297  C  CD2 . TYR A 1 36  ? 22.263  -18.542 2.094   1.00 34.16 ? 36   TYR A CD2 1 
ATOM   298  C  CE1 . TYR A 1 36  ? 21.476  -20.221 0.030   1.00 38.05 ? 36   TYR A CE1 1 
ATOM   299  C  CE2 . TYR A 1 36  ? 21.450  -19.639 2.364   1.00 37.01 ? 36   TYR A CE2 1 
ATOM   300  C  CZ  . TYR A 1 36  ? 21.059  -20.472 1.329   1.00 37.46 ? 36   TYR A CZ  1 
ATOM   301  O  OH  . TYR A 1 36  ? 20.238  -21.545 1.586   1.00 40.41 ? 36   TYR A OH  1 
ATOM   302  N  N   . ARG A 1 37  ? 21.574  -15.083 1.789   1.00 26.70 ? 37   ARG A N   1 
ATOM   303  C  CA  . ARG A 1 37  ? 20.449  -14.802 2.670   1.00 26.14 ? 37   ARG A CA  1 
ATOM   304  C  C   . ARG A 1 37  ? 19.375  -13.965 1.986   1.00 25.19 ? 37   ARG A C   1 
ATOM   305  O  O   . ARG A 1 37  ? 18.185  -14.216 2.164   1.00 23.87 ? 37   ARG A O   1 
ATOM   306  C  CB  . ARG A 1 37  ? 20.935  -14.095 3.936   1.00 27.68 ? 37   ARG A CB  1 
ATOM   307  C  CG  . ARG A 1 37  ? 21.517  -15.037 4.978   1.00 27.41 ? 37   ARG A CG  1 
ATOM   308  C  CD  . ARG A 1 37  ? 22.236  -14.280 6.072   1.00 27.84 ? 37   ARG A CD  1 
ATOM   309  N  NE  . ARG A 1 37  ? 22.522  -15.134 7.219   1.00 30.42 ? 37   ARG A NE  1 
ATOM   310  C  CZ  . ARG A 1 37  ? 21.618  -15.498 8.123   1.00 32.06 ? 37   ARG A CZ  1 
ATOM   311  N  NH1 . ARG A 1 37  ? 20.363  -15.076 8.021   1.00 30.55 ? 37   ARG A NH1 1 
ATOM   312  N  NH2 . ARG A 1 37  ? 21.966  -16.295 9.126   1.00 32.11 ? 37   ARG A NH2 1 
ATOM   313  N  N   . ILE A 1 38  ? 19.794  -12.975 1.204   1.00 24.59 ? 38   ILE A N   1 
ATOM   314  C  CA  . ILE A 1 38  ? 18.846  -12.116 0.500   1.00 24.75 ? 38   ILE A CA  1 
ATOM   315  C  C   . ILE A 1 38  ? 18.088  -12.935 -0.539  1.00 27.58 ? 38   ILE A C   1 
ATOM   316  O  O   . ILE A 1 38  ? 16.863  -12.849 -0.640  1.00 26.67 ? 38   ILE A O   1 
ATOM   317  C  CB  . ILE A 1 38  ? 19.568  -10.939 -0.187  1.00 23.70 ? 38   ILE A CB  1 
ATOM   318  C  CG1 . ILE A 1 38  ? 20.116  -9.984  0.880   1.00 20.91 ? 38   ILE A CG1 1 
ATOM   319  C  CG2 . ILE A 1 38  ? 18.616  -10.209 -1.135  1.00 21.39 ? 38   ILE A CG2 1 
ATOM   320  C  CD1 . ILE A 1 38  ? 21.021  -8.899  0.334   1.00 22.93 ? 38   ILE A CD1 1 
ATOM   321  N  N   . LYS A 1 39  ? 18.818  -13.739 -1.303  1.00 28.90 ? 39   LYS A N   1 
ATOM   322  C  CA  . LYS A 1 39  ? 18.197  -14.575 -2.319  1.00 32.29 ? 39   LYS A CA  1 
ATOM   323  C  C   . LYS A 1 39  ? 17.202  -15.537 -1.678  1.00 31.24 ? 39   LYS A C   1 
ATOM   324  O  O   . LYS A 1 39  ? 16.155  -15.828 -2.253  1.00 31.40 ? 39   LYS A O   1 
ATOM   325  C  CB  . LYS A 1 39  ? 19.267  -15.356 -3.088  1.00 34.79 ? 39   LYS A CB  1 
ATOM   326  C  CG  . LYS A 1 39  ? 20.188  -14.478 -3.929  1.00 39.68 ? 39   LYS A CG  1 
ATOM   327  C  CD  . LYS A 1 39  ? 21.254  -15.299 -4.650  1.00 43.54 ? 39   LYS A CD  1 
ATOM   328  C  CE  . LYS A 1 39  ? 20.634  -16.303 -5.616  1.00 45.99 ? 39   LYS A CE  1 
ATOM   329  N  NZ  . LYS A 1 39  ? 21.662  -17.167 -6.276  1.00 47.78 ? 39   LYS A NZ  1 
ATOM   330  N  N   . LYS A 1 40  ? 17.529  -16.022 -0.484  1.00 31.84 ? 40   LYS A N   1 
ATOM   331  C  CA  . LYS A 1 40  ? 16.645  -16.945 0.222   1.00 32.26 ? 40   LYS A CA  1 
ATOM   332  C  C   . LYS A 1 40  ? 15.372  -16.247 0.694   1.00 32.24 ? 40   LYS A C   1 
ATOM   333  O  O   . LYS A 1 40  ? 14.286  -16.828 0.655   1.00 31.87 ? 40   LYS A O   1 
ATOM   334  C  CB  . LYS A 1 40  ? 17.366  -17.575 1.419   1.00 33.37 ? 40   LYS A CB  1 
ATOM   335  C  CG  . LYS A 1 40  ? 16.473  -18.475 2.270   1.00 34.90 ? 40   LYS A CG  1 
ATOM   336  C  CD  . LYS A 1 40  ? 17.261  -19.230 3.331   1.00 36.45 ? 40   LYS A CD  1 
ATOM   337  C  CE  . LYS A 1 40  ? 16.334  -20.033 4.234   1.00 37.00 ? 40   LYS A CE  1 
ATOM   338  N  NZ  . LYS A 1 40  ? 15.445  -20.941 3.449   1.00 35.95 ? 40   LYS A NZ  1 
ATOM   339  N  N   . LEU A 1 41  ? 15.507  -15.003 1.146   1.00 30.59 ? 41   LEU A N   1 
ATOM   340  C  CA  . LEU A 1 41  ? 14.351  -14.243 1.608   1.00 29.98 ? 41   LEU A CA  1 
ATOM   341  C  C   . LEU A 1 41  ? 13.386  -13.981 0.457   1.00 29.71 ? 41   LEU A C   1 
ATOM   342  O  O   . LEU A 1 41  ? 12.169  -14.009 0.635   1.00 29.04 ? 41   LEU A O   1 
ATOM   343  C  CB  . LEU A 1 41  ? 14.798  -12.911 2.222   1.00 28.61 ? 41   LEU A CB  1 
ATOM   344  C  CG  . LEU A 1 41  ? 15.580  -13.012 3.535   1.00 27.65 ? 41   LEU A CG  1 
ATOM   345  C  CD1 . LEU A 1 41  ? 16.149  -11.648 3.908   1.00 27.49 ? 41   LEU A CD1 1 
ATOM   346  C  CD2 . LEU A 1 41  ? 14.664  -13.542 4.634   1.00 26.49 ? 41   LEU A CD2 1 
ATOM   347  N  N   . GLU A 1 42  ? 13.933  -13.730 -0.728  1.00 30.50 ? 42   GLU A N   1 
ATOM   348  C  CA  . GLU A 1 42  ? 13.104  -13.470 -1.897  1.00 31.34 ? 42   GLU A CA  1 
ATOM   349  C  C   . GLU A 1 42  ? 12.381  -14.755 -2.291  1.00 32.69 ? 42   GLU A C   1 
ATOM   350  O  O   . GLU A 1 42  ? 11.190  -14.742 -2.601  1.00 31.20 ? 42   GLU A O   1 
ATOM   351  C  CB  . GLU A 1 42  ? 13.968  -12.981 -3.062  1.00 31.47 ? 42   GLU A CB  1 
ATOM   352  C  CG  . GLU A 1 42  ? 14.912  -11.848 -2.701  1.00 31.22 ? 42   GLU A CG  1 
ATOM   353  C  CD  . GLU A 1 42  ? 15.781  -11.419 -3.866  1.00 33.17 ? 42   GLU A CD  1 
ATOM   354  O  OE1 . GLU A 1 42  ? 16.084  -12.273 -4.725  1.00 34.75 ? 42   GLU A OE1 1 
ATOM   355  O  OE2 . GLU A 1 42  ? 16.175  -10.237 -3.918  1.00 30.70 ? 42   GLU A OE2 1 
ATOM   356  N  N   . LYS A 1 43  ? 13.111  -15.865 -2.268  1.00 34.22 ? 43   LYS A N   1 
ATOM   357  C  CA  . LYS A 1 43  ? 12.544  -17.161 -2.621  1.00 37.17 ? 43   LYS A CA  1 
ATOM   358  C  C   . LYS A 1 43  ? 11.477  -17.627 -1.635  1.00 37.30 ? 43   LYS A C   1 
ATOM   359  O  O   . LYS A 1 43  ? 10.515  -18.285 -2.026  1.00 38.55 ? 43   LYS A O   1 
ATOM   360  C  CB  . LYS A 1 43  ? 13.652  -18.213 -2.713  1.00 38.80 ? 43   LYS A CB  1 
ATOM   361  C  CG  . LYS A 1 43  ? 14.604  -18.012 -3.882  1.00 42.82 ? 43   LYS A CG  1 
ATOM   362  C  CD  . LYS A 1 43  ? 13.864  -18.075 -5.213  1.00 45.65 ? 43   LYS A CD  1 
ATOM   363  C  CE  . LYS A 1 43  ? 14.820  -17.946 -6.388  1.00 46.90 ? 43   LYS A CE  1 
ATOM   364  N  NZ  . LYS A 1 43  ? 15.810  -19.061 -6.418  1.00 47.89 ? 43   LYS A NZ  1 
ATOM   365  N  N   . ASP A 1 44  ? 11.643  -17.290 -0.360  1.00 37.47 ? 44   ASP A N   1 
ATOM   366  C  CA  . ASP A 1 44  ? 10.678  -17.698 0.656   1.00 36.58 ? 44   ASP A CA  1 
ATOM   367  C  C   . ASP A 1 44  ? 9.484   -16.758 0.749   1.00 35.99 ? 44   ASP A C   1 
ATOM   368  O  O   . ASP A 1 44  ? 8.644   -16.897 1.636   1.00 37.56 ? 44   ASP A O   1 
ATOM   369  C  CB  . ASP A 1 44  ? 11.354  -17.812 2.024   1.00 37.23 ? 44   ASP A CB  1 
ATOM   370  C  CG  . ASP A 1 44  ? 12.424  -18.886 2.055   1.00 38.22 ? 44   ASP A CG  1 
ATOM   371  O  OD1 . ASP A 1 44  ? 12.382  -19.785 1.189   1.00 38.37 ? 44   ASP A OD1 1 
ATOM   372  O  OD2 . ASP A 1 44  ? 13.297  -18.841 2.947   1.00 39.13 ? 44   ASP A OD2 1 
ATOM   373  N  N   . GLY A 1 45  ? 9.414   -15.796 -0.164  1.00 33.88 ? 45   GLY A N   1 
ATOM   374  C  CA  . GLY A 1 45  ? 8.301   -14.865 -0.164  1.00 31.57 ? 45   GLY A CA  1 
ATOM   375  C  C   . GLY A 1 45  ? 8.356   -13.757 0.874   1.00 30.34 ? 45   GLY A C   1 
ATOM   376  O  O   . GLY A 1 45  ? 7.376   -13.036 1.053   1.00 29.20 ? 45   GLY A O   1 
ATOM   377  N  N   . VAL A 1 46  ? 9.484   -13.616 1.566   1.00 27.54 ? 46   VAL A N   1 
ATOM   378  C  CA  . VAL A 1 46  ? 9.617   -12.558 2.564   1.00 26.10 ? 46   VAL A CA  1 
ATOM   379  C  C   . VAL A 1 46  ? 9.791   -11.233 1.827   1.00 24.28 ? 46   VAL A C   1 
ATOM   380  O  O   . VAL A 1 46  ? 9.083   -10.261 2.096   1.00 23.93 ? 46   VAL A O   1 
ATOM   381  C  CB  . VAL A 1 46  ? 10.818  -12.806 3.481   1.00 26.25 ? 46   VAL A CB  1 
ATOM   382  C  CG1 . VAL A 1 46  ? 10.929  -11.687 4.510   1.00 25.99 ? 46   VAL A CG1 1 
ATOM   383  C  CG2 . VAL A 1 46  ? 10.661  -14.153 4.169   1.00 26.54 ? 46   VAL A CG2 1 
ATOM   384  N  N   . ILE A 1 47  ? 10.751  -11.195 0.908   1.00 23.48 ? 47   ILE A N   1 
ATOM   385  C  CA  . ILE A 1 47  ? 10.964  -10.008 0.093   1.00 23.34 ? 47   ILE A CA  1 
ATOM   386  C  C   . ILE A 1 47  ? 10.149  -10.258 -1.173  1.00 25.13 ? 47   ILE A C   1 
ATOM   387  O  O   . ILE A 1 47  ? 10.494  -11.124 -1.972  1.00 26.78 ? 47   ILE A O   1 
ATOM   388  C  CB  . ILE A 1 47  ? 12.446  -9.828  -0.297  1.00 23.40 ? 47   ILE A CB  1 
ATOM   389  C  CG1 . ILE A 1 47  ? 13.288  -9.566  0.955   1.00 21.06 ? 47   ILE A CG1 1 
ATOM   390  C  CG2 . ILE A 1 47  ? 12.575  -8.680  -1.290  1.00 20.62 ? 47   ILE A CG2 1 
ATOM   391  C  CD1 . ILE A 1 47  ? 14.769  -9.415  0.691   1.00 22.10 ? 47   ILE A CD1 1 
ATOM   392  N  N   . LYS A 1 48  ? 9.068   -9.505  -1.341  1.00 26.14 ? 48   LYS A N   1 
ATOM   393  C  CA  . LYS A 1 48  ? 8.181   -9.652  -2.491  1.00 27.92 ? 48   LYS A CA  1 
ATOM   394  C  C   . LYS A 1 48  ? 8.716   -8.991  -3.758  1.00 28.04 ? 48   LYS A C   1 
ATOM   395  O  O   . LYS A 1 48  ? 8.381   -9.401  -4.872  1.00 27.73 ? 48   LYS A O   1 
ATOM   396  C  CB  . LYS A 1 48  ? 6.809   -9.066  -2.159  1.00 29.18 ? 48   LYS A CB  1 
ATOM   397  C  CG  . LYS A 1 48  ? 6.126   -9.710  -0.957  1.00 34.79 ? 48   LYS A CG  1 
ATOM   398  C  CD  . LYS A 1 48  ? 5.611   -11.102 -1.281  1.00 37.84 ? 48   LYS A CD  1 
ATOM   399  C  CE  . LYS A 1 48  ? 4.472   -11.044 -2.289  1.00 40.00 ? 48   LYS A CE  1 
ATOM   400  N  NZ  . LYS A 1 48  ? 3.958   -12.395 -2.637  1.00 41.68 ? 48   LYS A NZ  1 
ATOM   401  N  N   . GLY A 1 49  ? 9.541   -7.966  -3.583  1.00 26.48 ? 49   GLY A N   1 
ATOM   402  C  CA  . GLY A 1 49  ? 10.101  -7.267  -4.725  1.00 25.54 ? 49   GLY A CA  1 
ATOM   403  C  C   . GLY A 1 49  ? 10.769  -5.977  -4.297  1.00 25.10 ? 49   GLY A C   1 
ATOM   404  O  O   . GLY A 1 49  ? 10.888  -5.696  -3.105  1.00 24.80 ? 49   GLY A O   1 
ATOM   405  N  N   . TYR A 1 50  ? 11.221  -5.197  -5.271  1.00 23.42 ? 50   TYR A N   1 
ATOM   406  C  CA  . TYR A 1 50  ? 11.870  -3.926  -4.986  1.00 23.26 ? 50   TYR A CA  1 
ATOM   407  C  C   . TYR A 1 50  ? 11.175  -2.857  -5.817  1.00 22.93 ? 50   TYR A C   1 
ATOM   408  O  O   . TYR A 1 50  ? 10.922  -3.047  -7.006  1.00 22.33 ? 50   TYR A O   1 
ATOM   409  C  CB  . TYR A 1 50  ? 13.362  -4.002  -5.319  1.00 21.62 ? 50   TYR A CB  1 
ATOM   410  C  CG  . TYR A 1 50  ? 14.083  -5.108  -4.579  1.00 23.23 ? 50   TYR A CG  1 
ATOM   411  C  CD1 . TYR A 1 50  ? 14.094  -6.413  -5.073  1.00 22.54 ? 50   TYR A CD1 1 
ATOM   412  C  CD2 . TYR A 1 50  ? 14.739  -4.855  -3.371  1.00 22.77 ? 50   TYR A CD2 1 
ATOM   413  C  CE1 . TYR A 1 50  ? 14.739  -7.441  -4.385  1.00 22.72 ? 50   TYR A CE1 1 
ATOM   414  C  CE2 . TYR A 1 50  ? 15.389  -5.879  -2.674  1.00 21.75 ? 50   TYR A CE2 1 
ATOM   415  C  CZ  . TYR A 1 50  ? 15.383  -7.165  -3.188  1.00 23.98 ? 50   TYR A CZ  1 
ATOM   416  O  OH  . TYR A 1 50  ? 16.010  -8.177  -2.500  1.00 24.22 ? 50   TYR A OH  1 
ATOM   417  N  N   . TYR A 1 51  ? 10.851  -1.738  -5.178  1.00 24.51 ? 51   TYR A N   1 
ATOM   418  C  CA  . TYR A 1 51  ? 10.143  -0.649  -5.841  1.00 25.15 ? 51   TYR A CA  1 
ATOM   419  C  C   . TYR A 1 51  ? 10.869  0.677   -5.703  1.00 24.25 ? 51   TYR A C   1 
ATOM   420  O  O   . TYR A 1 51  ? 11.646  0.882   -4.775  1.00 23.74 ? 51   TYR A O   1 
ATOM   421  C  CB  . TYR A 1 51  ? 8.754   -0.456  -5.213  1.00 28.78 ? 51   TYR A CB  1 
ATOM   422  C  CG  . TYR A 1 51  ? 7.898   -1.700  -5.068  1.00 33.34 ? 51   TYR A CG  1 
ATOM   423  C  CD1 . TYR A 1 51  ? 6.944   -1.787  -4.055  1.00 35.00 ? 51   TYR A CD1 1 
ATOM   424  C  CD2 . TYR A 1 51  ? 7.998   -2.763  -5.966  1.00 35.22 ? 51   TYR A CD2 1 
ATOM   425  C  CE1 . TYR A 1 51  ? 6.106   -2.899  -3.938  1.00 36.41 ? 51   TYR A CE1 1 
ATOM   426  C  CE2 . TYR A 1 51  ? 7.164   -3.882  -5.860  1.00 36.84 ? 51   TYR A CE2 1 
ATOM   427  C  CZ  . TYR A 1 51  ? 6.222   -3.939  -4.846  1.00 37.79 ? 51   TYR A CZ  1 
ATOM   428  O  OH  . TYR A 1 51  ? 5.389   -5.031  -4.740  1.00 38.17 ? 51   TYR A OH  1 
ATOM   429  N  N   . ALA A 1 52  ? 10.590  1.588   -6.626  1.00 23.07 ? 52   ALA A N   1 
ATOM   430  C  CA  . ALA A 1 52  ? 11.164  2.918   -6.552  1.00 24.42 ? 52   ALA A CA  1 
ATOM   431  C  C   . ALA A 1 52  ? 10.106  3.721   -5.799  1.00 25.18 ? 52   ALA A C   1 
ATOM   432  O  O   . ALA A 1 52  ? 8.908   3.530   -6.028  1.00 24.48 ? 52   ALA A O   1 
ATOM   433  C  CB  . ALA A 1 52  ? 11.360  3.487   -7.947  1.00 23.50 ? 52   ALA A CB  1 
ATOM   434  N  N   . TYR A 1 53  ? 10.527  4.583   -4.878  1.00 23.85 ? 53   TYR A N   1 
ATOM   435  C  CA  . TYR A 1 53  ? 9.563   5.403   -4.157  1.00 26.45 ? 53   TYR A CA  1 
ATOM   436  C  C   . TYR A 1 53  ? 9.437   6.714   -4.912  1.00 23.66 ? 53   TYR A C   1 
ATOM   437  O  O   . TYR A 1 53  ? 10.379  7.502   -4.978  1.00 23.84 ? 53   TYR A O   1 
ATOM   438  C  CB  . TYR A 1 53  ? 10.005  5.691   -2.723  1.00 31.17 ? 53   TYR A CB  1 
ATOM   439  C  CG  . TYR A 1 53  ? 8.938   6.437   -1.949  1.00 37.49 ? 53   TYR A CG  1 
ATOM   440  C  CD1 . TYR A 1 53  ? 7.725   5.822   -1.632  1.00 39.54 ? 53   TYR A CD1 1 
ATOM   441  C  CD2 . TYR A 1 53  ? 9.114   7.769   -1.581  1.00 39.35 ? 53   TYR A CD2 1 
ATOM   442  C  CE1 . TYR A 1 53  ? 6.713   6.516   -0.971  1.00 42.32 ? 53   TYR A CE1 1 
ATOM   443  C  CE2 . TYR A 1 53  ? 8.107   8.476   -0.919  1.00 42.19 ? 53   TYR A CE2 1 
ATOM   444  C  CZ  . TYR A 1 53  ? 6.909   7.843   -0.618  1.00 42.93 ? 53   TYR A CZ  1 
ATOM   445  O  OH  . TYR A 1 53  ? 5.909   8.531   0.034   1.00 46.14 ? 53   TYR A OH  1 
ATOM   446  N  N   . ILE A 1 54  ? 8.265   6.937   -5.489  1.00 23.56 ? 54   ILE A N   1 
ATOM   447  C  CA  . ILE A 1 54  ? 8.021   8.138   -6.265  1.00 23.94 ? 54   ILE A CA  1 
ATOM   448  C  C   . ILE A 1 54  ? 7.226   9.174   -5.490  1.00 25.42 ? 54   ILE A C   1 
ATOM   449  O  O   . ILE A 1 54  ? 6.222   8.855   -4.859  1.00 27.54 ? 54   ILE A O   1 
ATOM   450  C  CB  . ILE A 1 54  ? 7.260   7.796   -7.552  1.00 22.81 ? 54   ILE A CB  1 
ATOM   451  C  CG1 . ILE A 1 54  ? 8.054   6.763   -8.354  1.00 22.81 ? 54   ILE A CG1 1 
ATOM   452  C  CG2 . ILE A 1 54  ? 7.019   9.058   -8.374  1.00 20.92 ? 54   ILE A CG2 1 
ATOM   453  C  CD1 . ILE A 1 54  ? 7.350   6.298   -9.600  1.00 22.05 ? 54   ILE A CD1 1 
ATOM   454  N  N   . ASN A 1 55  ? 7.687   10.417  -5.553  1.00 27.61 ? 55   ASN A N   1 
ATOM   455  C  CA  . ASN A 1 55  ? 7.025   11.518  -4.875  1.00 28.95 ? 55   ASN A CA  1 
ATOM   456  C  C   . ASN A 1 55  ? 5.710   11.848  -5.585  1.00 27.78 ? 55   ASN A C   1 
ATOM   457  O  O   . ASN A 1 55  ? 5.707   12.334  -6.715  1.00 25.12 ? 55   ASN A O   1 
ATOM   458  C  CB  . ASN A 1 55  ? 7.940   12.740  -4.859  1.00 30.46 ? 55   ASN A CB  1 
ATOM   459  C  CG  . ASN A 1 55  ? 7.253   13.972  -4.316  1.00 32.01 ? 55   ASN A CG  1 
ATOM   460  O  OD1 . ASN A 1 55  ? 6.534   13.903  -3.322  1.00 34.61 ? 55   ASN A OD1 1 
ATOM   461  N  ND2 . ASN A 1 55  ? 7.477   15.108  -4.962  1.00 34.53 ? 55   ASN A ND2 1 
ATOM   462  N  N   . PRO A 1 56  ? 4.573   11.582  -4.923  1.00 30.13 ? 56   PRO A N   1 
ATOM   463  C  CA  . PRO A 1 56  ? 3.237   11.840  -5.472  1.00 29.42 ? 56   PRO A CA  1 
ATOM   464  C  C   . PRO A 1 56  ? 3.059   13.250  -6.027  1.00 28.74 ? 56   PRO A C   1 
ATOM   465  O  O   . PRO A 1 56  ? 2.368   13.450  -7.026  1.00 27.19 ? 56   PRO A O   1 
ATOM   466  C  CB  . PRO A 1 56  ? 2.323   11.565  -4.281  1.00 31.51 ? 56   PRO A CB  1 
ATOM   467  C  CG  . PRO A 1 56  ? 3.049   10.468  -3.566  1.00 33.12 ? 56   PRO A CG  1 
ATOM   468  C  CD  . PRO A 1 56  ? 4.472   10.982  -3.581  1.00 32.06 ? 56   PRO A CD  1 
ATOM   469  N  N   . ALA A 1 57  ? 3.689   14.224  -5.378  1.00 29.67 ? 57   ALA A N   1 
ATOM   470  C  CA  . ALA A 1 57  ? 3.588   15.610  -5.814  1.00 29.92 ? 57   ALA A CA  1 
ATOM   471  C  C   . ALA A 1 57  ? 4.203   15.777  -7.194  1.00 29.49 ? 57   ALA A C   1 
ATOM   472  O  O   . ALA A 1 57  ? 3.706   16.548  -8.015  1.00 27.25 ? 57   ALA A O   1 
ATOM   473  C  CB  . ALA A 1 57  ? 4.283   16.528  -4.820  1.00 31.34 ? 57   ALA A CB  1 
ATOM   474  N  N   . SER A 1 58  ? 5.284   15.046  -7.447  1.00 27.94 ? 58   SER A N   1 
ATOM   475  C  CA  . SER A 1 58  ? 5.967   15.115  -8.732  1.00 27.20 ? 58   SER A CA  1 
ATOM   476  C  C   . SER A 1 58  ? 5.036   14.718  -9.862  1.00 25.45 ? 58   SER A C   1 
ATOM   477  O  O   . SER A 1 58  ? 5.257   15.081  -11.017 1.00 25.19 ? 58   SER A O   1 
ATOM   478  C  CB  . SER A 1 58  ? 7.194   14.201  -8.738  1.00 28.79 ? 58   SER A CB  1 
ATOM   479  O  OG  . SER A 1 58  ? 8.181   14.678  -7.843  1.00 30.93 ? 58   SER A OG  1 
ATOM   480  N  N   . LEU A 1 59  ? 3.998   13.960  -9.521  1.00 22.07 ? 59   LEU A N   1 
ATOM   481  C  CA  . LEU A 1 59  ? 3.025   13.510  -10.500 1.00 22.09 ? 59   LEU A CA  1 
ATOM   482  C  C   . LEU A 1 59  ? 1.739   14.309  -10.345 1.00 21.98 ? 59   LEU A C   1 
ATOM   483  O  O   . LEU A 1 59  ? 0.702   13.943  -10.892 1.00 22.68 ? 59   LEU A O   1 
ATOM   484  C  CB  . LEU A 1 59  ? 2.749   12.015  -10.316 1.00 23.82 ? 59   LEU A CB  1 
ATOM   485  C  CG  . LEU A 1 59  ? 3.954   11.105  -10.577 1.00 23.76 ? 59   LEU A CG  1 
ATOM   486  C  CD1 . LEU A 1 59  ? 3.693   9.711   -10.040 1.00 26.19 ? 59   LEU A CD1 1 
ATOM   487  C  CD2 . LEU A 1 59  ? 4.234   11.071  -12.069 1.00 26.20 ? 59   LEU A CD2 1 
ATOM   488  N  N   . ASN A 1 60  ? 1.822   15.396  -9.583  1.00 22.81 ? 60   ASN A N   1 
ATOM   489  C  CA  . ASN A 1 60  ? 0.686   16.283  -9.345  1.00 22.44 ? 60   ASN A CA  1 
ATOM   490  C  C   . ASN A 1 60  ? -0.511  15.594  -8.690  1.00 21.53 ? 60   ASN A C   1 
ATOM   491  O  O   . ASN A 1 60  ? -1.656  15.989  -8.906  1.00 21.42 ? 60   ASN A O   1 
ATOM   492  C  CB  . ASN A 1 60  ? 0.257   16.935  -10.662 1.00 24.98 ? 60   ASN A CB  1 
ATOM   493  C  CG  . ASN A 1 60  ? 1.328   17.850  -11.230 1.00 28.28 ? 60   ASN A CG  1 
ATOM   494  O  OD1 . ASN A 1 60  ? 1.597   17.839  -12.429 1.00 31.37 ? 60   ASN A OD1 1 
ATOM   495  N  ND2 . ASN A 1 60  ? 1.942   18.654  -10.367 1.00 27.94 ? 60   ASN A ND2 1 
ATOM   496  N  N   . LEU A 1 61  ? -0.247  14.559  -7.898  1.00 19.83 ? 61   LEU A N   1 
ATOM   497  C  CA  . LEU A 1 61  ? -1.319  13.848  -7.204  1.00 20.49 ? 61   LEU A CA  1 
ATOM   498  C  C   . LEU A 1 61  ? -1.646  14.706  -5.983  1.00 21.79 ? 61   LEU A C   1 
ATOM   499  O  O   . LEU A 1 61  ? -1.142  14.479  -4.883  1.00 22.84 ? 61   LEU A O   1 
ATOM   500  C  CB  . LEU A 1 61  ? -0.841  12.451  -6.795  1.00 19.65 ? 61   LEU A CB  1 
ATOM   501  C  CG  . LEU A 1 61  ? -0.538  11.560  -8.006  1.00 20.23 ? 61   LEU A CG  1 
ATOM   502  C  CD1 . LEU A 1 61  ? 0.142   10.263  -7.565  1.00 20.59 ? 61   LEU A CD1 1 
ATOM   503  C  CD2 . LEU A 1 61  ? -1.837  11.273  -8.752  1.00 18.32 ? 61   LEU A CD2 1 
ATOM   504  N  N   . ASP A 1 62  ? -2.490  15.706  -6.211  1.00 21.40 ? 62   ASP A N   1 
ATOM   505  C  CA  . ASP A 1 62  ? -2.867  16.671  -5.190  1.00 24.11 ? 62   ASP A CA  1 
ATOM   506  C  C   . ASP A 1 62  ? -4.174  16.371  -4.463  1.00 22.98 ? 62   ASP A C   1 
ATOM   507  O  O   . ASP A 1 62  ? -4.422  16.913  -3.384  1.00 23.51 ? 62   ASP A O   1 
ATOM   508  C  CB  . ASP A 1 62  ? -2.958  18.056  -5.835  1.00 26.58 ? 62   ASP A CB  1 
ATOM   509  C  CG  . ASP A 1 62  ? -2.952  19.175  -4.818  1.00 31.86 ? 62   ASP A CG  1 
ATOM   510  O  OD1 . ASP A 1 62  ? -3.818  20.065  -4.916  1.00 37.16 ? 62   ASP A OD1 1 
ATOM   511  O  OD2 . ASP A 1 62  ? -2.077  19.167  -3.928  1.00 36.53 ? 62   ASP A OD2 1 
ATOM   512  N  N   . TYR A 1 63  ? -5.007  15.518  -5.049  1.00 20.49 ? 63   TYR A N   1 
ATOM   513  C  CA  . TYR A 1 63  ? -6.295  15.183  -4.449  1.00 17.85 ? 63   TYR A CA  1 
ATOM   514  C  C   . TYR A 1 63  ? -6.235  13.784  -3.847  1.00 16.84 ? 63   TYR A C   1 
ATOM   515  O  O   . TYR A 1 63  ? -6.443  12.784  -4.538  1.00 13.88 ? 63   TYR A O   1 
ATOM   516  C  CB  . TYR A 1 63  ? -7.398  15.261  -5.504  1.00 17.38 ? 63   TYR A CB  1 
ATOM   517  C  CG  . TYR A 1 63  ? -8.671  15.906  -5.002  1.00 16.51 ? 63   TYR A CG  1 
ATOM   518  C  CD1 . TYR A 1 63  ? -8.745  17.288  -4.814  1.00 16.27 ? 63   TYR A CD1 1 
ATOM   519  C  CD2 . TYR A 1 63  ? -9.791  15.136  -4.693  1.00 17.58 ? 63   TYR A CD2 1 
ATOM   520  C  CE1 . TYR A 1 63  ? -9.908  17.888  -4.332  1.00 16.54 ? 63   TYR A CE1 1 
ATOM   521  C  CE2 . TYR A 1 63  ? -10.961 15.724  -4.209  1.00 18.83 ? 63   TYR A CE2 1 
ATOM   522  C  CZ  . TYR A 1 63  ? -11.011 17.102  -4.033  1.00 18.72 ? 63   TYR A CZ  1 
ATOM   523  O  OH  . TYR A 1 63  ? -12.166 17.692  -3.580  1.00 19.76 ? 63   TYR A OH  1 
ATOM   524  N  N   . ILE A 1 64  ? -5.945  13.737  -2.552  1.00 15.52 ? 64   ILE A N   1 
ATOM   525  C  CA  . ILE A 1 64  ? -5.805  12.490  -1.810  1.00 15.42 ? 64   ILE A CA  1 
ATOM   526  C  C   . ILE A 1 64  ? -7.053  12.258  -0.970  1.00 13.82 ? 64   ILE A C   1 
ATOM   527  O  O   . ILE A 1 64  ? -7.494  13.147  -0.235  1.00 15.08 ? 64   ILE A O   1 
ATOM   528  C  CB  . ILE A 1 64  ? -4.562  12.561  -0.897  1.00 14.55 ? 64   ILE A CB  1 
ATOM   529  C  CG1 . ILE A 1 64  ? -3.357  13.052  -1.709  1.00 17.27 ? 64   ILE A CG1 1 
ATOM   530  C  CG2 . ILE A 1 64  ? -4.264  11.193  -0.297  1.00 13.55 ? 64   ILE A CG2 1 
ATOM   531  C  CD1 . ILE A 1 64  ? -3.083  12.245  -2.972  1.00 17.10 ? 64   ILE A CD1 1 
ATOM   532  N  N   . VAL A 1 65  ? -7.620  11.062  -1.080  1.00 13.59 ? 65   VAL A N   1 
ATOM   533  C  CA  . VAL A 1 65  ? -8.847  10.747  -0.359  1.00 12.60 ? 65   VAL A CA  1 
ATOM   534  C  C   . VAL A 1 65  ? -8.861  9.382   0.313   1.00 12.95 ? 65   VAL A C   1 
ATOM   535  O  O   . VAL A 1 65  ? -8.195  8.440   -0.134  1.00 13.27 ? 65   VAL A O   1 
ATOM   536  C  CB  . VAL A 1 65  ? -10.070 10.806  -1.308  1.00 14.53 ? 65   VAL A CB  1 
ATOM   537  C  CG1 . VAL A 1 65  ? -10.326 12.238  -1.747  1.00 16.78 ? 65   VAL A CG1 1 
ATOM   538  C  CG2 . VAL A 1 65  ? -9.816  9.932   -2.533  1.00 15.73 ? 65   VAL A CG2 1 
ATOM   539  N  N   . ILE A 1 66  ? -9.630  9.303   1.395   1.00 11.11 ? 66   ILE A N   1 
ATOM   540  C  CA  . ILE A 1 66  ? -9.824  8.077   2.164   1.00 11.53 ? 66   ILE A CA  1 
ATOM   541  C  C   . ILE A 1 66  ? -11.341 7.953   2.275   1.00 13.07 ? 66   ILE A C   1 
ATOM   542  O  O   . ILE A 1 66  ? -11.988 8.805   2.880   1.00 12.45 ? 66   ILE A O   1 
ATOM   543  C  CB  . ILE A 1 66  ? -9.218  8.191   3.571   1.00 11.93 ? 66   ILE A CB  1 
ATOM   544  C  CG1 . ILE A 1 66  ? -7.695  8.367   3.466   1.00 13.05 ? 66   ILE A CG1 1 
ATOM   545  C  CG2 . ILE A 1 66  ? -9.587  6.958   4.392   1.00 11.95 ? 66   ILE A CG2 1 
ATOM   546  C  CD1 . ILE A 1 66  ? -6.995  8.621   4.808   1.00 13.75 ? 66   ILE A CD1 1 
ATOM   547  N  N   . THR A 1 67  ? -11.905 6.901   1.691   1.00 12.32 ? 67   THR A N   1 
ATOM   548  C  CA  . THR A 1 67  ? -13.354 6.739   1.697   1.00 11.99 ? 67   THR A CA  1 
ATOM   549  C  C   . THR A 1 67  ? -13.873 5.482   2.378   1.00 12.41 ? 67   THR A C   1 
ATOM   550  O  O   . THR A 1 67  ? -13.358 4.384   2.159   1.00 12.65 ? 67   THR A O   1 
ATOM   551  C  CB  . THR A 1 67  ? -13.911 6.745   0.248   1.00 12.72 ? 67   THR A CB  1 
ATOM   552  O  OG1 . THR A 1 67  ? -13.529 7.953   -0.419  1.00 13.58 ? 67   THR A OG1 1 
ATOM   553  C  CG2 . THR A 1 67  ? -15.427 6.640   0.257   1.00 12.31 ? 67   THR A CG2 1 
ATOM   554  N  N   . SER A 1 68  ? -14.907 5.656   3.193   1.00 10.70 ? 68   SER A N   1 
ATOM   555  C  CA  . SER A 1 68  ? -15.547 4.537   3.871   1.00 12.70 ? 68   SER A CA  1 
ATOM   556  C  C   . SER A 1 68  ? -16.732 4.137   3.003   1.00 12.55 ? 68   SER A C   1 
ATOM   557  O  O   . SER A 1 68  ? -17.537 4.985   2.612   1.00 14.03 ? 68   SER A O   1 
ATOM   558  C  CB  . SER A 1 68  ? -16.039 4.951   5.258   1.00 13.00 ? 68   SER A CB  1 
ATOM   559  O  OG  . SER A 1 68  ? -14.955 5.028   6.167   1.00 15.86 ? 68   SER A OG  1 
ATOM   560  N  N   . VAL A 1 69  ? -16.829 2.853   2.686   1.00 12.09 ? 69   VAL A N   1 
ATOM   561  C  CA  . VAL A 1 69  ? -17.919 2.373   1.854   1.00 12.93 ? 69   VAL A CA  1 
ATOM   562  C  C   . VAL A 1 69  ? -18.641 1.234   2.552   1.00 12.85 ? 69   VAL A C   1 
ATOM   563  O  O   . VAL A 1 69  ? -18.039 0.217   2.891   1.00 14.72 ? 69   VAL A O   1 
ATOM   564  C  CB  . VAL A 1 69  ? -17.408 1.870   0.488   1.00 12.00 ? 69   VAL A CB  1 
ATOM   565  C  CG1 . VAL A 1 69  ? -18.592 1.436   -0.382  1.00 11.52 ? 69   VAL A CG1 1 
ATOM   566  C  CG2 . VAL A 1 69  ? -16.601 2.964   -0.208  1.00 12.35 ? 69   VAL A CG2 1 
ATOM   567  N  N   . LYS A 1 70  ? -19.934 1.417   2.779   1.00 14.42 ? 70   LYS A N   1 
ATOM   568  C  CA  . LYS A 1 70  ? -20.733 0.395   3.435   1.00 14.81 ? 70   LYS A CA  1 
ATOM   569  C  C   . LYS A 1 70  ? -21.441 -0.419  2.377   1.00 16.20 ? 70   LYS A C   1 
ATOM   570  O  O   . LYS A 1 70  ? -21.932 0.127   1.388   1.00 16.58 ? 70   LYS A O   1 
ATOM   571  C  CB  . LYS A 1 70  ? -21.745 1.034   4.384   1.00 15.28 ? 70   LYS A CB  1 
ATOM   572  C  CG  . LYS A 1 70  ? -21.085 1.695   5.588   1.00 19.41 ? 70   LYS A CG  1 
ATOM   573  C  CD  . LYS A 1 70  ? -22.096 2.247   6.575   1.00 24.58 ? 70   LYS A CD  1 
ATOM   574  C  CE  . LYS A 1 70  ? -21.433 2.520   7.917   1.00 27.51 ? 70   LYS A CE  1 
ATOM   575  N  NZ  . LYS A 1 70  ? -20.130 3.222   7.742   1.00 34.35 ? 70   LYS A NZ  1 
ATOM   576  N  N   . ALA A 1 71  ? -21.491 -1.728  2.592   1.00 16.30 ? 71   ALA A N   1 
ATOM   577  C  CA  . ALA A 1 71  ? -22.121 -2.631  1.639   1.00 16.36 ? 71   ALA A CA  1 
ATOM   578  C  C   . ALA A 1 71  ? -23.454 -3.171  2.131   1.00 17.31 ? 71   ALA A C   1 
ATOM   579  O  O   . ALA A 1 71  ? -23.698 -3.269  3.333   1.00 15.01 ? 71   ALA A O   1 
ATOM   580  C  CB  . ALA A 1 71  ? -21.178 -3.790  1.335   1.00 15.80 ? 71   ALA A CB  1 
ATOM   581  N  N   . LYS A 1 72  ? -24.314 -3.511  1.179   1.00 17.53 ? 72   LYS A N   1 
ATOM   582  C  CA  . LYS A 1 72  ? -25.617 -4.079  1.477   1.00 19.00 ? 72   LYS A CA  1 
ATOM   583  C  C   . LYS A 1 72  ? -25.333 -5.496  1.953   1.00 16.38 ? 72   LYS A C   1 
ATOM   584  O  O   . LYS A 1 72  ? -24.356 -6.109  1.531   1.00 17.14 ? 72   LYS A O   1 
ATOM   585  C  CB  . LYS A 1 72  ? -26.467 -4.109  0.203   1.00 21.32 ? 72   LYS A CB  1 
ATOM   586  C  CG  . LYS A 1 72  ? -27.831 -4.758  0.347   1.00 28.22 ? 72   LYS A CG  1 
ATOM   587  C  CD  . LYS A 1 72  ? -28.584 -4.709  -0.980  1.00 33.68 ? 72   LYS A CD  1 
ATOM   588  C  CE  . LYS A 1 72  ? -29.961 -5.356  -0.871  1.00 37.05 ? 72   LYS A CE  1 
ATOM   589  N  NZ  . LYS A 1 72  ? -29.872 -6.797  -0.503  1.00 40.37 ? 72   LYS A NZ  1 
ATOM   590  N  N   . TYR A 1 73  ? -26.174 -6.012  2.838   1.00 16.37 ? 73   TYR A N   1 
ATOM   591  C  CA  . TYR A 1 73  ? -25.994 -7.362  3.349   1.00 15.98 ? 73   TYR A CA  1 
ATOM   592  C  C   . TYR A 1 73  ? -26.718 -8.377  2.473   1.00 18.23 ? 73   TYR A C   1 
ATOM   593  O  O   . TYR A 1 73  ? -27.639 -8.027  1.743   1.00 17.79 ? 73   TYR A O   1 
ATOM   594  C  CB  . TYR A 1 73  ? -26.491 -7.447  4.798   1.00 14.91 ? 73   TYR A CB  1 
ATOM   595  C  CG  . TYR A 1 73  ? -25.515 -6.833  5.777   1.00 17.05 ? 73   TYR A CG  1 
ATOM   596  C  CD1 . TYR A 1 73  ? -25.337 -5.450  5.840   1.00 18.80 ? 73   TYR A CD1 1 
ATOM   597  C  CD2 . TYR A 1 73  ? -24.699 -7.639  6.569   1.00 16.53 ? 73   TYR A CD2 1 
ATOM   598  C  CE1 . TYR A 1 73  ? -24.361 -4.885  6.666   1.00 18.85 ? 73   TYR A CE1 1 
ATOM   599  C  CE2 . TYR A 1 73  ? -23.715 -7.085  7.394   1.00 17.70 ? 73   TYR A CE2 1 
ATOM   600  C  CZ  . TYR A 1 73  ? -23.555 -5.710  7.433   1.00 18.18 ? 73   TYR A CZ  1 
ATOM   601  O  OH  . TYR A 1 73  ? -22.581 -5.168  8.239   1.00 22.51 ? 73   TYR A OH  1 
ATOM   602  N  N   . GLY A 1 74  ? -26.281 -9.629  2.536   1.00 18.82 ? 74   GLY A N   1 
ATOM   603  C  CA  . GLY A 1 74  ? -26.909 -10.669 1.747   1.00 21.61 ? 74   GLY A CA  1 
ATOM   604  C  C   . GLY A 1 74  ? -26.060 -11.110 0.572   1.00 22.77 ? 74   GLY A C   1 
ATOM   605  O  O   . GLY A 1 74  ? -25.100 -10.432 0.192   1.00 19.57 ? 74   GLY A O   1 
ATOM   606  N  N   . LYS A 1 75  ? -26.421 -12.255 -0.005  1.00 23.34 ? 75   LYS A N   1 
ATOM   607  C  CA  . LYS A 1 75  ? -25.705 -12.808 -1.149  1.00 23.75 ? 75   LYS A CA  1 
ATOM   608  C  C   . LYS A 1 75  ? -24.196 -12.745 -0.941  1.00 21.84 ? 75   LYS A C   1 
ATOM   609  O  O   . LYS A 1 75  ? -23.686 -13.210 0.077   1.00 22.87 ? 75   LYS A O   1 
ATOM   610  C  CB  . LYS A 1 75  ? -26.091 -12.055 -2.425  1.00 25.66 ? 75   LYS A CB  1 
ATOM   611  C  CG  . LYS A 1 75  ? -27.574 -12.148 -2.774  1.00 33.24 ? 75   LYS A CG  1 
ATOM   612  C  CD  . LYS A 1 75  ? -27.864 -11.532 -4.138  1.00 35.45 ? 75   LYS A CD  1 
ATOM   613  C  CE  . LYS A 1 75  ? -29.360 -11.478 -4.424  1.00 39.17 ? 75   LYS A CE  1 
ATOM   614  N  NZ  . LYS A 1 75  ? -29.990 -12.829 -4.433  1.00 41.38 ? 75   LYS A NZ  1 
ATOM   615  N  N   . ASN A 1 76  ? -23.485 -12.174 -1.908  1.00 20.68 ? 76   ASN A N   1 
ATOM   616  C  CA  . ASN A 1 76  ? -22.032 -12.050 -1.816  1.00 21.40 ? 76   ASN A CA  1 
ATOM   617  C  C   . ASN A 1 76  ? -21.659 -10.588 -2.077  1.00 19.75 ? 76   ASN A C   1 
ATOM   618  O  O   . ASN A 1 76  ? -20.574 -10.289 -2.580  1.00 18.15 ? 76   ASN A O   1 
ATOM   619  C  CB  . ASN A 1 76  ? -21.360 -12.943 -2.865  1.00 24.32 ? 76   ASN A CB  1 
ATOM   620  C  CG  . ASN A 1 76  ? -19.913 -13.254 -2.531  1.00 28.46 ? 76   ASN A CG  1 
ATOM   621  O  OD1 . ASN A 1 76  ? -19.157 -13.732 -3.380  1.00 31.28 ? 76   ASN A OD1 1 
ATOM   622  N  ND2 . ASN A 1 76  ? -19.524 -12.999 -1.286  1.00 29.10 ? 76   ASN A ND2 1 
ATOM   623  N  N   . TYR A 1 77  ? -22.571 -9.685  -1.732  1.00 19.50 ? 77   TYR A N   1 
ATOM   624  C  CA  . TYR A 1 77  ? -22.371 -8.255  -1.954  1.00 19.24 ? 77   TYR A CA  1 
ATOM   625  C  C   . TYR A 1 77  ? -21.066 -7.716  -1.379  1.00 19.29 ? 77   TYR A C   1 
ATOM   626  O  O   . TYR A 1 77  ? -20.333 -6.999  -2.059  1.00 18.86 ? 77   TYR A O   1 
ATOM   627  C  CB  . TYR A 1 77  ? -23.540 -7.468  -1.369  1.00 20.81 ? 77   TYR A CB  1 
ATOM   628  C  CG  . TYR A 1 77  ? -24.887 -7.763  -1.996  1.00 24.51 ? 77   TYR A CG  1 
ATOM   629  C  CD1 . TYR A 1 77  ? -26.043 -7.753  -1.221  1.00 23.73 ? 77   TYR A CD1 1 
ATOM   630  C  CD2 . TYR A 1 77  ? -25.012 -8.022  -3.364  1.00 24.68 ? 77   TYR A CD2 1 
ATOM   631  C  CE1 . TYR A 1 77  ? -27.292 -7.988  -1.783  1.00 27.57 ? 77   TYR A CE1 1 
ATOM   632  C  CE2 . TYR A 1 77  ? -26.262 -8.257  -3.940  1.00 28.20 ? 77   TYR A CE2 1 
ATOM   633  C  CZ  . TYR A 1 77  ? -27.397 -8.237  -3.141  1.00 27.21 ? 77   TYR A CZ  1 
ATOM   634  O  OH  . TYR A 1 77  ? -28.639 -8.452  -3.687  1.00 30.90 ? 77   TYR A OH  1 
ATOM   635  N  N   . HIS A 1 78  ? -20.782 -8.055  -0.126  1.00 18.15 ? 78   HIS A N   1 
ATOM   636  C  CA  . HIS A 1 78  ? -19.565 -7.578  0.513   1.00 20.08 ? 78   HIS A CA  1 
ATOM   637  C  C   . HIS A 1 78  ? -18.288 -7.934  -0.239  1.00 20.06 ? 78   HIS A C   1 
ATOM   638  O  O   . HIS A 1 78  ? -17.573 -7.044  -0.688  1.00 21.19 ? 78   HIS A O   1 
ATOM   639  C  CB  . HIS A 1 78  ? -19.490 -8.069  1.962   1.00 17.83 ? 78   HIS A CB  1 
ATOM   640  C  CG  . HIS A 1 78  ? -20.309 -7.247  2.914   1.00 18.03 ? 78   HIS A CG  1 
ATOM   641  N  ND1 . HIS A 1 78  ? -21.684 -7.267  2.924   1.00 15.42 ? 78   HIS A ND1 1 
ATOM   642  C  CD2 . HIS A 1 78  ? -19.936 -6.340  3.850   1.00 15.77 ? 78   HIS A CD2 1 
ATOM   643  C  CE1 . HIS A 1 78  ? -22.129 -6.405  3.826   1.00 20.06 ? 78   HIS A CE1 1 
ATOM   644  N  NE2 . HIS A 1 78  ? -21.088 -5.831  4.399   1.00 15.69 ? 78   HIS A NE2 1 
ATOM   645  N  N   . VAL A 1 79  ? -18.000 -9.221  -0.397  1.00 23.23 ? 79   VAL A N   1 
ATOM   646  C  CA  . VAL A 1 79  ? -16.787 -9.625  -1.106  1.00 25.15 ? 79   VAL A CA  1 
ATOM   647  C  C   . VAL A 1 79  ? -16.705 -9.022  -2.503  1.00 25.73 ? 79   VAL A C   1 
ATOM   648  O  O   . VAL A 1 79  ? -15.645 -8.558  -2.930  1.00 26.11 ? 79   VAL A O   1 
ATOM   649  C  CB  . VAL A 1 79  ? -16.688 -11.156 -1.228  1.00 26.46 ? 79   VAL A CB  1 
ATOM   650  C  CG1 . VAL A 1 79  ? -15.512 -11.532 -2.124  1.00 28.14 ? 79   VAL A CG1 1 
ATOM   651  C  CG2 . VAL A 1 79  ? -16.504 -11.770 0.147   1.00 27.97 ? 79   VAL A CG2 1 
ATOM   652  N  N   . GLU A 1 80  ? -17.827 -9.026  -3.214  1.00 25.21 ? 80   GLU A N   1 
ATOM   653  C  CA  . GLU A 1 80  ? -17.868 -8.479  -4.562  1.00 26.36 ? 80   GLU A CA  1 
ATOM   654  C  C   . GLU A 1 80  ? -17.532 -6.990  -4.586  1.00 25.20 ? 80   GLU A C   1 
ATOM   655  O  O   . GLU A 1 80  ? -16.745 -6.540  -5.420  1.00 23.34 ? 80   GLU A O   1 
ATOM   656  C  CB  . GLU A 1 80  ? -19.244 -8.710  -5.179  1.00 28.72 ? 80   GLU A CB  1 
ATOM   657  C  CG  . GLU A 1 80  ? -19.564 -10.173 -5.439  1.00 35.14 ? 80   GLU A CG  1 
ATOM   658  C  CD  . GLU A 1 80  ? -20.970 -10.376 -5.970  1.00 37.73 ? 80   GLU A CD  1 
ATOM   659  O  OE1 . GLU A 1 80  ? -21.301 -11.525 -6.333  1.00 41.31 ? 80   GLU A OE1 1 
ATOM   660  O  OE2 . GLU A 1 80  ? -21.744 -9.393  -6.020  1.00 40.19 ? 80   GLU A OE2 1 
ATOM   661  N  N   . LEU A 1 81  ? -18.127 -6.229  -3.673  1.00 22.19 ? 81   LEU A N   1 
ATOM   662  C  CA  . LEU A 1 81  ? -17.872 -4.795  -3.624  1.00 20.68 ? 81   LEU A CA  1 
ATOM   663  C  C   . LEU A 1 81  ? -16.389 -4.520  -3.403  1.00 20.71 ? 81   LEU A C   1 
ATOM   664  O  O   . LEU A 1 81  ? -15.812 -3.635  -4.041  1.00 20.77 ? 81   LEU A O   1 
ATOM   665  C  CB  . LEU A 1 81  ? -18.700 -4.137  -2.512  1.00 18.42 ? 81   LEU A CB  1 
ATOM   666  C  CG  . LEU A 1 81  ? -18.521 -2.619  -2.351  1.00 18.67 ? 81   LEU A CG  1 
ATOM   667  C  CD1 . LEU A 1 81  ? -18.855 -1.915  -3.656  1.00 16.82 ? 81   LEU A CD1 1 
ATOM   668  C  CD2 . LEU A 1 81  ? -19.421 -2.105  -1.233  1.00 17.08 ? 81   LEU A CD2 1 
ATOM   669  N  N   . GLY A 1 82  ? -15.772 -5.282  -2.508  1.00 21.36 ? 82   GLY A N   1 
ATOM   670  C  CA  . GLY A 1 82  ? -14.357 -5.095  -2.234  1.00 20.63 ? 82   GLY A CA  1 
ATOM   671  C  C   . GLY A 1 82  ? -13.517 -5.178  -3.495  1.00 22.06 ? 82   GLY A C   1 
ATOM   672  O  O   . GLY A 1 82  ? -12.601 -4.385  -3.701  1.00 17.58 ? 82   GLY A O   1 
ATOM   673  N  N   . ASN A 1 83  ? -13.838 -6.147  -4.345  1.00 21.38 ? 83   ASN A N   1 
ATOM   674  C  CA  . ASN A 1 83  ? -13.116 -6.351  -5.593  1.00 22.89 ? 83   ASN A CA  1 
ATOM   675  C  C   . ASN A 1 83  ? -13.333 -5.204  -6.578  1.00 20.60 ? 83   ASN A C   1 
ATOM   676  O  O   . ASN A 1 83  ? -12.398 -4.776  -7.250  1.00 22.51 ? 83   ASN A O   1 
ATOM   677  C  CB  . ASN A 1 83  ? -13.552 -7.678  -6.219  1.00 25.11 ? 83   ASN A CB  1 
ATOM   678  C  CG  . ASN A 1 83  ? -13.134 -8.874  -5.386  1.00 28.43 ? 83   ASN A CG  1 
ATOM   679  O  OD1 . ASN A 1 83  ? -13.699 -9.962  -5.508  1.00 29.96 ? 83   ASN A OD1 1 
ATOM   680  N  ND2 . ASN A 1 83  ? -12.128 -8.681  -4.539  1.00 27.68 ? 83   ASN A ND2 1 
ATOM   681  N  N   . LYS A 1 84  ? -14.562 -4.707  -6.656  1.00 19.55 ? 84   LYS A N   1 
ATOM   682  C  CA  . LYS A 1 84  ? -14.879 -3.611  -7.563  1.00 19.74 ? 84   LYS A CA  1 
ATOM   683  C  C   . LYS A 1 84  ? -14.142 -2.343  -7.152  1.00 18.60 ? 84   LYS A C   1 
ATOM   684  O  O   . LYS A 1 84  ? -13.694 -1.569  -7.999  1.00 17.01 ? 84   LYS A O   1 
ATOM   685  C  CB  . LYS A 1 84  ? -16.385 -3.359  -7.574  1.00 20.12 ? 84   LYS A CB  1 
ATOM   686  C  CG  . LYS A 1 84  ? -17.188 -4.575  -8.022  1.00 23.43 ? 84   LYS A CG  1 
ATOM   687  C  CD  . LYS A 1 84  ? -18.678 -4.289  -8.053  1.00 23.07 ? 84   LYS A CD  1 
ATOM   688  C  CE  . LYS A 1 84  ? -19.462 -5.528  -8.470  1.00 22.89 ? 84   LYS A CE  1 
ATOM   689  N  NZ  . LYS A 1 84  ? -20.930 -5.279  -8.476  1.00 22.25 ? 84   LYS A NZ  1 
ATOM   690  N  N   . LEU A 1 85  ? -14.012 -2.143  -5.848  1.00 16.66 ? 85   LEU A N   1 
ATOM   691  C  CA  . LEU A 1 85  ? -13.324 -0.971  -5.322  1.00 15.92 ? 85   LEU A CA  1 
ATOM   692  C  C   . LEU A 1 85  ? -11.835 -1.015  -5.656  1.00 15.89 ? 85   LEU A C   1 
ATOM   693  O  O   . LEU A 1 85  ? -11.258 -0.022  -6.100  1.00 17.31 ? 85   LEU A O   1 
ATOM   694  C  CB  . LEU A 1 85  ? -13.529 -0.893  -3.800  1.00 15.37 ? 85   LEU A CB  1 
ATOM   695  C  CG  . LEU A 1 85  ? -14.960 -0.592  -3.335  1.00 11.82 ? 85   LEU A CG  1 
ATOM   696  C  CD1 . LEU A 1 85  ? -15.046 -0.671  -1.799  1.00 13.95 ? 85   LEU A CD1 1 
ATOM   697  C  CD2 . LEU A 1 85  ? -15.370 0.797   -3.824  1.00 15.17 ? 85   LEU A CD2 1 
ATOM   698  N  N   . ALA A 1 86  ? -11.221 -2.176  -5.469  1.00 17.66 ? 86   ALA A N   1 
ATOM   699  C  CA  . ALA A 1 86  ? -9.796  -2.335  -5.730  1.00 20.35 ? 86   ALA A CA  1 
ATOM   700  C  C   . ALA A 1 86  ? -9.388  -2.187  -7.199  1.00 21.41 ? 86   ALA A C   1 
ATOM   701  O  O   . ALA A 1 86  ? -8.217  -1.966  -7.498  1.00 22.49 ? 86   ALA A O   1 
ATOM   702  C  CB  . ALA A 1 86  ? -9.327  -3.685  -5.198  1.00 20.83 ? 86   ALA A CB  1 
ATOM   703  N  N   . GLN A 1 87  ? -10.344 -2.296  -8.113  1.00 22.47 ? 87   GLN A N   1 
ATOM   704  C  CA  . GLN A 1 87  ? -10.031 -2.193  -9.537  1.00 24.73 ? 87   GLN A CA  1 
ATOM   705  C  C   . GLN A 1 87  ? -10.084 -0.769  -10.076 1.00 23.11 ? 87   GLN A C   1 
ATOM   706  O  O   . GLN A 1 87  ? -9.673  -0.513  -11.207 1.00 23.29 ? 87   GLN A O   1 
ATOM   707  C  CB  . GLN A 1 87  ? -10.985 -3.071  -10.349 1.00 28.83 ? 87   GLN A CB  1 
ATOM   708  C  CG  . GLN A 1 87  ? -11.064 -4.501  -9.858  1.00 35.42 ? 87   GLN A CG  1 
ATOM   709  C  CD  . GLN A 1 87  ? -11.968 -5.362  -10.713 1.00 38.90 ? 87   GLN A CD  1 
ATOM   710  O  OE1 . GLN A 1 87  ? -13.037 -4.922  -11.145 1.00 41.88 ? 87   GLN A OE1 1 
ATOM   711  N  NE2 . GLN A 1 87  ? -11.553 -6.604  -10.951 1.00 40.68 ? 87   GLN A NE2 1 
ATOM   712  N  N   . ILE A 1 88  ? -10.597 0.156   -9.274  1.00 21.21 ? 88   ILE A N   1 
ATOM   713  C  CA  . ILE A 1 88  ? -10.703 1.544   -9.698  1.00 19.25 ? 88   ILE A CA  1 
ATOM   714  C  C   . ILE A 1 88  ? -9.331  2.209   -9.808  1.00 18.32 ? 88   ILE A C   1 
ATOM   715  O  O   . ILE A 1 88  ? -8.540  2.174   -8.866  1.00 16.98 ? 88   ILE A O   1 
ATOM   716  C  CB  . ILE A 1 88  ? -11.567 2.361   -8.708  1.00 19.04 ? 88   ILE A CB  1 
ATOM   717  C  CG1 . ILE A 1 88  ? -12.974 1.771   -8.635  1.00 19.12 ? 88   ILE A CG1 1 
ATOM   718  C  CG2 . ILE A 1 88  ? -11.627 3.817   -9.148  1.00 21.17 ? 88   ILE A CG2 1 
ATOM   719  C  CD1 . ILE A 1 88  ? -13.841 2.371   -7.547  1.00 20.92 ? 88   ILE A CD1 1 
ATOM   720  N  N   . PRO A 1 89  ? -9.027  2.814   -10.971 1.00 18.02 ? 89   PRO A N   1 
ATOM   721  C  CA  . PRO A 1 89  ? -7.737  3.483   -11.158 1.00 18.78 ? 89   PRO A CA  1 
ATOM   722  C  C   . PRO A 1 89  ? -7.557  4.534   -10.065 1.00 16.82 ? 89   PRO A C   1 
ATOM   723  O  O   . PRO A 1 89  ? -8.497  5.268   -9.744  1.00 17.74 ? 89   PRO A O   1 
ATOM   724  C  CB  . PRO A 1 89  ? -7.874  4.120   -12.541 1.00 18.86 ? 89   PRO A CB  1 
ATOM   725  C  CG  . PRO A 1 89  ? -8.804  3.180   -13.257 1.00 21.52 ? 89   PRO A CG  1 
ATOM   726  C  CD  . PRO A 1 89  ? -9.846  2.895   -12.196 1.00 18.65 ? 89   PRO A CD  1 
ATOM   727  N  N   . GLY A 1 90  ? -6.363  4.599   -9.488  1.00 17.20 ? 90   GLY A N   1 
ATOM   728  C  CA  . GLY A 1 90  ? -6.118  5.574   -8.437  1.00 16.22 ? 90   GLY A CA  1 
ATOM   729  C  C   . GLY A 1 90  ? -6.224  4.981   -7.042  1.00 15.30 ? 90   GLY A C   1 
ATOM   730  O  O   . GLY A 1 90  ? -5.613  5.487   -6.101  1.00 15.11 ? 90   GLY A O   1 
ATOM   731  N  N   . VAL A 1 91  ? -7.001  3.909   -6.904  1.00 13.69 ? 91   VAL A N   1 
ATOM   732  C  CA  . VAL A 1 91  ? -7.167  3.238   -5.617  1.00 13.65 ? 91   VAL A CA  1 
ATOM   733  C  C   . VAL A 1 91  ? -5.960  2.343   -5.328  1.00 15.28 ? 91   VAL A C   1 
ATOM   734  O  O   . VAL A 1 91  ? -5.678  1.414   -6.085  1.00 14.06 ? 91   VAL A O   1 
ATOM   735  C  CB  . VAL A 1 91  ? -8.450  2.361   -5.608  1.00 15.05 ? 91   VAL A CB  1 
ATOM   736  C  CG1 . VAL A 1 91  ? -8.494  1.494   -4.341  1.00 13.53 ? 91   VAL A CG1 1 
ATOM   737  C  CG2 . VAL A 1 91  ? -9.678  3.245   -5.676  1.00 16.08 ? 91   VAL A CG2 1 
ATOM   738  N  N   . TRP A 1 92  ? -5.239  2.618   -4.241  1.00 11.99 ? 92   TRP A N   1 
ATOM   739  C  CA  . TRP A 1 92  ? -4.090  1.786   -3.915  1.00 14.52 ? 92   TRP A CA  1 
ATOM   740  C  C   . TRP A 1 92  ? -4.324  0.927   -2.681  1.00 15.67 ? 92   TRP A C   1 
ATOM   741  O  O   . TRP A 1 92  ? -3.628  -0.065  -2.470  1.00 16.22 ? 92   TRP A O   1 
ATOM   742  C  CB  . TRP A 1 92  ? -2.822  2.627   -3.723  1.00 13.60 ? 92   TRP A CB  1 
ATOM   743  C  CG  . TRP A 1 92  ? -2.885  3.662   -2.638  1.00 15.28 ? 92   TRP A CG  1 
ATOM   744  C  CD1 . TRP A 1 92  ? -3.158  4.992   -2.789  1.00 16.57 ? 92   TRP A CD1 1 
ATOM   745  C  CD2 . TRP A 1 92  ? -2.615  3.463   -1.241  1.00 16.84 ? 92   TRP A CD2 1 
ATOM   746  N  NE1 . TRP A 1 92  ? -3.064  5.637   -1.574  1.00 18.72 ? 92   TRP A NE1 1 
ATOM   747  C  CE2 . TRP A 1 92  ? -2.733  4.722   -0.609  1.00 16.76 ? 92   TRP A CE2 1 
ATOM   748  C  CE3 . TRP A 1 92  ? -2.281  2.345   -0.463  1.00 17.09 ? 92   TRP A CE3 1 
ATOM   749  C  CZ2 . TRP A 1 92  ? -2.534  4.894   0.767   1.00 20.00 ? 92   TRP A CZ2 1 
ATOM   750  C  CZ3 . TRP A 1 92  ? -2.083  2.515   0.905   1.00 20.73 ? 92   TRP A CZ3 1 
ATOM   751  C  CH2 . TRP A 1 92  ? -2.210  3.784   1.505   1.00 20.57 ? 92   TRP A CH2 1 
ATOM   752  N  N   . GLY A 1 93  ? -5.314  1.295   -1.874  1.00 15.04 ? 93   GLY A N   1 
ATOM   753  C  CA  . GLY A 1 93  ? -5.596  0.518   -0.679  1.00 14.87 ? 93   GLY A CA  1 
ATOM   754  C  C   . GLY A 1 93  ? -7.071  0.259   -0.448  1.00 15.26 ? 93   GLY A C   1 
ATOM   755  O  O   . GLY A 1 93  ? -7.895  1.164   -0.569  1.00 15.10 ? 93   GLY A O   1 
ATOM   756  N  N   . VAL A 1 94  ? -7.409  -0.992  -0.148  1.00 14.73 ? 94   VAL A N   1 
ATOM   757  C  CA  . VAL A 1 94  ? -8.790  -1.369  0.142   1.00 13.58 ? 94   VAL A CA  1 
ATOM   758  C  C   . VAL A 1 94  ? -8.741  -2.343  1.306   1.00 14.10 ? 94   VAL A C   1 
ATOM   759  O  O   . VAL A 1 94  ? -8.093  -3.391  1.224   1.00 13.78 ? 94   VAL A O   1 
ATOM   760  C  CB  . VAL A 1 94  ? -9.498  -2.059  -1.048  1.00 12.09 ? 94   VAL A CB  1 
ATOM   761  C  CG1 . VAL A 1 94  ? -10.902 -2.481  -0.629  1.00 12.12 ? 94   VAL A CG1 1 
ATOM   762  C  CG2 . VAL A 1 94  ? -9.595  -1.107  -2.236  1.00 12.11 ? 94   VAL A CG2 1 
ATOM   763  N  N   . TYR A 1 95  ? -9.417  -1.988  2.389   1.00 12.46 ? 95   TYR A N   1 
ATOM   764  C  CA  . TYR A 1 95  ? -9.436  -2.824  3.578   1.00 14.27 ? 95   TYR A CA  1 
ATOM   765  C  C   . TYR A 1 95  ? -10.846 -3.001  4.099   1.00 14.67 ? 95   TYR A C   1 
ATOM   766  O  O   . TYR A 1 95  ? -11.681 -2.115  3.934   1.00 13.62 ? 95   TYR A O   1 
ATOM   767  C  CB  . TYR A 1 95  ? -8.652  -2.170  4.715   1.00 14.14 ? 95   TYR A CB  1 
ATOM   768  C  CG  . TYR A 1 95  ? -7.308  -1.583  4.356   1.00 17.33 ? 95   TYR A CG  1 
ATOM   769  C  CD1 . TYR A 1 95  ? -7.190  -0.255  3.939   1.00 18.24 ? 95   TYR A CD1 1 
ATOM   770  C  CD2 . TYR A 1 95  ? -6.150  -2.346  4.473   1.00 17.66 ? 95   TYR A CD2 1 
ATOM   771  C  CE1 . TYR A 1 95  ? -5.941  0.298   3.651   1.00 17.72 ? 95   TYR A CE1 1 
ATOM   772  C  CE2 . TYR A 1 95  ? -4.900  -1.808  4.190   1.00 17.26 ? 95   TYR A CE2 1 
ATOM   773  C  CZ  . TYR A 1 95  ? -4.801  -0.485  3.782   1.00 18.21 ? 95   TYR A CZ  1 
ATOM   774  O  OH  . TYR A 1 95  ? -3.561  0.054   3.530   1.00 17.64 ? 95   TYR A OH  1 
ATOM   775  N  N   . PHE A 1 96  ? -11.116 -4.142  4.723   1.00 13.58 ? 96   PHE A N   1 
ATOM   776  C  CA  . PHE A 1 96  ? -12.413 -4.313  5.354   1.00 14.46 ? 96   PHE A CA  1 
ATOM   777  C  C   . PHE A 1 96  ? -12.059 -4.233  6.828   1.00 13.28 ? 96   PHE A C   1 
ATOM   778  O  O   . PHE A 1 96  ? -11.148 -4.917  7.292   1.00 13.29 ? 96   PHE A O   1 
ATOM   779  C  CB  . PHE A 1 96  ? -13.077 -5.653  5.051   1.00 14.54 ? 96   PHE A CB  1 
ATOM   780  C  CG  . PHE A 1 96  ? -14.479 -5.726  5.576   1.00 15.45 ? 96   PHE A CG  1 
ATOM   781  C  CD1 . PHE A 1 96  ? -14.737 -6.222  6.848   1.00 15.75 ? 96   PHE A CD1 1 
ATOM   782  C  CD2 . PHE A 1 96  ? -15.529 -5.173  4.847   1.00 17.79 ? 96   PHE A CD2 1 
ATOM   783  C  CE1 . PHE A 1 96  ? -16.025 -6.159  7.396   1.00 17.22 ? 96   PHE A CE1 1 
ATOM   784  C  CE2 . PHE A 1 96  ? -16.817 -5.104  5.384   1.00 18.05 ? 96   PHE A CE2 1 
ATOM   785  C  CZ  . PHE A 1 96  ? -17.062 -5.598  6.666   1.00 16.79 ? 96   PHE A CZ  1 
ATOM   786  N  N   . VAL A 1 97  ? -12.769 -3.395  7.566   1.00 11.14 ? 97   VAL A N   1 
ATOM   787  C  CA  . VAL A 1 97  ? -12.448 -3.220  8.973   1.00 12.04 ? 97   VAL A CA  1 
ATOM   788  C  C   . VAL A 1 97  ? -13.631 -3.434  9.897   1.00 12.03 ? 97   VAL A C   1 
ATOM   789  O  O   . VAL A 1 97  ? -14.783 -3.252  9.493   1.00 11.53 ? 97   VAL A O   1 
ATOM   790  C  CB  . VAL A 1 97  ? -11.887 -1.800  9.210   1.00 9.68  ? 97   VAL A CB  1 
ATOM   791  C  CG1 . VAL A 1 97  ? -10.738 -1.534  8.243   1.00 11.39 ? 97   VAL A CG1 1 
ATOM   792  C  CG2 . VAL A 1 97  ? -12.986 -0.752  9.001   1.00 8.25  ? 97   VAL A CG2 1 
ATOM   793  N  N   . LEU A 1 98  ? -13.332 -3.823  11.134  1.00 10.80 ? 98   LEU A N   1 
ATOM   794  C  CA  . LEU A 1 98  ? -14.349 -4.020  12.155  1.00 14.22 ? 98   LEU A CA  1 
ATOM   795  C  C   . LEU A 1 98  ? -14.575 -2.669  12.824  1.00 16.81 ? 98   LEU A C   1 
ATOM   796  O  O   . LEU A 1 98  ? -13.771 -1.752  12.655  1.00 23.69 ? 98   LEU A O   1 
ATOM   797  C  CB  . LEU A 1 98  ? -13.889 -5.053  13.178  1.00 12.57 ? 98   LEU A CB  1 
ATOM   798  C  CG  . LEU A 1 98  ? -13.649 -6.429  12.560  1.00 12.85 ? 98   LEU A CG  1 
ATOM   799  C  CD1 . LEU A 1 98  ? -13.276 -7.416  13.660  1.00 13.65 ? 98   LEU A CD1 1 
ATOM   800  C  CD2 . LEU A 1 98  ? -14.914 -6.889  11.830  1.00 11.53 ? 98   LEU A CD2 1 
ATOM   801  N  N   . GLY A 1 99  ? -15.651 -2.545  13.586  1.00 14.73 ? 99   GLY A N   1 
ATOM   802  C  CA  . GLY A 1 99  ? -15.957 -1.265  14.205  1.00 16.70 ? 99   GLY A CA  1 
ATOM   803  C  C   . GLY A 1 99  ? -17.017 -0.662  13.300  1.00 15.18 ? 99   GLY A C   1 
ATOM   804  O  O   . GLY A 1 99  ? -18.214 -0.743  13.594  1.00 15.74 ? 99   GLY A O   1 
ATOM   805  N  N   . ASP A 1 100 ? -16.588 -0.069  12.188  1.00 13.79 ? 100  ASP A N   1 
ATOM   806  C  CA  . ASP A 1 100 ? -17.531 0.491   11.221  1.00 15.37 ? 100  ASP A CA  1 
ATOM   807  C  C   . ASP A 1 100 ? -18.034 -0.662  10.352  1.00 15.29 ? 100  ASP A C   1 
ATOM   808  O  O   . ASP A 1 100 ? -18.996 -0.510  9.598   1.00 15.04 ? 100  ASP A O   1 
ATOM   809  C  CB  . ASP A 1 100 ? -16.863 1.528   10.305  1.00 17.77 ? 100  ASP A CB  1 
ATOM   810  C  CG  . ASP A 1 100 ? -16.527 2.832   11.019  1.00 21.11 ? 100  ASP A CG  1 
ATOM   811  O  OD1 . ASP A 1 100 ? -17.157 3.139   12.054  1.00 21.84 ? 100  ASP A OD1 1 
ATOM   812  O  OD2 . ASP A 1 100 ? -15.638 3.562   10.523  1.00 23.03 ? 100  ASP A OD2 1 
ATOM   813  N  N   . ASN A 1 101 ? -17.372 -1.813  10.458  1.00 12.73 ? 101  ASN A N   1 
ATOM   814  C  CA  . ASN A 1 101 ? -17.733 -2.991  9.667   1.00 13.26 ? 101  ASN A CA  1 
ATOM   815  C  C   . ASN A 1 101 ? -18.001 -2.625  8.209   1.00 13.64 ? 101  ASN A C   1 
ATOM   816  O  O   . ASN A 1 101 ? -19.088 -2.870  7.675   1.00 14.26 ? 101  ASN A O   1 
ATOM   817  C  CB  . ASN A 1 101 ? -18.960 -3.704  10.259  1.00 13.13 ? 101  ASN A CB  1 
ATOM   818  C  CG  . ASN A 1 101 ? -18.615 -4.538  11.484  1.00 12.30 ? 101  ASN A CG  1 
ATOM   819  O  OD1 . ASN A 1 101 ? -19.300 -5.519  11.798  1.00 13.61 ? 101  ASN A OD1 1 
ATOM   820  N  ND2 . ASN A 1 101 ? -17.554 -4.150  12.184  1.00 7.43  ? 101  ASN A ND2 1 
ATOM   821  N  N   . ASP A 1 102 ? -17.001 -2.021  7.577   1.00 13.18 ? 102  ASP A N   1 
ATOM   822  C  CA  . ASP A 1 102 ? -17.108 -1.626  6.180   1.00 12.45 ? 102  ASP A CA  1 
ATOM   823  C  C   . ASP A 1 102 ? -15.734 -1.553  5.534   1.00 12.93 ? 102  ASP A C   1 
ATOM   824  O  O   . ASP A 1 102 ? -14.736 -1.943  6.131   1.00 12.99 ? 102  ASP A O   1 
ATOM   825  C  CB  . ASP A 1 102 ? -17.817 -0.272  6.047   1.00 12.97 ? 102  ASP A CB  1 
ATOM   826  C  CG  . ASP A 1 102 ? -17.113 0.848   6.798   1.00 16.16 ? 102  ASP A CG  1 
ATOM   827  O  OD1 . ASP A 1 102 ? -15.900 0.732   7.079   1.00 16.34 ? 102  ASP A OD1 1 
ATOM   828  O  OD2 . ASP A 1 102 ? -17.780 1.863   7.091   1.00 18.11 ? 102  ASP A OD2 1 
ATOM   829  N  N   . PHE A 1 103 ? -15.697 -1.046  4.307   1.00 12.37 ? 103  PHE A N   1 
ATOM   830  C  CA  . PHE A 1 103 ? -14.463 -0.917  3.550   1.00 10.71 ? 103  PHE A CA  1 
ATOM   831  C  C   . PHE A 1 103 ? -13.865 0.472   3.686   1.00 12.12 ? 103  PHE A C   1 
ATOM   832  O  O   . PHE A 1 103 ? -14.589 1.464   3.735   1.00 13.45 ? 103  PHE A O   1 
ATOM   833  C  CB  . PHE A 1 103 ? -14.734 -1.168  2.066   1.00 12.35 ? 103  PHE A CB  1 
ATOM   834  C  CG  . PHE A 1 103 ? -15.106 -2.579  1.746   1.00 13.27 ? 103  PHE A CG  1 
ATOM   835  C  CD1 . PHE A 1 103 ? -14.127 -3.558  1.629   1.00 13.12 ? 103  PHE A CD1 1 
ATOM   836  C  CD2 . PHE A 1 103 ? -16.438 -2.933  1.566   1.00 15.95 ? 103  PHE A CD2 1 
ATOM   837  C  CE1 . PHE A 1 103 ? -14.468 -4.878  1.330   1.00 14.39 ? 103  PHE A CE1 1 
ATOM   838  C  CE2 . PHE A 1 103 ? -16.794 -4.245  1.268   1.00 17.16 ? 103  PHE A CE2 1 
ATOM   839  C  CZ  . PHE A 1 103 ? -15.807 -5.219  1.150   1.00 14.70 ? 103  PHE A CZ  1 
ATOM   840  N  N   . ILE A 1 104 ? -12.543 0.535   3.757   1.00 10.75 ? 104  ILE A N   1 
ATOM   841  C  CA  . ILE A 1 104 ? -11.839 1.810   3.803   1.00 10.57 ? 104  ILE A CA  1 
ATOM   842  C  C   . ILE A 1 104 ? -10.975 1.782   2.551   1.00 11.80 ? 104  ILE A C   1 
ATOM   843  O  O   . ILE A 1 104 ? -10.160 0.873   2.376   1.00 12.42 ? 104  ILE A O   1 
ATOM   844  C  CB  . ILE A 1 104 ? -10.956 1.963   5.053   1.00 10.40 ? 104  ILE A CB  1 
ATOM   845  C  CG1 . ILE A 1 104 ? -11.849 2.106   6.295   1.00 11.96 ? 104  ILE A CG1 1 
ATOM   846  C  CG2 . ILE A 1 104 ? -10.046 3.186   4.896   1.00 11.36 ? 104  ILE A CG2 1 
ATOM   847  C  CD1 . ILE A 1 104 ? -11.098 2.427   7.581   1.00 14.03 ? 104  ILE A CD1 1 
ATOM   848  N  N   . VAL A 1 105 ? -11.171 2.780   1.692   1.00 11.03 ? 105  VAL A N   1 
ATOM   849  C  CA  . VAL A 1 105 ? -10.475 2.885   0.409   1.00 11.75 ? 105  VAL A CA  1 
ATOM   850  C  C   . VAL A 1 105 ? -9.524  4.074   0.322   1.00 12.68 ? 105  VAL A C   1 
ATOM   851  O  O   . VAL A 1 105 ? -9.949  5.217   0.477   1.00 13.62 ? 105  VAL A O   1 
ATOM   852  C  CB  . VAL A 1 105 ? -11.516 3.022   -0.736  1.00 12.87 ? 105  VAL A CB  1 
ATOM   853  C  CG1 . VAL A 1 105 ? -10.820 3.070   -2.097  1.00 13.28 ? 105  VAL A CG1 1 
ATOM   854  C  CG2 . VAL A 1 105 ? -12.510 1.865   -0.665  1.00 12.34 ? 105  VAL A CG2 1 
ATOM   855  N  N   . MET A 1 106 ? -8.250  3.797   0.046   1.00 12.56 ? 106  MET A N   1 
ATOM   856  C  CA  . MET A 1 106 ? -7.224  4.834   -0.087  1.00 14.13 ? 106  MET A CA  1 
ATOM   857  C  C   . MET A 1 106 ? -7.008  5.080   -1.575  1.00 14.67 ? 106  MET A C   1 
ATOM   858  O  O   . MET A 1 106 ? -6.819  4.128   -2.337  1.00 12.62 ? 106  MET A O   1 
ATOM   859  C  CB  . MET A 1 106 ? -5.898  4.365   0.512   1.00 13.16 ? 106  MET A CB  1 
ATOM   860  C  CG  . MET A 1 106 ? -6.012  3.598   1.819   1.00 20.98 ? 106  MET A CG  1 
ATOM   861  S  SD  . MET A 1 106 ? -6.531  4.631   3.182   1.00 22.31 ? 106  MET A SD  1 
ATOM   862  C  CE  . MET A 1 106 ? -5.016  5.505   3.514   1.00 23.80 ? 106  MET A CE  1 
ATOM   863  N  N   . ALA A 1 107 ? -7.023  6.345   -1.988  1.00 13.57 ? 107  ALA A N   1 
ATOM   864  C  CA  . ALA A 1 107 ? -6.833  6.677   -3.396  1.00 14.10 ? 107  ALA A CA  1 
ATOM   865  C  C   . ALA A 1 107 ? -6.141  8.016   -3.574  1.00 16.05 ? 107  ALA A C   1 
ATOM   866  O  O   . ALA A 1 107 ? -6.095  8.839   -2.654  1.00 15.08 ? 107  ALA A O   1 
ATOM   867  C  CB  . ALA A 1 107 ? -8.178  6.687   -4.118  1.00 12.22 ? 107  ALA A CB  1 
ATOM   868  N  N   . ARG A 1 108 ? -5.604  8.228   -4.770  1.00 17.33 ? 108  ARG A N   1 
ATOM   869  C  CA  . ARG A 1 108 ? -4.903  9.464   -5.098  1.00 18.58 ? 108  ARG A CA  1 
ATOM   870  C  C   . ARG A 1 108 ? -5.279  9.911   -6.507  1.00 18.34 ? 108  ARG A C   1 
ATOM   871  O  O   . ARG A 1 108 ? -5.331  9.093   -7.424  1.00 16.54 ? 108  ARG A O   1 
ATOM   872  C  CB  . ARG A 1 108 ? -3.386  9.254   -5.064  1.00 20.47 ? 108  ARG A CB  1 
ATOM   873  C  CG  . ARG A 1 108 ? -2.802  8.663   -3.792  1.00 22.51 ? 108  ARG A CG  1 
ATOM   874  C  CD  . ARG A 1 108 ? -1.283  8.728   -3.887  1.00 25.54 ? 108  ARG A CD  1 
ATOM   875  N  NE  . ARG A 1 108 ? -0.577  8.025   -2.819  1.00 27.29 ? 108  ARG A NE  1 
ATOM   876  C  CZ  . ARG A 1 108 ? -0.031  6.818   -2.953  1.00 28.29 ? 108  ARG A CZ  1 
ATOM   877  N  NH1 . ARG A 1 108 ? -0.114  6.172   -4.109  1.00 27.45 ? 108  ARG A NH1 1 
ATOM   878  N  NH2 . ARG A 1 108 ? 0.621   6.268   -1.935  1.00 29.74 ? 108  ARG A NH2 1 
ATOM   879  N  N   . TYR A 1 109 ? -5.537  11.206  -6.669  1.00 16.86 ? 109  TYR A N   1 
ATOM   880  C  CA  . TYR A 1 109 ? -5.872  11.778  -7.971  1.00 17.88 ? 109  TYR A CA  1 
ATOM   881  C  C   . TYR A 1 109 ? -5.179  13.133  -8.114  1.00 17.37 ? 109  TYR A C   1 
ATOM   882  O  O   . TYR A 1 109 ? -4.741  13.723  -7.122  1.00 16.51 ? 109  TYR A O   1 
ATOM   883  C  CB  . TYR A 1 109 ? -7.395  11.918  -8.114  1.00 18.36 ? 109  TYR A CB  1 
ATOM   884  C  CG  . TYR A 1 109 ? -8.093  10.575  -8.061  1.00 17.08 ? 109  TYR A CG  1 
ATOM   885  C  CD1 . TYR A 1 109 ? -8.067  9.709   -9.158  1.00 16.71 ? 109  TYR A CD1 1 
ATOM   886  C  CD2 . TYR A 1 109 ? -8.659  10.112  -6.874  1.00 16.01 ? 109  TYR A CD2 1 
ATOM   887  C  CE1 . TYR A 1 109 ? -8.573  8.414   -9.066  1.00 17.39 ? 109  TYR A CE1 1 
ATOM   888  C  CE2 . TYR A 1 109 ? -9.165  8.823   -6.770  1.00 17.69 ? 109  TYR A CE2 1 
ATOM   889  C  CZ  . TYR A 1 109 ? -9.116  7.976   -7.866  1.00 18.35 ? 109  TYR A CZ  1 
ATOM   890  O  OH  . TYR A 1 109 ? -9.583  6.688   -7.747  1.00 17.59 ? 109  TYR A OH  1 
ATOM   891  N  N   . LYS A 1 110 ? -5.051  13.614  -9.349  1.00 17.89 ? 110  LYS A N   1 
ATOM   892  C  CA  . LYS A 1 110 ? -4.409  14.907  -9.594  1.00 19.46 ? 110  LYS A CA  1 
ATOM   893  C  C   . LYS A 1 110 ? -5.322  16.064  -9.193  1.00 17.99 ? 110  LYS A C   1 
ATOM   894  O  O   . LYS A 1 110 ? -4.856  17.070  -8.658  1.00 19.44 ? 110  LYS A O   1 
ATOM   895  C  CB  . LYS A 1 110 ? -4.077  15.078  -11.079 1.00 22.23 ? 110  LYS A CB  1 
ATOM   896  C  CG  . LYS A 1 110 ? -3.227  13.974  -11.681 1.00 26.29 ? 110  LYS A CG  1 
ATOM   897  C  CD  . LYS A 1 110 ? -3.255  14.056  -13.202 1.00 30.88 ? 110  LYS A CD  1 
ATOM   898  C  CE  . LYS A 1 110 ? -1.854  14.256  -13.778 1.00 35.00 ? 110  LYS A CE  1 
ATOM   899  N  NZ  . LYS A 1 110 ? -0.929  13.114  -13.516 1.00 37.24 ? 110  LYS A NZ  1 
ATOM   900  N  N   . THR A 1 111 ? -6.619  15.924  -9.449  1.00 17.92 ? 111  THR A N   1 
ATOM   901  C  CA  . THR A 1 111 ? -7.558  16.998  -9.151  1.00 18.93 ? 111  THR A CA  1 
ATOM   902  C  C   . THR A 1 111 ? -8.925  16.500  -8.713  1.00 17.87 ? 111  THR A C   1 
ATOM   903  O  O   . THR A 1 111 ? -9.231  15.318  -8.821  1.00 18.20 ? 111  THR A O   1 
ATOM   904  C  CB  . THR A 1 111 ? -7.826  17.845  -10.393 1.00 19.71 ? 111  THR A CB  1 
ATOM   905  O  OG1 . THR A 1 111 ? -8.458  17.019  -11.381 1.00 19.75 ? 111  THR A OG1 1 
ATOM   906  C  CG2 . THR A 1 111 ? -6.533  18.422  -10.971 1.00 21.50 ? 111  THR A CG2 1 
ATOM   907  N  N   . ARG A 1 112 ? -9.751  17.431  -8.241  1.00 17.68 ? 112  ARG A N   1 
ATOM   908  C  CA  . ARG A 1 112 ? -11.115 17.127  -7.829  1.00 17.15 ? 112  ARG A CA  1 
ATOM   909  C  C   . ARG A 1 112 ? -11.839 16.475  -9.008  1.00 17.53 ? 112  ARG A C   1 
ATOM   910  O  O   . ARG A 1 112 ? -12.544 15.479  -8.850  1.00 15.46 ? 112  ARG A O   1 
ATOM   911  C  CB  . ARG A 1 112 ? -11.852 18.418  -7.455  1.00 17.89 ? 112  ARG A CB  1 
ATOM   912  C  CG  . ARG A 1 112 ? -13.340 18.227  -7.197  1.00 18.28 ? 112  ARG A CG  1 
ATOM   913  C  CD  . ARG A 1 112 ? -14.076 19.562  -7.046  1.00 21.73 ? 112  ARG A CD  1 
ATOM   914  N  NE  . ARG A 1 112 ? -14.008 20.369  -8.264  1.00 24.60 ? 112  ARG A NE  1 
ATOM   915  C  CZ  . ARG A 1 112 ? -13.116 21.332  -8.478  1.00 29.84 ? 112  ARG A CZ  1 
ATOM   916  N  NH1 . ARG A 1 112 ? -12.210 21.620  -7.553  1.00 32.04 ? 112  ARG A NH1 1 
ATOM   917  N  NH2 . ARG A 1 112 ? -13.121 22.000  -9.625  1.00 29.85 ? 112  ARG A NH2 1 
ATOM   918  N  N   . GLU A 1 113 ? -11.661 17.064  -10.190 1.00 19.18 ? 113  GLU A N   1 
ATOM   919  C  CA  . GLU A 1 113 ? -12.296 16.572  -11.409 1.00 19.58 ? 113  GLU A CA  1 
ATOM   920  C  C   . GLU A 1 113 ? -11.986 15.109  -11.694 1.00 19.41 ? 113  GLU A C   1 
ATOM   921  O  O   . GLU A 1 113 ? -12.885 14.325  -12.019 1.00 17.93 ? 113  GLU A O   1 
ATOM   922  C  CB  . GLU A 1 113 ? -11.864 17.414  -12.615 1.00 23.70 ? 113  GLU A CB  1 
ATOM   923  C  CG  . GLU A 1 113 ? -12.449 18.818  -12.676 1.00 28.25 ? 113  GLU A CG  1 
ATOM   924  C  CD  . GLU A 1 113 ? -11.670 19.844  -11.868 1.00 30.94 ? 113  GLU A CD  1 
ATOM   925  O  OE1 . GLU A 1 113 ? -11.983 21.045  -12.006 1.00 36.25 ? 113  GLU A OE1 1 
ATOM   926  O  OE2 . GLU A 1 113 ? -10.755 19.469  -11.100 1.00 30.38 ? 113  GLU A OE2 1 
ATOM   927  N  N   . GLU A 1 114 ? -10.712 14.742  -11.596 1.00 18.95 ? 114  GLU A N   1 
ATOM   928  C  CA  . GLU A 1 114 ? -10.322 13.362  -11.846 1.00 18.90 ? 114  GLU A CA  1 
ATOM   929  C  C   . GLU A 1 114 ? -10.946 12.459  -10.786 1.00 17.69 ? 114  GLU A C   1 
ATOM   930  O  O   . GLU A 1 114 ? -11.470 11.388  -11.101 1.00 15.23 ? 114  GLU A O   1 
ATOM   931  C  CB  . GLU A 1 114 ? -8.801  13.224  -11.830 1.00 20.61 ? 114  GLU A CB  1 
ATOM   932  C  CG  . GLU A 1 114 ? -8.321  11.828  -12.192 1.00 27.28 ? 114  GLU A CG  1 
ATOM   933  C  CD  . GLU A 1 114 ? -6.830  11.771  -12.453 1.00 29.26 ? 114  GLU A CD  1 
ATOM   934  O  OE1 . GLU A 1 114 ? -6.046  12.084  -11.534 1.00 29.71 ? 114  GLU A OE1 1 
ATOM   935  O  OE2 . GLU A 1 114 ? -6.442  11.413  -13.586 1.00 34.95 ? 114  GLU A OE2 1 
ATOM   936  N  N   . PHE A 1 115 ? -10.893 12.897  -9.529  1.00 15.67 ? 115  PHE A N   1 
ATOM   937  C  CA  . PHE A 1 115 ? -11.481 12.131  -8.435  1.00 16.85 ? 115  PHE A CA  1 
ATOM   938  C  C   . PHE A 1 115 ? -12.954 11.851  -8.726  1.00 15.46 ? 115  PHE A C   1 
ATOM   939  O  O   . PHE A 1 115 ? -13.428 10.729  -8.568  1.00 18.25 ? 115  PHE A O   1 
ATOM   940  C  CB  . PHE A 1 115 ? -11.381 12.910  -7.117  1.00 16.74 ? 115  PHE A CB  1 
ATOM   941  C  CG  . PHE A 1 115 ? -12.307 12.400  -6.041  1.00 16.52 ? 115  PHE A CG  1 
ATOM   942  C  CD1 . PHE A 1 115 ? -12.083 11.169  -5.435  1.00 15.68 ? 115  PHE A CD1 1 
ATOM   943  C  CD2 . PHE A 1 115 ? -13.417 13.143  -5.651  1.00 18.00 ? 115  PHE A CD2 1 
ATOM   944  C  CE1 . PHE A 1 115 ? -12.954 10.684  -4.455  1.00 15.95 ? 115  PHE A CE1 1 
ATOM   945  C  CE2 . PHE A 1 115 ? -14.294 12.663  -4.672  1.00 16.23 ? 115  PHE A CE2 1 
ATOM   946  C  CZ  . PHE A 1 115 ? -14.058 11.437  -4.076  1.00 15.33 ? 115  PHE A CZ  1 
ATOM   947  N  N   . MET A 1 116 ? -13.677 12.885  -9.140  1.00 17.01 ? 116  MET A N   1 
ATOM   948  C  CA  . MET A 1 116 ? -15.096 12.743  -9.431  1.00 17.74 ? 116  MET A CA  1 
ATOM   949  C  C   . MET A 1 116 ? -15.357 11.777  -10.580 1.00 18.45 ? 116  MET A C   1 
ATOM   950  O  O   . MET A 1 116 ? -16.176 10.867  -10.466 1.00 20.23 ? 116  MET A O   1 
ATOM   951  C  CB  . MET A 1 116 ? -15.709 14.108  -9.764  1.00 20.69 ? 116  MET A CB  1 
ATOM   952  C  CG  . MET A 1 116 ? -15.761 15.077  -8.586  1.00 22.68 ? 116  MET A CG  1 
ATOM   953  S  SD  . MET A 1 116 ? -16.752 14.446  -7.213  1.00 26.86 ? 116  MET A SD  1 
ATOM   954  C  CE  . MET A 1 116 ? -18.409 15.011  -7.698  1.00 24.04 ? 116  MET A CE  1 
ATOM   955  N  N   . GLU A 1 117 ? -14.647 11.975  -11.684 1.00 20.04 ? 117  GLU A N   1 
ATOM   956  C  CA  . GLU A 1 117 ? -14.822 11.142  -12.866 1.00 22.56 ? 117  GLU A CA  1 
ATOM   957  C  C   . GLU A 1 117 ? -14.364 9.691   -12.699 1.00 20.25 ? 117  GLU A C   1 
ATOM   958  O  O   . GLU A 1 117 ? -15.086 8.761   -13.056 1.00 20.42 ? 117  GLU A O   1 
ATOM   959  C  CB  . GLU A 1 117 ? -14.095 11.787  -14.053 1.00 26.47 ? 117  GLU A CB  1 
ATOM   960  C  CG  . GLU A 1 117 ? -14.274 11.065  -15.383 1.00 36.25 ? 117  GLU A CG  1 
ATOM   961  C  CD  . GLU A 1 117 ? -13.550 11.758  -16.530 1.00 40.21 ? 117  GLU A CD  1 
ATOM   962  O  OE1 . GLU A 1 117 ? -13.629 11.260  -17.676 1.00 43.72 ? 117  GLU A OE1 1 
ATOM   963  O  OE2 . GLU A 1 117 ? -12.902 12.801  -16.290 1.00 42.35 ? 117  GLU A OE2 1 
ATOM   964  N  N   . LYS A 1 118 ? -13.178 9.494   -12.138 1.00 17.78 ? 118  LYS A N   1 
ATOM   965  C  CA  . LYS A 1 118 ? -12.639 8.147   -11.975 1.00 17.59 ? 118  LYS A CA  1 
ATOM   966  C  C   . LYS A 1 118 ? -13.109 7.366   -10.751 1.00 17.25 ? 118  LYS A C   1 
ATOM   967  O  O   . LYS A 1 118 ? -13.282 6.147   -10.813 1.00 14.41 ? 118  LYS A O   1 
ATOM   968  C  CB  . LYS A 1 118 ? -11.111 8.204   -11.980 1.00 19.00 ? 118  LYS A CB  1 
ATOM   969  C  CG  . LYS A 1 118 ? -10.533 8.746   -13.285 1.00 21.87 ? 118  LYS A CG  1 
ATOM   970  C  CD  . LYS A 1 118 ? -9.015  8.664   -13.314 1.00 22.01 ? 118  LYS A CD  1 
ATOM   971  C  CE  . LYS A 1 118 ? -8.470  9.148   -14.653 1.00 26.58 ? 118  LYS A CE  1 
ATOM   972  N  NZ  . LYS A 1 118 ? -6.982  9.072   -14.705 1.00 28.94 ? 118  LYS A NZ  1 
ATOM   973  N  N   . PHE A 1 119 ? -13.337 8.060   -9.643  1.00 16.06 ? 119  PHE A N   1 
ATOM   974  C  CA  . PHE A 1 119 ? -13.744 7.368   -8.432  1.00 15.92 ? 119  PHE A CA  1 
ATOM   975  C  C   . PHE A 1 119 ? -15.190 7.550   -7.992  1.00 16.41 ? 119  PHE A C   1 
ATOM   976  O  O   . PHE A 1 119 ? -15.993 6.621   -8.085  1.00 17.57 ? 119  PHE A O   1 
ATOM   977  C  CB  . PHE A 1 119 ? -12.809 7.758   -7.285  1.00 15.50 ? 119  PHE A CB  1 
ATOM   978  C  CG  . PHE A 1 119 ? -13.070 7.010   -6.013  1.00 18.76 ? 119  PHE A CG  1 
ATOM   979  C  CD1 . PHE A 1 119 ? -13.939 7.523   -5.052  1.00 17.63 ? 119  PHE A CD1 1 
ATOM   980  C  CD2 . PHE A 1 119 ? -12.481 5.767   -5.792  1.00 18.38 ? 119  PHE A CD2 1 
ATOM   981  C  CE1 . PHE A 1 119 ? -14.218 6.808   -3.890  1.00 19.11 ? 119  PHE A CE1 1 
ATOM   982  C  CE2 . PHE A 1 119 ? -12.758 5.038   -4.628  1.00 19.35 ? 119  PHE A CE2 1 
ATOM   983  C  CZ  . PHE A 1 119 ? -13.626 5.562   -3.678  1.00 18.74 ? 119  PHE A CZ  1 
ATOM   984  N  N   . LEU A 1 120 ? -15.522 8.748   -7.521  1.00 18.93 ? 120  LEU A N   1 
ATOM   985  C  CA  . LEU A 1 120 ? -16.862 9.014   -7.013  1.00 19.83 ? 120  LEU A CA  1 
ATOM   986  C  C   . LEU A 1 120 ? -18.013 8.637   -7.931  1.00 20.46 ? 120  LEU A C   1 
ATOM   987  O  O   . LEU A 1 120 ? -18.938 7.948   -7.504  1.00 19.53 ? 120  LEU A O   1 
ATOM   988  C  CB  . LEU A 1 120 ? -16.996 10.482  -6.591  1.00 22.27 ? 120  LEU A CB  1 
ATOM   989  C  CG  . LEU A 1 120 ? -18.201 10.707  -5.667  1.00 24.71 ? 120  LEU A CG  1 
ATOM   990  C  CD1 . LEU A 1 120 ? -18.085 9.776   -4.472  1.00 25.50 ? 120  LEU A CD1 1 
ATOM   991  C  CD2 . LEU A 1 120 ? -18.268 12.152  -5.209  1.00 27.46 ? 120  LEU A CD2 1 
ATOM   992  N  N   . GLU A 1 121 ? -17.971 9.082   -9.184  1.00 21.79 ? 121  GLU A N   1 
ATOM   993  C  CA  . GLU A 1 121 ? -19.043 8.749   -10.115 1.00 22.93 ? 121  GLU A CA  1 
ATOM   994  C  C   . GLU A 1 121 ? -19.146 7.242   -10.308 1.00 21.51 ? 121  GLU A C   1 
ATOM   995  O  O   . GLU A 1 121 ? -20.248 6.704   -10.409 1.00 20.91 ? 121  GLU A O   1 
ATOM   996  C  CB  . GLU A 1 121 ? -18.832 9.445   -11.465 1.00 26.92 ? 121  GLU A CB  1 
ATOM   997  C  CG  . GLU A 1 121 ? -18.951 10.965  -11.377 1.00 32.44 ? 121  GLU A CG  1 
ATOM   998  C  CD  . GLU A 1 121 ? -18.896 11.651  -12.728 1.00 35.72 ? 121  GLU A CD  1 
ATOM   999  O  OE1 . GLU A 1 121 ? -18.709 12.886  -12.751 1.00 37.96 ? 121  GLU A OE1 1 
ATOM   1000 O  OE2 . GLU A 1 121 ? -19.048 10.965  -13.764 1.00 36.81 ? 121  GLU A OE2 1 
ATOM   1001 N  N   . ARG A 1 122 ? -18.010 6.550   -10.345 1.00 20.68 ? 122  ARG A N   1 
ATOM   1002 C  CA  . ARG A 1 122 ? -18.063 5.107   -10.513 1.00 19.37 ? 122  ARG A CA  1 
ATOM   1003 C  C   . ARG A 1 122 ? -18.698 4.438   -9.295  1.00 19.18 ? 122  ARG A C   1 
ATOM   1004 O  O   . ARG A 1 122 ? -19.578 3.586   -9.435  1.00 17.57 ? 122  ARG A O   1 
ATOM   1005 C  CB  . ARG A 1 122 ? -16.674 4.508   -10.737 1.00 23.25 ? 122  ARG A CB  1 
ATOM   1006 C  CG  . ARG A 1 122 ? -16.774 3.043   -11.134 1.00 26.80 ? 122  ARG A CG  1 
ATOM   1007 C  CD  . ARG A 1 122 ? -15.468 2.287   -11.050 1.00 32.23 ? 122  ARG A CD  1 
ATOM   1008 N  NE  . ARG A 1 122 ? -14.535 2.614   -12.118 1.00 33.42 ? 122  ARG A NE  1 
ATOM   1009 C  CZ  . ARG A 1 122 ? -13.785 1.708   -12.742 1.00 33.61 ? 122  ARG A CZ  1 
ATOM   1010 N  NH1 . ARG A 1 122 ? -13.874 0.429   -12.407 1.00 33.13 ? 122  ARG A NH1 1 
ATOM   1011 N  NH2 . ARG A 1 122 ? -12.936 2.082   -13.688 1.00 31.81 ? 122  ARG A NH2 1 
ATOM   1012 N  N   . VAL A 1 123 ? -18.260 4.828   -8.100  1.00 18.93 ? 123  VAL A N   1 
ATOM   1013 C  CA  . VAL A 1 123 ? -18.809 4.237   -6.882  1.00 17.92 ? 123  VAL A CA  1 
ATOM   1014 C  C   . VAL A 1 123 ? -20.294 4.553   -6.741  1.00 18.42 ? 123  VAL A C   1 
ATOM   1015 O  O   . VAL A 1 123 ? -21.078 3.698   -6.329  1.00 20.10 ? 123  VAL A O   1 
ATOM   1016 C  CB  . VAL A 1 123 ? -18.064 4.733   -5.625  1.00 18.66 ? 123  VAL A CB  1 
ATOM   1017 C  CG1 . VAL A 1 123 ? -18.730 4.169   -4.377  1.00 18.51 ? 123  VAL A CG1 1 
ATOM   1018 C  CG2 . VAL A 1 123 ? -16.601 4.295   -5.676  1.00 17.88 ? 123  VAL A CG2 1 
ATOM   1019 N  N   . MET A 1 124 ? -20.680 5.778   -7.081  1.00 17.87 ? 124  MET A N   1 
ATOM   1020 C  CA  . MET A 1 124 ? -22.080 6.180   -6.993  1.00 21.16 ? 124  MET A CA  1 
ATOM   1021 C  C   . MET A 1 124 ? -22.975 5.286   -7.846  1.00 20.36 ? 124  MET A C   1 
ATOM   1022 O  O   . MET A 1 124 ? -24.149 5.113   -7.537  1.00 19.62 ? 124  MET A O   1 
ATOM   1023 C  CB  . MET A 1 124 ? -22.270 7.627   -7.446  1.00 22.18 ? 124  MET A CB  1 
ATOM   1024 C  CG  . MET A 1 124 ? -21.690 8.676   -6.517  1.00 27.83 ? 124  MET A CG  1 
ATOM   1025 S  SD  . MET A 1 124 ? -22.153 10.346  -7.031  1.00 31.45 ? 124  MET A SD  1 
ATOM   1026 C  CE  . MET A 1 124 ? -20.955 10.689  -8.269  1.00 33.45 ? 124  MET A CE  1 
ATOM   1027 N  N   . SER A 1 125 ? -22.418 4.713   -8.909  1.00 19.88 ? 125  SER A N   1 
ATOM   1028 C  CA  . SER A 1 125 ? -23.207 3.860   -9.792  1.00 21.43 ? 125  SER A CA  1 
ATOM   1029 C  C   . SER A 1 125 ? -23.333 2.418   -9.313  1.00 21.66 ? 125  SER A C   1 
ATOM   1030 O  O   . SER A 1 125 ? -24.047 1.625   -9.923  1.00 21.56 ? 125  SER A O   1 
ATOM   1031 C  CB  . SER A 1 125 ? -22.629 3.874   -11.212 1.00 19.98 ? 125  SER A CB  1 
ATOM   1032 O  OG  . SER A 1 125 ? -21.379 3.210   -11.265 1.00 22.81 ? 125  SER A OG  1 
ATOM   1033 N  N   . ILE A 1 126 ? -22.650 2.072   -8.226  1.00 20.38 ? 126  ILE A N   1 
ATOM   1034 C  CA  . ILE A 1 126 ? -22.722 0.707   -7.708  1.00 20.84 ? 126  ILE A CA  1 
ATOM   1035 C  C   . ILE A 1 126 ? -23.912 0.575   -6.759  1.00 21.98 ? 126  ILE A C   1 
ATOM   1036 O  O   . ILE A 1 126 ? -23.912 1.140   -5.663  1.00 20.45 ? 126  ILE A O   1 
ATOM   1037 C  CB  . ILE A 1 126 ? -21.419 0.333   -6.978  1.00 21.69 ? 126  ILE A CB  1 
ATOM   1038 C  CG1 . ILE A 1 126 ? -20.232 0.561   -7.920  1.00 20.79 ? 126  ILE A CG1 1 
ATOM   1039 C  CG2 . ILE A 1 126 ? -21.484 -1.111  -6.512  1.00 22.23 ? 126  ILE A CG2 1 
ATOM   1040 C  CD1 . ILE A 1 126 ? -18.891 0.199   -7.345  1.00 18.78 ? 126  ILE A CD1 1 
ATOM   1041 N  N   . PRO A 1 127 ? -24.943 -0.191  -7.165  1.00 21.32 ? 127  PRO A N   1 
ATOM   1042 C  CA  . PRO A 1 127 ? -26.149 -0.387  -6.353  1.00 21.76 ? 127  PRO A CA  1 
ATOM   1043 C  C   . PRO A 1 127 ? -26.016 -1.064  -4.988  1.00 20.60 ? 127  PRO A C   1 
ATOM   1044 O  O   . PRO A 1 127 ? -26.819 -0.789  -4.098  1.00 20.19 ? 127  PRO A O   1 
ATOM   1045 C  CB  . PRO A 1 127 ? -27.079 -1.155  -7.297  1.00 23.55 ? 127  PRO A CB  1 
ATOM   1046 C  CG  . PRO A 1 127 ? -26.120 -1.961  -8.120  1.00 22.70 ? 127  PRO A CG  1 
ATOM   1047 C  CD  . PRO A 1 127 ? -25.034 -0.952  -8.427  1.00 23.05 ? 127  PRO A CD  1 
ATOM   1048 N  N   . GLU A 1 128 ? -25.029 -1.939  -4.806  1.00 19.19 ? 128  GLU A N   1 
ATOM   1049 C  CA  . GLU A 1 128 ? -24.890 -2.606  -3.512  1.00 20.92 ? 128  GLU A CA  1 
ATOM   1050 C  C   . GLU A 1 128 ? -24.188 -1.738  -2.472  1.00 19.86 ? 128  GLU A C   1 
ATOM   1051 O  O   . GLU A 1 128 ? -23.865 -2.196  -1.372  1.00 19.85 ? 128  GLU A O   1 
ATOM   1052 C  CB  . GLU A 1 128 ? -24.174 -3.961  -3.646  1.00 20.05 ? 128  GLU A CB  1 
ATOM   1053 C  CG  . GLU A 1 128 ? -22.736 -3.929  -4.129  1.00 24.08 ? 128  GLU A CG  1 
ATOM   1054 C  CD  . GLU A 1 128 ? -22.617 -4.032  -5.644  1.00 26.61 ? 128  GLU A CD  1 
ATOM   1055 O  OE1 . GLU A 1 128 ? -21.509 -4.349  -6.123  1.00 25.38 ? 128  GLU A OE1 1 
ATOM   1056 O  OE2 . GLU A 1 128 ? -23.622 -3.789  -6.347  1.00 24.21 ? 128  GLU A OE2 1 
ATOM   1057 N  N   . VAL A 1 129 ? -23.948 -0.481  -2.826  1.00 19.02 ? 129  VAL A N   1 
ATOM   1058 C  CA  . VAL A 1 129 ? -23.323 0.450   -1.900  1.00 18.28 ? 129  VAL A CA  1 
ATOM   1059 C  C   . VAL A 1 129 ? -24.459 1.057   -1.084  1.00 18.68 ? 129  VAL A C   1 
ATOM   1060 O  O   . VAL A 1 129 ? -25.449 1.538   -1.641  1.00 17.39 ? 129  VAL A O   1 
ATOM   1061 C  CB  . VAL A 1 129 ? -22.568 1.571   -2.642  1.00 18.44 ? 129  VAL A CB  1 
ATOM   1062 C  CG1 . VAL A 1 129 ? -22.157 2.665   -1.654  1.00 17.85 ? 129  VAL A CG1 1 
ATOM   1063 C  CG2 . VAL A 1 129 ? -21.330 0.985   -3.335  1.00 16.93 ? 129  VAL A CG2 1 
ATOM   1064 N  N   . GLU A 1 130 ? -24.327 1.019   0.235   1.00 17.20 ? 130  GLU A N   1 
ATOM   1065 C  CA  . GLU A 1 130 ? -25.366 1.567   1.095   1.00 20.01 ? 130  GLU A CA  1 
ATOM   1066 C  C   . GLU A 1 130 ? -25.054 3.015   1.451   1.00 19.50 ? 130  GLU A C   1 
ATOM   1067 O  O   . GLU A 1 130 ? -25.934 3.873   1.453   1.00 18.24 ? 130  GLU A O   1 
ATOM   1068 C  CB  . GLU A 1 130 ? -25.490 0.732   2.372   1.00 22.14 ? 130  GLU A CB  1 
ATOM   1069 C  CG  . GLU A 1 130 ? -26.748 1.029   3.167   1.00 31.83 ? 130  GLU A CG  1 
ATOM   1070 C  CD  . GLU A 1 130 ? -27.969 0.290   2.641   1.00 34.10 ? 130  GLU A CD  1 
ATOM   1071 O  OE1 . GLU A 1 130 ? -27.983 -0.093  1.450   1.00 36.14 ? 130  GLU A OE1 1 
ATOM   1072 O  OE2 . GLU A 1 130 ? -28.926 0.100   3.423   1.00 39.20 ? 130  GLU A OE2 1 
ATOM   1073 N  N   . ARG A 1 131 ? -23.790 3.283   1.749   1.00 17.39 ? 131  ARG A N   1 
ATOM   1074 C  CA  . ARG A 1 131 ? -23.354 4.626   2.116   1.00 17.97 ? 131  ARG A CA  1 
ATOM   1075 C  C   . ARG A 1 131 ? -21.874 4.779   1.815   1.00 16.22 ? 131  ARG A C   1 
ATOM   1076 O  O   . ARG A 1 131 ? -21.150 3.791   1.721   1.00 13.59 ? 131  ARG A O   1 
ATOM   1077 C  CB  . ARG A 1 131 ? -23.544 4.858   3.617   1.00 19.08 ? 131  ARG A CB  1 
ATOM   1078 C  CG  . ARG A 1 131 ? -24.971 4.838   4.112   1.00 25.06 ? 131  ARG A CG  1 
ATOM   1079 C  CD  . ARG A 1 131 ? -25.674 6.157   3.826   1.00 28.11 ? 131  ARG A CD  1 
ATOM   1080 N  NE  . ARG A 1 131 ? -26.934 6.266   4.557   1.00 33.14 ? 131  ARG A NE  1 
ATOM   1081 C  CZ  . ARG A 1 131 ? -27.998 5.501   4.338   1.00 36.25 ? 131  ARG A CZ  1 
ATOM   1082 N  NH1 . ARG A 1 131 ? -27.963 4.562   3.401   1.00 36.64 ? 131  ARG A NH1 1 
ATOM   1083 N  NH2 . ARG A 1 131 ? -29.099 5.673   5.057   1.00 38.00 ? 131  ARG A NH2 1 
ATOM   1084 N  N   . THR A 1 132 ? -21.433 6.021   1.649   1.00 14.07 ? 132  THR A N   1 
ATOM   1085 C  CA  . THR A 1 132 ? -20.018 6.295   1.442   1.00 15.20 ? 132  THR A CA  1 
ATOM   1086 C  C   . THR A 1 132 ? -19.717 7.601   2.156   1.00 14.64 ? 132  THR A C   1 
ATOM   1087 O  O   . THR A 1 132 ? -20.593 8.459   2.299   1.00 14.69 ? 132  THR A O   1 
ATOM   1088 C  CB  . THR A 1 132 ? -19.629 6.471   -0.046  1.00 15.94 ? 132  THR A CB  1 
ATOM   1089 O  OG1 . THR A 1 132 ? -20.179 7.697   -0.543  1.00 16.19 ? 132  THR A OG1 1 
ATOM   1090 C  CG2 . THR A 1 132 ? -20.131 5.302   -0.878  1.00 17.29 ? 132  THR A CG2 1 
ATOM   1091 N  N   . SER A 1 133 ? -18.484 7.736   2.621   1.00 13.56 ? 133  SER A N   1 
ATOM   1092 C  CA  . SER A 1 133 ? -18.046 8.945   3.296   1.00 13.05 ? 133  SER A CA  1 
ATOM   1093 C  C   . SER A 1 133 ? -16.598 9.147   2.883   1.00 12.99 ? 133  SER A C   1 
ATOM   1094 O  O   . SER A 1 133 ? -15.732 8.344   3.220   1.00 11.92 ? 133  SER A O   1 
ATOM   1095 C  CB  . SER A 1 133 ? -18.141 8.793   4.817   1.00 12.80 ? 133  SER A CB  1 
ATOM   1096 O  OG  . SER A 1 133 ? -17.625 9.953   5.455   1.00 15.42 ? 133  SER A OG  1 
ATOM   1097 N  N   . THR A 1 134 ? -16.349 10.221  2.143   1.00 11.39 ? 134  THR A N   1 
ATOM   1098 C  CA  . THR A 1 134 ? -15.012 10.525  1.657   1.00 10.74 ? 134  THR A CA  1 
ATOM   1099 C  C   . THR A 1 134 ? -14.344 11.600  2.497   1.00 10.51 ? 134  THR A C   1 
ATOM   1100 O  O   . THR A 1 134 ? -14.846 12.717  2.598   1.00 11.60 ? 134  THR A O   1 
ATOM   1101 C  CB  . THR A 1 134 ? -15.060 11.013  0.200   1.00 10.34 ? 134  THR A CB  1 
ATOM   1102 O  OG1 . THR A 1 134 ? -15.518 9.943   -0.639  1.00 10.66 ? 134  THR A OG1 1 
ATOM   1103 C  CG2 . THR A 1 134 ? -13.676 11.490  -0.256  1.00 11.84 ? 134  THR A CG2 1 
ATOM   1104 N  N   . GLN A 1 135 ? -13.217 11.242  3.100   1.00 11.03 ? 135  GLN A N   1 
ATOM   1105 C  CA  . GLN A 1 135 ? -12.446 12.165  3.916   1.00 13.19 ? 135  GLN A CA  1 
ATOM   1106 C  C   . GLN A 1 135 ? -11.342 12.719  3.022   1.00 13.30 ? 135  GLN A C   1 
ATOM   1107 O  O   . GLN A 1 135 ? -10.532 11.960  2.496   1.00 12.31 ? 135  GLN A O   1 
ATOM   1108 C  CB  . GLN A 1 135 ? -11.812 11.417  5.087   1.00 13.72 ? 135  GLN A CB  1 
ATOM   1109 C  CG  . GLN A 1 135 ? -12.811 10.648  5.914   1.00 18.14 ? 135  GLN A CG  1 
ATOM   1110 C  CD  . GLN A 1 135 ? -13.774 11.571  6.602   1.00 22.66 ? 135  GLN A CD  1 
ATOM   1111 O  OE1 . GLN A 1 135 ? -13.371 12.398  7.419   1.00 24.23 ? 135  GLN A OE1 1 
ATOM   1112 N  NE2 . GLN A 1 135 ? -15.055 11.453  6.271   1.00 25.63 ? 135  GLN A NE2 1 
ATOM   1113 N  N   . VAL A 1 136 ? -11.311 14.033  2.842   1.00 12.42 ? 136  VAL A N   1 
ATOM   1114 C  CA  . VAL A 1 136 ? -10.279 14.624  2.005   1.00 12.88 ? 136  VAL A CA  1 
ATOM   1115 C  C   . VAL A 1 136 ? -8.998  14.864  2.801   1.00 13.65 ? 136  VAL A C   1 
ATOM   1116 O  O   . VAL A 1 136 ? -8.980  15.636  3.752   1.00 12.76 ? 136  VAL A O   1 
ATOM   1117 C  CB  . VAL A 1 136 ? -10.757 15.949  1.393   1.00 13.95 ? 136  VAL A CB  1 
ATOM   1118 C  CG1 . VAL A 1 136 ? -9.632  16.583  0.585   1.00 14.72 ? 136  VAL A CG1 1 
ATOM   1119 C  CG2 . VAL A 1 136 ? -11.991 15.698  0.502   1.00 11.30 ? 136  VAL A CG2 1 
ATOM   1120 N  N   . VAL A 1 137 ? -7.928  14.182  2.407   1.00 14.06 ? 137  VAL A N   1 
ATOM   1121 C  CA  . VAL A 1 137 ? -6.638  14.337  3.068   1.00 13.82 ? 137  VAL A CA  1 
ATOM   1122 C  C   . VAL A 1 137 ? -6.050  15.699  2.693   1.00 15.79 ? 137  VAL A C   1 
ATOM   1123 O  O   . VAL A 1 137 ? -5.766  15.963  1.529   1.00 18.02 ? 137  VAL A O   1 
ATOM   1124 C  CB  . VAL A 1 137 ? -5.657  13.223  2.633   1.00 12.90 ? 137  VAL A CB  1 
ATOM   1125 C  CG1 . VAL A 1 137 ? -4.288  13.436  3.291   1.00 11.60 ? 137  VAL A CG1 1 
ATOM   1126 C  CG2 . VAL A 1 137 ? -6.225  11.859  3.007   1.00 11.11 ? 137  VAL A CG2 1 
ATOM   1127 N  N   . VAL A 1 138 ? -5.886  16.568  3.682   1.00 15.49 ? 138  VAL A N   1 
ATOM   1128 C  CA  . VAL A 1 138 ? -5.332  17.892  3.425   1.00 15.96 ? 138  VAL A CA  1 
ATOM   1129 C  C   . VAL A 1 138 ? -3.944  18.011  4.026   1.00 17.37 ? 138  VAL A C   1 
ATOM   1130 O  O   . VAL A 1 138 ? -3.309  19.060  3.965   1.00 16.51 ? 138  VAL A O   1 
ATOM   1131 C  CB  . VAL A 1 138 ? -6.230  19.007  3.998   1.00 17.29 ? 138  VAL A CB  1 
ATOM   1132 C  CG1 . VAL A 1 138 ? -7.529  19.087  3.200   1.00 17.34 ? 138  VAL A CG1 1 
ATOM   1133 C  CG2 . VAL A 1 138 ? -6.529  18.734  5.467   1.00 18.41 ? 138  VAL A CG2 1 
ATOM   1134 N  N   . LYS A 1 139 ? -3.465  16.920  4.602   1.00 17.32 ? 139  LYS A N   1 
ATOM   1135 C  CA  . LYS A 1 139 ? -2.149  16.931  5.203   1.00 18.63 ? 139  LYS A CA  1 
ATOM   1136 C  C   . LYS A 1 139 ? -1.614  15.523  5.445   1.00 18.15 ? 139  LYS A C   1 
ATOM   1137 O  O   . LYS A 1 139 ? -2.244  14.715  6.128   1.00 15.35 ? 139  LYS A O   1 
ATOM   1138 C  CB  . LYS A 1 139 ? -2.219  17.730  6.504   1.00 22.27 ? 139  LYS A CB  1 
ATOM   1139 C  CG  . LYS A 1 139 ? -1.081  17.490  7.455   1.00 29.81 ? 139  LYS A CG  1 
ATOM   1140 C  CD  . LYS A 1 139 ? 0.226   18.087  6.967   1.00 33.32 ? 139  LYS A CD  1 
ATOM   1141 C  CE  . LYS A 1 139 ? 0.428   19.488  7.548   1.00 36.38 ? 139  LYS A CE  1 
ATOM   1142 N  NZ  . LYS A 1 139 ? 1.877   19.797  7.759   1.00 39.83 ? 139  LYS A NZ  1 
ATOM   1143 N  N   . ILE A 1 140 ? -0.461  15.222  4.860   1.00 16.97 ? 140  ILE A N   1 
ATOM   1144 C  CA  . ILE A 1 140 ? 0.150   13.919  5.057   1.00 18.41 ? 140  ILE A CA  1 
ATOM   1145 C  C   . ILE A 1 140 ? 1.280   14.117  6.055   1.00 20.01 ? 140  ILE A C   1 
ATOM   1146 O  O   . ILE A 1 140 ? 2.359   14.603  5.708   1.00 17.36 ? 140  ILE A O   1 
ATOM   1147 C  CB  . ILE A 1 140 ? 0.706   13.329  3.737   1.00 20.42 ? 140  ILE A CB  1 
ATOM   1148 C  CG1 . ILE A 1 140 ? -0.440  13.118  2.742   1.00 19.34 ? 140  ILE A CG1 1 
ATOM   1149 C  CG2 . ILE A 1 140 ? 1.412   11.999  4.013   1.00 20.20 ? 140  ILE A CG2 1 
ATOM   1150 C  CD1 . ILE A 1 140 ? -0.005  12.588  1.383   1.00 22.06 ? 140  ILE A CD1 1 
ATOM   1151 N  N   . ILE A 1 141 ? 1.001   13.768  7.307   1.00 17.74 ? 141  ILE A N   1 
ATOM   1152 C  CA  . ILE A 1 141 ? 1.978   13.897  8.377   1.00 21.22 ? 141  ILE A CA  1 
ATOM   1153 C  C   . ILE A 1 141 ? 3.063   12.852  8.152   1.00 21.75 ? 141  ILE A C   1 
ATOM   1154 O  O   . ILE A 1 141 ? 4.255   13.136  8.276   1.00 20.85 ? 141  ILE A O   1 
ATOM   1155 C  CB  . ILE A 1 141 ? 1.336   13.653  9.760   1.00 22.11 ? 141  ILE A CB  1 
ATOM   1156 C  CG1 . ILE A 1 141 ? 0.156   14.606  9.957   1.00 24.59 ? 141  ILE A CG1 1 
ATOM   1157 C  CG2 . ILE A 1 141 ? 2.365   13.862  10.862  1.00 22.75 ? 141  ILE A CG2 1 
ATOM   1158 C  CD1 . ILE A 1 141 ? 0.540   16.051  9.955   1.00 25.67 ? 141  ILE A CD1 1 
ATOM   1159 N  N   . LYS A 1 142 ? 2.644   11.639  7.806   1.00 19.63 ? 142  LYS A N   1 
ATOM   1160 C  CA  . LYS A 1 142 ? 3.585   10.550  7.571   1.00 19.96 ? 142  LYS A CA  1 
ATOM   1161 C  C   . LYS A 1 142 ? 2.964   9.497   6.670   1.00 19.53 ? 142  LYS A C   1 
ATOM   1162 O  O   . LYS A 1 142 ? 1.774   9.212   6.772   1.00 17.99 ? 142  LYS A O   1 
ATOM   1163 C  CB  . LYS A 1 142 ? 3.974   9.906   8.905   1.00 19.53 ? 142  LYS A CB  1 
ATOM   1164 C  CG  . LYS A 1 142 ? 4.967   8.757   8.802   1.00 22.27 ? 142  LYS A CG  1 
ATOM   1165 C  CD  . LYS A 1 142 ? 5.258   8.173   10.178  1.00 22.69 ? 142  LYS A CD  1 
ATOM   1166 C  CE  . LYS A 1 142 ? 6.306   7.070   10.102  1.00 21.72 ? 142  LYS A CE  1 
ATOM   1167 N  NZ  . LYS A 1 142 ? 6.534   6.453   11.437  1.00 20.32 ? 142  LYS A NZ  1 
ATOM   1168 N  N   . GLU A 1 143 ? 3.768   8.940   5.773   1.00 18.91 ? 143  GLU A N   1 
ATOM   1169 C  CA  . GLU A 1 143 ? 3.299   7.877   4.896   1.00 20.28 ? 143  GLU A CA  1 
ATOM   1170 C  C   . GLU A 1 143 ? 4.494   7.059   4.443   1.00 20.52 ? 143  GLU A C   1 
ATOM   1171 O  O   . GLU A 1 143 ? 5.067   7.308   3.387   1.00 21.31 ? 143  GLU A O   1 
ATOM   1172 C  CB  . GLU A 1 143 ? 2.559   8.423   3.674   1.00 21.43 ? 143  GLU A CB  1 
ATOM   1173 C  CG  . GLU A 1 143 ? 1.835   7.311   2.921   1.00 23.22 ? 143  GLU A CG  1 
ATOM   1174 C  CD  . GLU A 1 143 ? 1.126   7.792   1.673   1.00 27.92 ? 143  GLU A CD  1 
ATOM   1175 O  OE1 . GLU A 1 143 ? 1.798   7.955   0.634   1.00 31.42 ? 143  GLU A OE1 1 
ATOM   1176 O  OE2 . GLU A 1 143 ? -0.103  8.010   1.736   1.00 27.34 ? 143  GLU A OE2 1 
ATOM   1177 N  N   . SER A 1 144 ? 4.865   6.083   5.260   1.00 19.68 ? 144  SER A N   1 
ATOM   1178 C  CA  . SER A 1 144 ? 6.004   5.224   4.965   1.00 18.97 ? 144  SER A CA  1 
ATOM   1179 C  C   . SER A 1 144 ? 5.601   3.765   5.155   1.00 18.40 ? 144  SER A C   1 
ATOM   1180 O  O   . SER A 1 144 ? 6.133   3.070   6.025   1.00 17.19 ? 144  SER A O   1 
ATOM   1181 C  CB  . SER A 1 144 ? 7.160   5.572   5.904   1.00 20.18 ? 144  SER A CB  1 
ATOM   1182 O  OG  . SER A 1 144 ? 7.476   6.952   5.825   1.00 22.41 ? 144  SER A OG  1 
ATOM   1183 N  N   . PRO A 1 145 ? 4.665   3.278   4.325   1.00 18.62 ? 145  PRO A N   1 
ATOM   1184 C  CA  . PRO A 1 145 ? 4.199   1.893   4.419   1.00 19.94 ? 145  PRO A CA  1 
ATOM   1185 C  C   . PRO A 1 145 ? 5.328   0.875   4.276   1.00 19.31 ? 145  PRO A C   1 
ATOM   1186 O  O   . PRO A 1 145 ? 5.191   -0.274  4.692   1.00 20.54 ? 145  PRO A O   1 
ATOM   1187 C  CB  . PRO A 1 145 ? 3.169   1.799   3.295   1.00 19.32 ? 145  PRO A CB  1 
ATOM   1188 C  CG  . PRO A 1 145 ? 3.710   2.752   2.268   1.00 21.32 ? 145  PRO A CG  1 
ATOM   1189 C  CD  . PRO A 1 145 ? 4.132   3.933   3.115   1.00 20.76 ? 145  PRO A CD  1 
ATOM   1190 N  N   . ASN A 1 146 ? 6.442   1.311   3.695   1.00 20.93 ? 146  ASN A N   1 
ATOM   1191 C  CA  . ASN A 1 146 ? 7.604   0.446   3.491   1.00 21.16 ? 146  ASN A CA  1 
ATOM   1192 C  C   . ASN A 1 146 ? 8.296   0.082   4.800   1.00 21.84 ? 146  ASN A C   1 
ATOM   1193 O  O   . ASN A 1 146 ? 8.989   -0.934  4.879   1.00 21.20 ? 146  ASN A O   1 
ATOM   1194 C  CB  . ASN A 1 146 ? 8.617   1.134   2.578   1.00 19.22 ? 146  ASN A CB  1 
ATOM   1195 C  CG  . ASN A 1 146 ? 9.024   2.497   3.093   1.00 22.07 ? 146  ASN A CG  1 
ATOM   1196 O  OD1 . ASN A 1 146 ? 8.182   3.387   3.249   1.00 21.03 ? 146  ASN A OD1 1 
ATOM   1197 N  ND2 . ASN A 1 146 ? 10.314  2.673   3.362   1.00 17.74 ? 146  ASN A ND2 1 
ATOM   1198 N  N   . ILE A 1 147 ? 8.129   0.916   5.822   1.00 21.43 ? 147  ILE A N   1 
ATOM   1199 C  CA  . ILE A 1 147 ? 8.757   0.643   7.108   1.00 22.39 ? 147  ILE A CA  1 
ATOM   1200 C  C   . ILE A 1 147 ? 7.963   -0.367  7.924   1.00 22.63 ? 147  ILE A C   1 
ATOM   1201 O  O   . ILE A 1 147 ? 6.926   -0.040  8.510   1.00 22.33 ? 147  ILE A O   1 
ATOM   1202 C  CB  . ILE A 1 147 ? 8.933   1.931   7.930   1.00 24.53 ? 147  ILE A CB  1 
ATOM   1203 C  CG1 . ILE A 1 147 ? 9.733   2.948   7.119   1.00 25.74 ? 147  ILE A CG1 1 
ATOM   1204 C  CG2 . ILE A 1 147 ? 9.652   1.621   9.236   1.00 24.86 ? 147  ILE A CG2 1 
ATOM   1205 C  CD1 . ILE A 1 147 ? 11.029  2.390   6.559   1.00 30.17 ? 147  ILE A CD1 1 
ATOM   1206 N  N   . VAL A 1 148 ? 8.461   -1.598  7.957   1.00 21.05 ? 148  VAL A N   1 
ATOM   1207 C  CA  . VAL A 1 148 ? 7.805   -2.673  8.687   1.00 21.84 ? 148  VAL A CA  1 
ATOM   1208 C  C   . VAL A 1 148 ? 8.599   -3.112  9.912   1.00 23.04 ? 148  VAL A C   1 
ATOM   1209 O  O   . VAL A 1 148 ? 8.088   -3.844  10.758  1.00 24.62 ? 148  VAL A O   1 
ATOM   1210 C  CB  . VAL A 1 148 ? 7.570   -3.896  7.778   1.00 21.28 ? 148  VAL A CB  1 
ATOM   1211 C  CG1 . VAL A 1 148 ? 6.568   -3.542  6.686   1.00 22.75 ? 148  VAL A CG1 1 
ATOM   1212 C  CG2 . VAL A 1 148 ? 8.878   -4.344  7.167   1.00 22.92 ? 148  VAL A CG2 1 
ATOM   1213 N  N   . ILE A 1 149 ? 9.848   -2.666  9.999   1.00 23.36 ? 149  ILE A N   1 
ATOM   1214 C  CA  . ILE A 1 149 ? 10.714  -2.995  11.128  1.00 23.86 ? 149  ILE A CA  1 
ATOM   1215 C  C   . ILE A 1 149 ? 11.150  -1.675  11.759  1.00 25.54 ? 149  ILE A C   1 
ATOM   1216 O  O   . ILE A 1 149 ? 11.904  -0.909  11.160  1.00 24.03 ? 149  ILE A O   1 
ATOM   1217 C  CB  . ILE A 1 149 ? 11.947  -3.799  10.657  1.00 23.65 ? 149  ILE A CB  1 
ATOM   1218 C  CG1 . ILE A 1 149 ? 11.481  -5.110  10.017  1.00 23.89 ? 149  ILE A CG1 1 
ATOM   1219 C  CG2 . ILE A 1 149 ? 12.870  -4.100  11.832  1.00 23.54 ? 149  ILE A CG2 1 
ATOM   1220 C  CD1 . ILE A 1 149 ? 12.567  -5.869  9.288   1.00 25.16 ? 149  ILE A CD1 1 
ATOM   1221 N  N   . PHE A 1 150 ? 10.662  -1.404  12.965  1.00 27.61 ? 150  PHE A N   1 
ATOM   1222 C  CA  . PHE A 1 150 ? 10.994  -0.155  13.643  1.00 29.79 ? 150  PHE A CA  1 
ATOM   1223 C  C   . PHE A 1 150 ? 12.170  -0.285  14.602  1.00 31.61 ? 150  PHE A C   1 
ATOM   1224 O  O   . PHE A 1 150 ? 12.420  0.690   15.344  1.00 34.12 ? 150  PHE A O   1 
ATOM   1225 C  CB  . PHE A 1 150 ? 9.767   0.381   14.397  1.00 28.96 ? 150  PHE A CB  1 
ATOM   1226 C  CG  . PHE A 1 150 ? 8.633   0.796   13.498  1.00 30.37 ? 150  PHE A CG  1 
ATOM   1227 C  CD1 . PHE A 1 150 ? 7.908   -0.154  12.778  1.00 29.21 ? 150  PHE A CD1 1 
ATOM   1228 C  CD2 . PHE A 1 150 ? 8.301   2.141   13.350  1.00 29.88 ? 150  PHE A CD2 1 
ATOM   1229 C  CE1 . PHE A 1 150 ? 6.876   0.231   11.925  1.00 27.88 ? 150  PHE A CE1 1 
ATOM   1230 C  CE2 . PHE A 1 150 ? 7.269   2.536   12.499  1.00 28.14 ? 150  PHE A CE2 1 
ATOM   1231 C  CZ  . PHE A 1 150 ? 6.555   1.580   11.784  1.00 28.48 ? 150  PHE A CZ  1 
ATOM   1232 O  OXT . PHE A 1 150 ? 12.835  -1.346  14.590  1.00 33.61 ? 150  PHE A OXT 1 
HETATM 1233 MG MG  . MG  B 2 .   ? 7.784   1.155   -2.335  1.00 55.94 ? 1001 MG  A MG  1 
HETATM 1234 O  O   . HOH C 3 .   ? -14.704 2.913   8.081   1.00 18.80 ? 1002 HOH A O   1 
HETATM 1235 O  O   . HOH C 3 .   ? -12.245 20.343  -3.939  1.00 17.83 ? 1003 HOH A O   1 
HETATM 1236 O  O   . HOH C 3 .   ? -11.106 6.972   -1.615  1.00 17.51 ? 1004 HOH A O   1 
HETATM 1237 O  O   . HOH C 3 .   ? -22.996 -9.103  1.555   1.00 15.48 ? 1005 HOH A O   1 
HETATM 1238 O  O   . HOH C 3 .   ? -20.540 -2.806  5.131   1.00 17.91 ? 1006 HOH A O   1 
HETATM 1239 O  O   . HOH C 3 .   ? -6.229  16.251  -1.063  1.00 17.41 ? 1007 HOH A O   1 
HETATM 1240 O  O   . HOH C 3 .   ? 19.976  -3.449  10.438  1.00 20.23 ? 1008 HOH A O   1 
HETATM 1241 O  O   . HOH C 3 .   ? -12.747 4.827   -13.187 1.00 19.77 ? 1009 HOH A O   1 
HETATM 1242 O  O   . HOH C 3 .   ? -22.157 -12.090 1.945   1.00 26.95 ? 1010 HOH A O   1 
HETATM 1243 O  O   . HOH C 3 .   ? -19.815 -11.339 0.772   1.00 21.64 ? 1011 HOH A O   1 
HETATM 1244 O  O   . HOH C 3 .   ? -8.600  19.954  -7.556  1.00 24.34 ? 1012 HOH A O   1 
HETATM 1245 O  O   . HOH C 3 .   ? -28.433 -4.490  3.940   1.00 20.32 ? 1013 HOH A O   1 
HETATM 1246 O  O   . HOH C 3 .   ? 8.473   -5.582  12.694  1.00 25.11 ? 1014 HOH A O   1 
HETATM 1247 O  O   . HOH C 3 .   ? -22.793 -1.919  6.063   1.00 31.88 ? 1015 HOH A O   1 
HETATM 1248 O  O   . HOH C 3 .   ? -2.919  18.644  -9.367  1.00 28.17 ? 1016 HOH A O   1 
HETATM 1249 O  O   . HOH C 3 .   ? 6.707   5.366   14.051  1.00 26.91 ? 1017 HOH A O   1 
HETATM 1250 O  O   . HOH C 3 .   ? -17.008 12.647  7.549   1.00 24.81 ? 1018 HOH A O   1 
HETATM 1251 O  O   . HOH C 3 .   ? -4.071  8.038   -0.465  1.00 31.62 ? 1019 HOH A O   1 
HETATM 1252 O  O   . HOH C 3 .   ? -4.224  8.374   -9.977  1.00 23.92 ? 1020 HOH A O   1 
HETATM 1253 O  O   . HOH C 3 .   ? -16.460 -7.961  -7.802  1.00 27.64 ? 1021 HOH A O   1 
HETATM 1254 O  O   . HOH C 3 .   ? 17.911  -15.628 4.685   1.00 26.05 ? 1022 HOH A O   1 
HETATM 1255 O  O   . HOH C 3 .   ? 11.372  5.367   4.239   1.00 30.73 ? 1023 HOH A O   1 
HETATM 1256 O  O   . HOH C 3 .   ? 6.485   9.799   5.661   1.00 29.89 ? 1024 HOH A O   1 
HETATM 1257 O  O   . HOH C 3 .   ? -16.572 9.982   -17.107 1.00 38.51 ? 1025 HOH A O   1 
HETATM 1258 O  O   . HOH C 3 .   ? -8.465  17.289  -13.982 1.00 30.28 ? 1026 HOH A O   1 
HETATM 1259 O  O   . HOH C 3 .   ? 6.348   4.339   -6.325  1.00 25.29 ? 1027 HOH A O   1 
HETATM 1260 O  O   . HOH C 3 .   ? -1.511  9.078   -0.110  1.00 30.12 ? 1028 HOH A O   1 
HETATM 1261 O  O   . HOH C 3 .   ? 17.577  4.071   -2.239  1.00 35.37 ? 1029 HOH A O   1 
HETATM 1262 O  O   . HOH C 3 .   ? 8.559   4.990   10.326  1.00 29.30 ? 1030 HOH A O   1 
HETATM 1263 O  O   . HOH C 3 .   ? 0.863   17.048  3.127   1.00 23.84 ? 1031 HOH A O   1 
HETATM 1264 O  O   . HOH C 3 .   ? -15.517 -0.469  -10.225 1.00 30.57 ? 1032 HOH A O   1 
HETATM 1265 O  O   . HOH C 3 .   ? -22.486 7.796   -11.213 1.00 28.77 ? 1033 HOH A O   1 
HETATM 1266 O  O   . HOH C 3 .   ? -2.132  6.061   -6.106  1.00 36.90 ? 1034 HOH A O   1 
HETATM 1267 O  O   . HOH C 3 .   ? -22.546 -2.688  8.324   1.00 32.72 ? 1035 HOH A O   1 
HETATM 1268 O  O   . HOH C 3 .   ? 5.497   -2.715  11.776  1.00 29.15 ? 1036 HOH A O   1 
HETATM 1269 O  O   . HOH C 3 .   ? -23.761 -11.261 -4.614  1.00 33.51 ? 1037 HOH A O   1 
HETATM 1270 O  O   . HOH C 3 .   ? -29.938 -6.461  2.239   1.00 31.45 ? 1038 HOH A O   1 
HETATM 1271 O  O   . HOH C 3 .   ? -9.386  21.532  -9.742  1.00 29.07 ? 1039 HOH A O   1 
HETATM 1272 O  O   . HOH C 3 .   ? -13.381 -8.260  -1.336  1.00 29.31 ? 1040 HOH A O   1 
HETATM 1273 O  O   . HOH C 3 .   ? 18.343  -17.784 8.000   1.00 47.21 ? 1041 HOH A O   1 
HETATM 1274 O  O   . HOH C 3 .   ? 6.432   3.485   8.828   1.00 39.03 ? 1042 HOH A O   1 
HETATM 1275 O  O   . HOH C 3 .   ? -17.883 4.473   8.248   1.00 38.73 ? 1043 HOH A O   1 
HETATM 1276 O  O   . HOH C 3 .   ? 23.856  -16.202 -3.542  1.00 37.73 ? 1044 HOH A O   1 
HETATM 1277 O  O   . HOH C 3 .   ? -28.057 -0.918  -1.511  1.00 35.00 ? 1045 HOH A O   1 
HETATM 1278 O  O   . HOH C 3 .   ? -15.580 -10.294 -7.184  1.00 44.73 ? 1046 HOH A O   1 
HETATM 1279 O  O   . HOH C 3 .   ? 24.567  0.050   4.588   1.00 43.19 ? 1047 HOH A O   1 
HETATM 1280 O  O   . HOH C 3 .   ? -6.035  19.365  -6.658  1.00 39.65 ? 1048 HOH A O   1 
HETATM 1281 O  O   . HOH C 3 .   ? 13.610  -16.880 4.668   1.00 50.33 ? 1049 HOH A O   1 
HETATM 1282 O  O   . HOH C 3 .   ? 3.625   5.677   -0.640  1.00 40.78 ? 1050 HOH A O   1 
HETATM 1283 O  O   . HOH C 3 .   ? -26.191 0.701   -11.653 1.00 44.39 ? 1051 HOH A O   1 
HETATM 1284 O  O   . HOH C 3 .   ? 3.299   17.618  6.273   1.00 48.70 ? 1052 HOH A O   1 
HETATM 1285 O  O   . HOH C 3 .   ? 8.844   6.232   3.265   1.00 39.22 ? 1053 HOH A O   1 
HETATM 1286 O  O   . HOH C 3 .   ? 24.658  -16.666 8.179   1.00 36.16 ? 1054 HOH A O   1 
HETATM 1287 O  O   . HOH C 3 .   ? -21.739 -0.117  10.522  1.00 39.42 ? 1055 HOH A O   1 
HETATM 1288 O  O   . HOH C 3 .   ? -14.724 14.611  -16.134 1.00 48.14 ? 1056 HOH A O   1 
HETATM 1289 O  O   . HOH C 3 .   ? -23.493 -4.482  -9.143  1.00 43.46 ? 1057 HOH A O   1 
HETATM 1290 O  O   . HOH C 3 .   ? -10.327 -6.451  -7.832  1.00 45.63 ? 1058 HOH A O   1 
HETATM 1291 O  O   . HOH C 3 .   ? 26.205  -16.181 -2.258  1.00 33.14 ? 1059 HOH A O   1 
HETATM 1292 O  O   . HOH C 3 .   ? 28.146  0.051   5.718   1.00 32.93 ? 1060 HOH A O   1 
HETATM 1293 O  O   . HOH C 3 .   ? 9.319   17.281  -8.724  1.00 38.99 ? 1061 HOH A O   1 
HETATM 1294 O  O   . HOH C 3 .   ? -14.832 5.601   11.944  1.00 41.18 ? 1062 HOH A O   1 
HETATM 1295 O  O   . HOH C 3 .   ? -19.390 -13.252 -6.395  1.00 48.46 ? 1063 HOH A O   1 
HETATM 1296 O  O   . HOH C 3 .   ? 15.259  -14.023 -6.863  1.00 43.50 ? 1064 HOH A O   1 
HETATM 1297 O  O   . HOH C 3 .   ? -6.065  6.537   -14.737 1.00 40.76 ? 1065 HOH A O   1 
HETATM 1298 O  O   . HOH C 3 .   ? -3.626  10.464  -11.585 1.00 43.06 ? 1066 HOH A O   1 
HETATM 1299 O  O   . HOH C 3 .   ? -0.442  19.427  -8.569  1.00 33.17 ? 1067 HOH A O   1 
HETATM 1300 O  O   . HOH C 3 .   ? 19.603  -18.385 -1.570  1.00 45.97 ? 1068 HOH A O   1 
HETATM 1301 O  O   . HOH C 3 .   ? -17.330 9.361   -14.661 1.00 49.88 ? 1069 HOH A O   1 
HETATM 1302 O  O   . HOH C 3 .   ? -21.172 -6.645  -4.531  1.00 39.46 ? 1070 HOH A O   1 
HETATM 1303 O  O   . HOH C 3 .   ? 19.352  -4.939  -3.056  1.00 43.42 ? 1071 HOH A O   1 
HETATM 1304 O  O   . HOH C 3 .   ? 31.888  -8.820  5.921   1.00 34.01 ? 1072 HOH A O   1 
HETATM 1305 O  O   . HOH C 3 .   ? -9.121  19.997  -13.553 1.00 48.80 ? 1073 HOH A O   1 
HETATM 1306 O  O   . HOH C 3 .   ? 19.081  6.000   1.957   1.00 45.42 ? 1074 HOH A O   1 
HETATM 1307 O  O   . HOH C 3 .   ? -9.533  21.431  -5.426  1.00 27.26 ? 1075 HOH A O   1 
HETATM 1308 O  O   . HOH C 3 .   ? -5.267  7.034   -11.862 1.00 36.69 ? 1076 HOH A O   1 
HETATM 1309 O  O   . HOH C 3 .   ? 0.171   11.047  -1.423  1.00 33.06 ? 1077 HOH A O   1 
HETATM 1310 O  O   . HOH C 3 .   ? -7.985  5.519   -16.030 1.00 36.84 ? 1078 HOH A O   1 
HETATM 1311 O  O   . HOH C 3 .   ? 11.572  6.508   6.556   1.00 48.77 ? 1079 HOH A O   1 
HETATM 1312 O  O   . HOH C 3 .   ? 9.175   6.971   7.966   1.00 44.69 ? 1080 HOH A O   1 
HETATM 1313 O  O   . HOH C 3 .   ? 0.135   13.753  -2.482  1.00 39.83 ? 1081 HOH A O   1 
HETATM 1314 O  O   . HOH C 3 .   ? -19.249 6.919   7.668   1.00 37.57 ? 1082 HOH A O   1 
HETATM 1315 O  O   . HOH C 3 .   ? 10.803  4.553   11.430  1.00 33.72 ? 1083 HOH A O   1 
HETATM 1316 O  O   . HOH C 3 .   ? -9.284  -8.015  -5.494  1.00 44.38 ? 1084 HOH A O   1 
HETATM 1317 O  O   . HOH C 3 .   ? 29.020  -17.484 6.740   1.00 42.30 ? 1085 HOH A O   1 
HETATM 1318 O  O   . HOH C 3 .   ? 12.766  1.590   11.611  1.00 46.80 ? 1086 HOH A O   1 
HETATM 1319 O  O   . HOH C 3 .   ? 8.634   8.719   11.924  1.00 38.73 ? 1087 HOH A O   1 
HETATM 1320 O  O   . HOH C 3 .   ? 1.531   -13.466 -3.574  1.00 49.69 ? 1088 HOH A O   1 
HETATM 1321 O  O   . HOH C 3 .   ? -10.898 5.780   -15.229 1.00 41.22 ? 1089 HOH A O   1 
HETATM 1322 O  O   . HOH C 3 .   ? 28.750  -4.652  -3.681  1.00 45.25 ? 1090 HOH A O   1 
HETATM 1323 O  O   . HOH C 3 .   ? 23.651  -9.975  13.908  1.00 50.06 ? 1091 HOH A O   1 
HETATM 1324 O  O   . HOH C 3 .   ? -17.287 -2.627  -11.262 1.00 49.83 ? 1092 HOH A O   1 
HETATM 1325 O  O   . HOH C 3 .   ? -18.218 -12.570 2.538   1.00 48.20 ? 1093 HOH A O   1 
HETATM 1326 O  O   . HOH C 3 .   ? -11.176 23.429  -12.316 1.00 51.88 ? 1094 HOH A O   1 
HETATM 1327 O  O   . HOH C 3 .   ? 28.945  -11.514 12.700  1.00 44.04 ? 1095 HOH A O   1 
HETATM 1328 O  O   . HOH C 3 .   ? -4.085  21.264  -9.824  1.00 47.11 ? 1096 HOH A O   1 
HETATM 1329 O  O   . HOH C 3 .   ? -14.693 -7.093  -9.688  1.00 47.03 ? 1097 HOH A O   1 
HETATM 1330 O  O   . HOH C 3 .   ? 17.726  -19.012 -8.244  1.00 46.83 ? 1098 HOH A O   1 
HETATM 1331 O  O   . HOH C 3 .   ? 18.621  -11.806 -6.334  1.00 47.38 ? 1099 HOH A O   1 
HETATM 1332 O  O   . HOH C 3 .   ? 18.071  1.048   9.553   1.00 51.44 ? 1100 HOH A O   1 
HETATM 1333 O  O   . HOH C 3 .   ? 22.829  -4.922  -5.027  1.00 47.15 ? 1101 HOH A O   1 
HETATM 1334 O  O   . HOH C 3 .   ? 26.390  0.425   10.676  1.00 49.32 ? 1102 HOH A O   1 
HETATM 1335 O  O   . HOH C 3 .   ? 31.021  -12.507 -3.250  1.00 50.80 ? 1103 HOH A O   1 
HETATM 1336 O  O   . HOH C 3 .   ? 8.680   -20.003 5.561   1.00 43.39 ? 1104 HOH A O   1 
HETATM 1337 O  O   . HOH C 3 .   ? 10.326  -17.281 6.517   1.00 50.01 ? 1105 HOH A O   1 
HETATM 1338 O  O   . HOH C 3 .   ? 7.159   -11.758 -5.757  1.00 54.42 ? 1106 HOH A O   1 
HETATM 1339 O  O   . HOH C 3 .   ? -12.398 5.782   9.471   1.00 50.16 ? 1107 HOH A O   1 
HETATM 1340 O  O   . HOH C 3 .   ? -24.973 -1.780  4.981   1.00 40.33 ? 1108 HOH A O   1 
HETATM 1341 O  O   . HOH C 3 .   ? -14.793 -9.129  3.005   1.00 48.15 ? 1109 HOH A O   1 
HETATM 1342 O  O   . HOH C 3 .   ? -27.319 4.690   10.418  1.00 60.44 ? 1110 HOH A O   1 
HETATM 1343 O  O   . HOH C 3 .   ? -20.150 5.653   4.792   1.00 31.90 ? 1111 HOH A O   1 
HETATM 1344 O  O   . HOH C 3 .   ? -1.597  16.188  -0.156  1.00 46.62 ? 1112 HOH A O   1 
HETATM 1345 O  O   . HOH C 3 .   ? 5.512   12.372  3.916   1.00 45.20 ? 1113 HOH A O   1 
HETATM 1346 O  O   . HOH C 3 .   ? 0.778   19.759  2.617   1.00 47.57 ? 1114 HOH A O   1 
HETATM 1347 O  O   . HOH C 3 .   ? -11.432 -10.157 -1.731  1.00 48.98 ? 1115 HOH A O   1 
HETATM 1348 O  O   . HOH C 3 .   ? -20.106 -14.882 -8.073  1.00 49.28 ? 1116 HOH A O   1 
# 
loop_
_pdbx_poly_seq_scheme.asym_id 
_pdbx_poly_seq_scheme.entity_id 
_pdbx_poly_seq_scheme.seq_id 
_pdbx_poly_seq_scheme.mon_id 
_pdbx_poly_seq_scheme.ndb_seq_num 
_pdbx_poly_seq_scheme.pdb_seq_num 
_pdbx_poly_seq_scheme.auth_seq_num 
_pdbx_poly_seq_scheme.pdb_mon_id 
_pdbx_poly_seq_scheme.auth_mon_id 
_pdbx_poly_seq_scheme.pdb_strand_id 
_pdbx_poly_seq_scheme.pdb_ins_code 
_pdbx_poly_seq_scheme.hetero 
A 1 1   MET 1   1   1   MET MET A . n 
A 1 2   ASP 2   2   2   ASP ASP A . n 
A 1 3   GLU 3   3   3   GLU GLU A . n 
A 1 4   ILE 4   4   4   ILE ILE A . n 
A 1 5   ASP 5   5   5   ASP ASP A . n 
A 1 6   LEU 6   6   6   LEU LEU A . n 
A 1 7   ARG 7   7   7   ARG ARG A . n 
A 1 8   ILE 8   8   8   ILE ILE A . n 
A 1 9   LEU 9   9   9   LEU LEU A . n 
A 1 10  LYS 10  10  10  LYS LYS A . n 
A 1 11  ILE 11  11  11  ILE ILE A . n 
A 1 12  LEU 12  12  12  LEU LEU A . n 
A 1 13  GLN 13  13  13  GLN GLN A . n 
A 1 14  TYR 14  14  14  TYR TYR A . n 
A 1 15  ASN 15  15  15  ASN ASN A . n 
A 1 16  ALA 16  16  16  ALA ALA A . n 
A 1 17  LYS 17  17  17  LYS LYS A . n 
A 1 18  TYR 18  18  18  TYR TYR A . n 
A 1 19  SER 19  19  19  SER SER A . n 
A 1 20  LEU 20  20  20  LEU LEU A . n 
A 1 21  ASP 21  21  21  ASP ASP A . n 
A 1 22  GLU 22  22  22  GLU GLU A . n 
A 1 23  ILE 23  23  23  ILE ILE A . n 
A 1 24  ALA 24  24  24  ALA ALA A . n 
A 1 25  ARG 25  25  25  ARG ARG A . n 
A 1 26  GLU 26  26  26  GLU GLU A . n 
A 1 27  ILE 27  27  27  ILE ILE A . n 
A 1 28  ARG 28  28  28  ARG ARG A . n 
A 1 29  ILE 29  29  29  ILE ILE A . n 
A 1 30  PRO 30  30  30  PRO PRO A . n 
A 1 31  LYS 31  31  31  LYS LYS A . n 
A 1 32  ALA 32  32  32  ALA ALA A . n 
A 1 33  THR 33  33  33  THR THR A . n 
A 1 34  LEU 34  34  34  LEU LEU A . n 
A 1 35  SER 35  35  35  SER SER A . n 
A 1 36  TYR 36  36  36  TYR TYR A . n 
A 1 37  ARG 37  37  37  ARG ARG A . n 
A 1 38  ILE 38  38  38  ILE ILE A . n 
A 1 39  LYS 39  39  39  LYS LYS A . n 
A 1 40  LYS 40  40  40  LYS LYS A . n 
A 1 41  LEU 41  41  41  LEU LEU A . n 
A 1 42  GLU 42  42  42  GLU GLU A . n 
A 1 43  LYS 43  43  43  LYS LYS A . n 
A 1 44  ASP 44  44  44  ASP ASP A . n 
A 1 45  GLY 45  45  45  GLY GLY A . n 
A 1 46  VAL 46  46  46  VAL VAL A . n 
A 1 47  ILE 47  47  47  ILE ILE A . n 
A 1 48  LYS 48  48  48  LYS LYS A . n 
A 1 49  GLY 49  49  49  GLY GLY A . n 
A 1 50  TYR 50  50  50  TYR TYR A . n 
A 1 51  TYR 51  51  51  TYR TYR A . n 
A 1 52  ALA 52  52  52  ALA ALA A . n 
A 1 53  TYR 53  53  53  TYR TYR A . n 
A 1 54  ILE 54  54  54  ILE ILE A . n 
A 1 55  ASN 55  55  55  ASN ASN A . n 
A 1 56  PRO 56  56  56  PRO PRO A . n 
A 1 57  ALA 57  57  57  ALA ALA A . n 
A 1 58  SER 58  58  58  SER SER A . n 
A 1 59  LEU 59  59  59  LEU LEU A . n 
A 1 60  ASN 60  60  60  ASN ASN A . n 
A 1 61  LEU 61  61  61  LEU LEU A . n 
A 1 62  ASP 62  62  62  ASP ASP A . n 
A 1 63  TYR 63  63  63  TYR TYR A . n 
A 1 64  ILE 64  64  64  ILE ILE A . n 
A 1 65  VAL 65  65  65  VAL VAL A . n 
A 1 66  ILE 66  66  66  ILE ILE A . n 
A 1 67  THR 67  67  67  THR THR A . n 
A 1 68  SER 68  68  68  SER SER A . n 
A 1 69  VAL 69  69  69  VAL VAL A . n 
A 1 70  LYS 70  70  70  LYS LYS A . n 
A 1 71  ALA 71  71  71  ALA ALA A . n 
A 1 72  LYS 72  72  72  LYS LYS A . n 
A 1 73  TYR 73  73  73  TYR TYR A . n 
A 1 74  GLY 74  74  74  GLY GLY A . n 
A 1 75  LYS 75  75  75  LYS LYS A . n 
A 1 76  ASN 76  76  76  ASN ASN A . n 
A 1 77  TYR 77  77  77  TYR TYR A . n 
A 1 78  HIS 78  78  78  HIS HIS A . n 
A 1 79  VAL 79  79  79  VAL VAL A . n 
A 1 80  GLU 80  80  80  GLU GLU A . n 
A 1 81  LEU 81  81  81  LEU LEU A . n 
A 1 82  GLY 82  82  82  GLY GLY A . n 
A 1 83  ASN 83  83  83  ASN ASN A . n 
A 1 84  LYS 84  84  84  LYS LYS A . n 
A 1 85  LEU 85  85  85  LEU LEU A . n 
A 1 86  ALA 86  86  86  ALA ALA A . n 
A 1 87  GLN 87  87  87  GLN GLN A . n 
A 1 88  ILE 88  88  88  ILE ILE A . n 
A 1 89  PRO 89  89  89  PRO PRO A . n 
A 1 90  GLY 90  90  90  GLY GLY A . n 
A 1 91  VAL 91  91  91  VAL VAL A . n 
A 1 92  TRP 92  92  92  TRP TRP A . n 
A 1 93  GLY 93  93  93  GLY GLY A . n 
A 1 94  VAL 94  94  94  VAL VAL A . n 
A 1 95  TYR 95  95  95  TYR TYR A . n 
A 1 96  PHE 96  96  96  PHE PHE A . n 
A 1 97  VAL 97  97  97  VAL VAL A . n 
A 1 98  LEU 98  98  98  LEU LEU A . n 
A 1 99  GLY 99  99  99  GLY GLY A . n 
A 1 100 ASP 100 100 100 ASP ASP A . n 
A 1 101 ASN 101 101 101 ASN ASN A . n 
A 1 102 ASP 102 102 102 ASP ASP A . n 
A 1 103 PHE 103 103 103 PHE PHE A . n 
A 1 104 ILE 104 104 104 ILE ILE A . n 
A 1 105 VAL 105 105 105 VAL VAL A . n 
A 1 106 MET 106 106 106 MET MET A . n 
A 1 107 ALA 107 107 107 ALA ALA A . n 
A 1 108 ARG 108 108 108 ARG ARG A . n 
A 1 109 TYR 109 109 109 TYR TYR A . n 
A 1 110 LYS 110 110 110 LYS LYS A . n 
A 1 111 THR 111 111 111 THR THR A . n 
A 1 112 ARG 112 112 112 ARG ARG A . n 
A 1 113 GLU 113 113 113 GLU GLU A . n 
A 1 114 GLU 114 114 114 GLU GLU A . n 
A 1 115 PHE 115 115 115 PHE PHE A . n 
A 1 116 MET 116 116 116 MET MET A . n 
A 1 117 GLU 117 117 117 GLU GLU A . n 
A 1 118 LYS 118 118 118 LYS LYS A . n 
A 1 119 PHE 119 119 119 PHE PHE A . n 
A 1 120 LEU 120 120 120 LEU LEU A . n 
A 1 121 GLU 121 121 121 GLU GLU A . n 
A 1 122 ARG 122 122 122 ARG ARG A . n 
A 1 123 VAL 123 123 123 VAL VAL A . n 
A 1 124 MET 124 124 124 MET MET A . n 
A 1 125 SER 125 125 125 SER SER A . n 
A 1 126 ILE 126 126 126 ILE ILE A . n 
A 1 127 PRO 127 127 127 PRO PRO A . n 
A 1 128 GLU 128 128 128 GLU GLU A . n 
A 1 129 VAL 129 129 129 VAL VAL A . n 
A 1 130 GLU 130 130 130 GLU GLU A . n 
A 1 131 ARG 131 131 131 ARG ARG A . n 
A 1 132 THR 132 132 132 THR THR A . n 
A 1 133 SER 133 133 133 SER SER A . n 
A 1 134 THR 134 134 134 THR THR A . n 
A 1 135 GLN 135 135 135 GLN GLN A . n 
A 1 136 VAL 136 136 136 VAL VAL A . n 
A 1 137 VAL 137 137 137 VAL VAL A . n 
A 1 138 VAL 138 138 138 VAL VAL A . n 
A 1 139 LYS 139 139 139 LYS LYS A . n 
A 1 140 ILE 140 140 140 ILE ILE A . n 
A 1 141 ILE 141 141 141 ILE ILE A . n 
A 1 142 LYS 142 142 142 LYS LYS A . n 
A 1 143 GLU 143 143 143 GLU GLU A . n 
A 1 144 SER 144 144 144 SER SER A . n 
A 1 145 PRO 145 145 145 PRO PRO A . n 
A 1 146 ASN 146 146 146 ASN ASN A . n 
A 1 147 ILE 147 147 147 ILE ILE A . n 
A 1 148 VAL 148 148 148 VAL VAL A . n 
A 1 149 ILE 149 149 149 ILE ILE A . n 
A 1 150 PHE 150 150 150 PHE PHE A . n 
# 
_pdbx_SG_project.id                    1 
_pdbx_SG_project.project_name          'NPPSFA, National Project on Protein Structural and Functional Analyses' 
_pdbx_SG_project.full_name_of_center   'RIKEN Structural Genomics/Proteomics Initiative' 
_pdbx_SG_project.initial_of_center     RSGI 
# 
loop_
_pdbx_nonpoly_scheme.asym_id 
_pdbx_nonpoly_scheme.entity_id 
_pdbx_nonpoly_scheme.mon_id 
_pdbx_nonpoly_scheme.ndb_seq_num 
_pdbx_nonpoly_scheme.pdb_seq_num 
_pdbx_nonpoly_scheme.auth_seq_num 
_pdbx_nonpoly_scheme.pdb_mon_id 
_pdbx_nonpoly_scheme.auth_mon_id 
_pdbx_nonpoly_scheme.pdb_strand_id 
_pdbx_nonpoly_scheme.pdb_ins_code 
B 2 MG  1   1001 1   MG  MG  A . 
C 3 HOH 1   1002 1   HOH HOH A . 
C 3 HOH 2   1003 2   HOH HOH A . 
C 3 HOH 3   1004 3   HOH HOH A . 
C 3 HOH 4   1005 4   HOH HOH A . 
C 3 HOH 5   1006 5   HOH HOH A . 
C 3 HOH 6   1007 6   HOH HOH A . 
C 3 HOH 7   1008 7   HOH HOH A . 
C 3 HOH 8   1009 8   HOH HOH A . 
C 3 HOH 9   1010 9   HOH HOH A . 
C 3 HOH 10  1011 10  HOH HOH A . 
C 3 HOH 11  1012 11  HOH HOH A . 
C 3 HOH 12  1013 12  HOH HOH A . 
C 3 HOH 13  1014 13  HOH HOH A . 
C 3 HOH 14  1015 14  HOH HOH A . 
C 3 HOH 15  1016 15  HOH HOH A . 
C 3 HOH 16  1017 16  HOH HOH A . 
C 3 HOH 17  1018 17  HOH HOH A . 
C 3 HOH 18  1019 18  HOH HOH A . 
C 3 HOH 19  1020 19  HOH HOH A . 
C 3 HOH 20  1021 20  HOH HOH A . 
C 3 HOH 21  1022 21  HOH HOH A . 
C 3 HOH 22  1023 22  HOH HOH A . 
C 3 HOH 23  1024 23  HOH HOH A . 
C 3 HOH 24  1025 24  HOH HOH A . 
C 3 HOH 25  1026 25  HOH HOH A . 
C 3 HOH 26  1027 26  HOH HOH A . 
C 3 HOH 27  1028 27  HOH HOH A . 
C 3 HOH 28  1029 28  HOH HOH A . 
C 3 HOH 29  1030 29  HOH HOH A . 
C 3 HOH 30  1031 30  HOH HOH A . 
C 3 HOH 31  1032 31  HOH HOH A . 
C 3 HOH 32  1033 32  HOH HOH A . 
C 3 HOH 33  1034 33  HOH HOH A . 
C 3 HOH 34  1035 34  HOH HOH A . 
C 3 HOH 35  1036 35  HOH HOH A . 
C 3 HOH 36  1037 36  HOH HOH A . 
C 3 HOH 37  1038 37  HOH HOH A . 
C 3 HOH 38  1039 38  HOH HOH A . 
C 3 HOH 39  1040 39  HOH HOH A . 
C 3 HOH 40  1041 40  HOH HOH A . 
C 3 HOH 41  1042 41  HOH HOH A . 
C 3 HOH 42  1043 42  HOH HOH A . 
C 3 HOH 43  1044 43  HOH HOH A . 
C 3 HOH 44  1045 44  HOH HOH A . 
C 3 HOH 45  1046 45  HOH HOH A . 
C 3 HOH 46  1047 46  HOH HOH A . 
C 3 HOH 47  1048 47  HOH HOH A . 
C 3 HOH 48  1049 48  HOH HOH A . 
C 3 HOH 49  1050 49  HOH HOH A . 
C 3 HOH 50  1051 50  HOH HOH A . 
C 3 HOH 51  1052 51  HOH HOH A . 
C 3 HOH 52  1053 52  HOH HOH A . 
C 3 HOH 53  1054 53  HOH HOH A . 
C 3 HOH 54  1055 54  HOH HOH A . 
C 3 HOH 55  1056 55  HOH HOH A . 
C 3 HOH 56  1057 56  HOH HOH A . 
C 3 HOH 57  1058 57  HOH HOH A . 
C 3 HOH 58  1059 58  HOH HOH A . 
C 3 HOH 59  1060 59  HOH HOH A . 
C 3 HOH 60  1061 60  HOH HOH A . 
C 3 HOH 61  1062 61  HOH HOH A . 
C 3 HOH 62  1063 62  HOH HOH A . 
C 3 HOH 63  1064 63  HOH HOH A . 
C 3 HOH 64  1065 64  HOH HOH A . 
C 3 HOH 65  1066 65  HOH HOH A . 
C 3 HOH 66  1067 66  HOH HOH A . 
C 3 HOH 67  1068 67  HOH HOH A . 
C 3 HOH 68  1069 68  HOH HOH A . 
C 3 HOH 69  1070 69  HOH HOH A . 
C 3 HOH 70  1071 70  HOH HOH A . 
C 3 HOH 71  1072 71  HOH HOH A . 
C 3 HOH 72  1073 72  HOH HOH A . 
C 3 HOH 73  1074 73  HOH HOH A . 
C 3 HOH 74  1075 74  HOH HOH A . 
C 3 HOH 75  1076 75  HOH HOH A . 
C 3 HOH 76  1077 76  HOH HOH A . 
C 3 HOH 77  1078 77  HOH HOH A . 
C 3 HOH 78  1079 78  HOH HOH A . 
C 3 HOH 79  1080 79  HOH HOH A . 
C 3 HOH 80  1081 80  HOH HOH A . 
C 3 HOH 81  1082 81  HOH HOH A . 
C 3 HOH 82  1083 82  HOH HOH A . 
C 3 HOH 83  1084 83  HOH HOH A . 
C 3 HOH 84  1085 84  HOH HOH A . 
C 3 HOH 85  1086 85  HOH HOH A . 
C 3 HOH 86  1087 86  HOH HOH A . 
C 3 HOH 87  1088 87  HOH HOH A . 
C 3 HOH 88  1089 88  HOH HOH A . 
C 3 HOH 89  1090 89  HOH HOH A . 
C 3 HOH 90  1091 90  HOH HOH A . 
C 3 HOH 91  1092 91  HOH HOH A . 
C 3 HOH 92  1093 92  HOH HOH A . 
C 3 HOH 93  1094 93  HOH HOH A . 
C 3 HOH 94  1095 94  HOH HOH A . 
C 3 HOH 95  1096 95  HOH HOH A . 
C 3 HOH 96  1097 96  HOH HOH A . 
C 3 HOH 97  1098 97  HOH HOH A . 
C 3 HOH 98  1099 98  HOH HOH A . 
C 3 HOH 99  1100 99  HOH HOH A . 
C 3 HOH 100 1101 100 HOH HOH A . 
C 3 HOH 101 1102 101 HOH HOH A . 
C 3 HOH 102 1103 102 HOH HOH A . 
C 3 HOH 103 1104 103 HOH HOH A . 
C 3 HOH 104 1105 104 HOH HOH A . 
C 3 HOH 105 1106 105 HOH HOH A . 
C 3 HOH 106 1107 106 HOH HOH A . 
C 3 HOH 107 1108 107 HOH HOH A . 
C 3 HOH 108 1109 108 HOH HOH A . 
C 3 HOH 109 1110 109 HOH HOH A . 
C 3 HOH 110 1111 110 HOH HOH A . 
C 3 HOH 111 1112 111 HOH HOH A . 
C 3 HOH 112 1113 112 HOH HOH A . 
C 3 HOH 113 1114 113 HOH HOH A . 
C 3 HOH 114 1115 114 HOH HOH A . 
C 3 HOH 115 1116 115 HOH HOH A . 
# 
_pdbx_struct_assembly.id                   1 
_pdbx_struct_assembly.details              author_and_software_defined_assembly 
_pdbx_struct_assembly.method_details       PISA,PQS 
_pdbx_struct_assembly.oligomeric_details   octameric 
_pdbx_struct_assembly.oligomeric_count     8 
# 
_pdbx_struct_assembly_gen.assembly_id       1 
_pdbx_struct_assembly_gen.oper_expression   1,2,3,4,5,6,7,8 
_pdbx_struct_assembly_gen.asym_id_list      A,B,C 
# 
loop_
_pdbx_struct_assembly_prop.biol_id 
_pdbx_struct_assembly_prop.type 
_pdbx_struct_assembly_prop.value 
_pdbx_struct_assembly_prop.details 
1 'ABSA (A^2)' 33190 ? 
1 MORE         -202  ? 
1 'SSA (A^2)'  50380 ? 
# 
loop_
_pdbx_struct_oper_list.id 
_pdbx_struct_oper_list.type 
_pdbx_struct_oper_list.name 
_pdbx_struct_oper_list.symmetry_operation 
_pdbx_struct_oper_list.matrix[1][1] 
_pdbx_struct_oper_list.matrix[1][2] 
_pdbx_struct_oper_list.matrix[1][3] 
_pdbx_struct_oper_list.vector[1] 
_pdbx_struct_oper_list.matrix[2][1] 
_pdbx_struct_oper_list.matrix[2][2] 
_pdbx_struct_oper_list.matrix[2][3] 
_pdbx_struct_oper_list.vector[2] 
_pdbx_struct_oper_list.matrix[3][1] 
_pdbx_struct_oper_list.matrix[3][2] 
_pdbx_struct_oper_list.matrix[3][3] 
_pdbx_struct_oper_list.vector[3] 
1 'identity operation'         1_555 x,y,z    1.0000000000  0.0000000000  0.0000000000  0.0000000000   0.0000000000  1.0000000000  0.0000000000  0.0000000000   0.0000000000  0.0000000000  1.0000000000  0.0000000000  
2 'crystal symmetry operation' 2_555 -x,-y,z  -0.4941770954 0.5151900133  0.7002629853  -50.5257547566 0.5151900133  -0.4752694127 0.7132308431  15.5940360611  0.7002629853  0.7132308431  -0.0305534919 25.0237307279 
3 'crystal symmetry operation' 3_555 -y,x,z   0.2529114523  0.9538157001  -0.1620845689 -24.2825442799 -0.4386256868 0.2623652937  0.8595184463  -16.0837749140 0.8623475541  -0.1462876032 0.4847232540  29.3730608685 
4 'crystal symmetry operation' 4_555 y,-x,z   0.2529114523  -0.4386256868 0.8623475541  -26.2432104767 0.9538157001  0.2623652937  -0.1462876032 31.6778109751  -0.1620845689 0.8595184463  0.4847232540  -4.3493301406 
5 'crystal symmetry operation' 5_555 -x,y,-z  -0.1453431159 -0.9836505545 0.1063342148  -19.4047418516 -0.9836505545 0.1321132859  -0.1223832761 -13.3017634443 0.1063342148  -0.1223832761 -0.9867701700 32.9161147732 
6 'crystal symmetry operation' 6_555 x,-y,-z  -0.3604797887 0.4684605412  -0.8065972001 -24.7393746821 0.4684605412  -0.6568438733 -0.5908475670 35.3956164394  -0.8065972001 -0.5908475670 0.0173236620  0.9423780667  
7 'crystal symmetry operation' 7_555 y,x,-z   0.4863925116  -0.4122616899 -0.7703652534 3.0687342735   -0.4122616899 -0.8856562452 0.2136663625  4.8641229307   -0.7703652534 0.2136663625  -0.6007362665 3.3179742905  
8 'crystal symmetry operation' 8_555 -y,-x,-z -0.9922154162 -0.1029283234 0.0701022681  -47.2128508072 -0.1029283234 0.3609256578  -0.9268972056 17.2297300644  0.0701022681  -0.9268972056 -0.3687102416 30.5405185495 
# 
loop_
_pdbx_audit_revision_history.ordinal 
_pdbx_audit_revision_history.data_content_type 
_pdbx_audit_revision_history.major_revision 
_pdbx_audit_revision_history.minor_revision 
_pdbx_audit_revision_history.revision_date 
1 'Structure model' 1 0 2008-02-26 
2 'Structure model' 1 1 2011-07-13 
3 'Structure model' 1 2 2017-10-11 
4 'Structure model' 1 3 2021-11-10 
5 'Structure model' 1 4 2023-10-25 
# 
_pdbx_audit_revision_details.ordinal             1 
_pdbx_audit_revision_details.revision_ordinal    1 
_pdbx_audit_revision_details.data_content_type   'Structure model' 
_pdbx_audit_revision_details.provider            repository 
_pdbx_audit_revision_details.type                'Initial release' 
_pdbx_audit_revision_details.description         ? 
_pdbx_audit_revision_details.details             ? 
# 
loop_
_pdbx_audit_revision_group.ordinal 
_pdbx_audit_revision_group.revision_ordinal 
_pdbx_audit_revision_group.data_content_type 
_pdbx_audit_revision_group.group 
1 2 'Structure model' 'Derived calculations'      
2 2 'Structure model' 'Source and taxonomy'       
3 2 'Structure model' 'Version format compliance' 
4 3 'Structure model' 'Refinement description'    
5 4 'Structure model' 'Database references'       
6 4 'Structure model' 'Derived calculations'      
7 5 'Structure model' 'Data collection'           
8 5 'Structure model' 'Refinement description'    
# 
loop_
_pdbx_audit_revision_category.ordinal 
_pdbx_audit_revision_category.revision_ordinal 
_pdbx_audit_revision_category.data_content_type 
_pdbx_audit_revision_category.category 
1 3 'Structure model' software                      
2 4 'Structure model' database_2                    
3 4 'Structure model' struct_ref_seq_dif            
4 4 'Structure model' struct_site                   
5 5 'Structure model' chem_comp_atom                
6 5 'Structure model' chem_comp_bond                
7 5 'Structure model' pdbx_initial_refinement_model 
# 
loop_
_pdbx_audit_revision_item.ordinal 
_pdbx_audit_revision_item.revision_ordinal 
_pdbx_audit_revision_item.data_content_type 
_pdbx_audit_revision_item.item 
1 3 'Structure model' '_software.name'                      
2 4 'Structure model' '_database_2.pdbx_DOI'                
3 4 'Structure model' '_database_2.pdbx_database_accession' 
4 4 'Structure model' '_struct_ref_seq_dif.details'         
5 4 'Structure model' '_struct_site.pdbx_auth_asym_id'      
6 4 'Structure model' '_struct_site.pdbx_auth_comp_id'      
7 4 'Structure model' '_struct_site.pdbx_auth_seq_id'       
# 
loop_
_software.name 
_software.classification 
_software.version 
_software.citation_id 
_software.pdbx_ordinal 
CNS      refinement        1.1 ? 1 
BSS      'data collection' .   ? 2 
HKL-2000 'data reduction'  .   ? 3 
HKL-2000 'data scaling'    .   ? 4 
MOLREP   phasing           .   ? 5 
# 
loop_
_pdbx_validate_symm_contact.id 
_pdbx_validate_symm_contact.PDB_model_num 
_pdbx_validate_symm_contact.auth_atom_id_1 
_pdbx_validate_symm_contact.auth_asym_id_1 
_pdbx_validate_symm_contact.auth_comp_id_1 
_pdbx_validate_symm_contact.auth_seq_id_1 
_pdbx_validate_symm_contact.PDB_ins_code_1 
_pdbx_validate_symm_contact.label_alt_id_1 
_pdbx_validate_symm_contact.site_symmetry_1 
_pdbx_validate_symm_contact.auth_atom_id_2 
_pdbx_validate_symm_contact.auth_asym_id_2 
_pdbx_validate_symm_contact.auth_comp_id_2 
_pdbx_validate_symm_contact.auth_seq_id_2 
_pdbx_validate_symm_contact.PDB_ins_code_2 
_pdbx_validate_symm_contact.label_alt_id_2 
_pdbx_validate_symm_contact.site_symmetry_2 
_pdbx_validate_symm_contact.dist 
1 1 O A HOH 1107 ? ? 1_555 O A HOH 1107 ? ? 7_555 1.54 
2 1 O A HOH 1110 ? ? 1_555 O A HOH 1110 ? ? 3_555 1.78 
# 
loop_
_pdbx_validate_torsion.id 
_pdbx_validate_torsion.PDB_model_num 
_pdbx_validate_torsion.auth_comp_id 
_pdbx_validate_torsion.auth_asym_id 
_pdbx_validate_torsion.auth_seq_id 
_pdbx_validate_torsion.PDB_ins_code 
_pdbx_validate_torsion.label_alt_id 
_pdbx_validate_torsion.phi 
_pdbx_validate_torsion.psi 
1 1 ARG A 28  ? ? 65.61   61.95   
2 1 LYS A 75  ? ? 45.08   -127.54 
3 1 PHE A 119 ? ? -108.36 -70.59  
4 1 GLU A 143 ? ? -155.86 85.82   
# 
loop_
_chem_comp_atom.comp_id 
_chem_comp_atom.atom_id 
_chem_comp_atom.type_symbol 
_chem_comp_atom.pdbx_aromatic_flag 
_chem_comp_atom.pdbx_stereo_config 
_chem_comp_atom.pdbx_ordinal 
ALA N    N  N N 1   
ALA CA   C  N S 2   
ALA C    C  N N 3   
ALA O    O  N N 4   
ALA CB   C  N N 5   
ALA OXT  O  N N 6   
ALA H    H  N N 7   
ALA H2   H  N N 8   
ALA HA   H  N N 9   
ALA HB1  H  N N 10  
ALA HB2  H  N N 11  
ALA HB3  H  N N 12  
ALA HXT  H  N N 13  
ARG N    N  N N 14  
ARG CA   C  N S 15  
ARG C    C  N N 16  
ARG O    O  N N 17  
ARG CB   C  N N 18  
ARG CG   C  N N 19  
ARG CD   C  N N 20  
ARG NE   N  N N 21  
ARG CZ   C  N N 22  
ARG NH1  N  N N 23  
ARG NH2  N  N N 24  
ARG OXT  O  N N 25  
ARG H    H  N N 26  
ARG H2   H  N N 27  
ARG HA   H  N N 28  
ARG HB2  H  N N 29  
ARG HB3  H  N N 30  
ARG HG2  H  N N 31  
ARG HG3  H  N N 32  
ARG HD2  H  N N 33  
ARG HD3  H  N N 34  
ARG HE   H  N N 35  
ARG HH11 H  N N 36  
ARG HH12 H  N N 37  
ARG HH21 H  N N 38  
ARG HH22 H  N N 39  
ARG HXT  H  N N 40  
ASN N    N  N N 41  
ASN CA   C  N S 42  
ASN C    C  N N 43  
ASN O    O  N N 44  
ASN CB   C  N N 45  
ASN CG   C  N N 46  
ASN OD1  O  N N 47  
ASN ND2  N  N N 48  
ASN OXT  O  N N 49  
ASN H    H  N N 50  
ASN H2   H  N N 51  
ASN HA   H  N N 52  
ASN HB2  H  N N 53  
ASN HB3  H  N N 54  
ASN HD21 H  N N 55  
ASN HD22 H  N N 56  
ASN HXT  H  N N 57  
ASP N    N  N N 58  
ASP CA   C  N S 59  
ASP C    C  N N 60  
ASP O    O  N N 61  
ASP CB   C  N N 62  
ASP CG   C  N N 63  
ASP OD1  O  N N 64  
ASP OD2  O  N N 65  
ASP OXT  O  N N 66  
ASP H    H  N N 67  
ASP H2   H  N N 68  
ASP HA   H  N N 69  
ASP HB2  H  N N 70  
ASP HB3  H  N N 71  
ASP HD2  H  N N 72  
ASP HXT  H  N N 73  
GLN N    N  N N 74  
GLN CA   C  N S 75  
GLN C    C  N N 76  
GLN O    O  N N 77  
GLN CB   C  N N 78  
GLN CG   C  N N 79  
GLN CD   C  N N 80  
GLN OE1  O  N N 81  
GLN NE2  N  N N 82  
GLN OXT  O  N N 83  
GLN H    H  N N 84  
GLN H2   H  N N 85  
GLN HA   H  N N 86  
GLN HB2  H  N N 87  
GLN HB3  H  N N 88  
GLN HG2  H  N N 89  
GLN HG3  H  N N 90  
GLN HE21 H  N N 91  
GLN HE22 H  N N 92  
GLN HXT  H  N N 93  
GLU N    N  N N 94  
GLU CA   C  N S 95  
GLU C    C  N N 96  
GLU O    O  N N 97  
GLU CB   C  N N 98  
GLU CG   C  N N 99  
GLU CD   C  N N 100 
GLU OE1  O  N N 101 
GLU OE2  O  N N 102 
GLU OXT  O  N N 103 
GLU H    H  N N 104 
GLU H2   H  N N 105 
GLU HA   H  N N 106 
GLU HB2  H  N N 107 
GLU HB3  H  N N 108 
GLU HG2  H  N N 109 
GLU HG3  H  N N 110 
GLU HE2  H  N N 111 
GLU HXT  H  N N 112 
GLY N    N  N N 113 
GLY CA   C  N N 114 
GLY C    C  N N 115 
GLY O    O  N N 116 
GLY OXT  O  N N 117 
GLY H    H  N N 118 
GLY H2   H  N N 119 
GLY HA2  H  N N 120 
GLY HA3  H  N N 121 
GLY HXT  H  N N 122 
HIS N    N  N N 123 
HIS CA   C  N S 124 
HIS C    C  N N 125 
HIS O    O  N N 126 
HIS CB   C  N N 127 
HIS CG   C  Y N 128 
HIS ND1  N  Y N 129 
HIS CD2  C  Y N 130 
HIS CE1  C  Y N 131 
HIS NE2  N  Y N 132 
HIS OXT  O  N N 133 
HIS H    H  N N 134 
HIS H2   H  N N 135 
HIS HA   H  N N 136 
HIS HB2  H  N N 137 
HIS HB3  H  N N 138 
HIS HD1  H  N N 139 
HIS HD2  H  N N 140 
HIS HE1  H  N N 141 
HIS HE2  H  N N 142 
HIS HXT  H  N N 143 
HOH O    O  N N 144 
HOH H1   H  N N 145 
HOH H2   H  N N 146 
ILE N    N  N N 147 
ILE CA   C  N S 148 
ILE C    C  N N 149 
ILE O    O  N N 150 
ILE CB   C  N S 151 
ILE CG1  C  N N 152 
ILE CG2  C  N N 153 
ILE CD1  C  N N 154 
ILE OXT  O  N N 155 
ILE H    H  N N 156 
ILE H2   H  N N 157 
ILE HA   H  N N 158 
ILE HB   H  N N 159 
ILE HG12 H  N N 160 
ILE HG13 H  N N 161 
ILE HG21 H  N N 162 
ILE HG22 H  N N 163 
ILE HG23 H  N N 164 
ILE HD11 H  N N 165 
ILE HD12 H  N N 166 
ILE HD13 H  N N 167 
ILE HXT  H  N N 168 
LEU N    N  N N 169 
LEU CA   C  N S 170 
LEU C    C  N N 171 
LEU O    O  N N 172 
LEU CB   C  N N 173 
LEU CG   C  N N 174 
LEU CD1  C  N N 175 
LEU CD2  C  N N 176 
LEU OXT  O  N N 177 
LEU H    H  N N 178 
LEU H2   H  N N 179 
LEU HA   H  N N 180 
LEU HB2  H  N N 181 
LEU HB3  H  N N 182 
LEU HG   H  N N 183 
LEU HD11 H  N N 184 
LEU HD12 H  N N 185 
LEU HD13 H  N N 186 
LEU HD21 H  N N 187 
LEU HD22 H  N N 188 
LEU HD23 H  N N 189 
LEU HXT  H  N N 190 
LYS N    N  N N 191 
LYS CA   C  N S 192 
LYS C    C  N N 193 
LYS O    O  N N 194 
LYS CB   C  N N 195 
LYS CG   C  N N 196 
LYS CD   C  N N 197 
LYS CE   C  N N 198 
LYS NZ   N  N N 199 
LYS OXT  O  N N 200 
LYS H    H  N N 201 
LYS H2   H  N N 202 
LYS HA   H  N N 203 
LYS HB2  H  N N 204 
LYS HB3  H  N N 205 
LYS HG2  H  N N 206 
LYS HG3  H  N N 207 
LYS HD2  H  N N 208 
LYS HD3  H  N N 209 
LYS HE2  H  N N 210 
LYS HE3  H  N N 211 
LYS HZ1  H  N N 212 
LYS HZ2  H  N N 213 
LYS HZ3  H  N N 214 
LYS HXT  H  N N 215 
MET N    N  N N 216 
MET CA   C  N S 217 
MET C    C  N N 218 
MET O    O  N N 219 
MET CB   C  N N 220 
MET CG   C  N N 221 
MET SD   S  N N 222 
MET CE   C  N N 223 
MET OXT  O  N N 224 
MET H    H  N N 225 
MET H2   H  N N 226 
MET HA   H  N N 227 
MET HB2  H  N N 228 
MET HB3  H  N N 229 
MET HG2  H  N N 230 
MET HG3  H  N N 231 
MET HE1  H  N N 232 
MET HE2  H  N N 233 
MET HE3  H  N N 234 
MET HXT  H  N N 235 
MG  MG   MG N N 236 
PHE N    N  N N 237 
PHE CA   C  N S 238 
PHE C    C  N N 239 
PHE O    O  N N 240 
PHE CB   C  N N 241 
PHE CG   C  Y N 242 
PHE CD1  C  Y N 243 
PHE CD2  C  Y N 244 
PHE CE1  C  Y N 245 
PHE CE2  C  Y N 246 
PHE CZ   C  Y N 247 
PHE OXT  O  N N 248 
PHE H    H  N N 249 
PHE H2   H  N N 250 
PHE HA   H  N N 251 
PHE HB2  H  N N 252 
PHE HB3  H  N N 253 
PHE HD1  H  N N 254 
PHE HD2  H  N N 255 
PHE HE1  H  N N 256 
PHE HE2  H  N N 257 
PHE HZ   H  N N 258 
PHE HXT  H  N N 259 
PRO N    N  N N 260 
PRO CA   C  N S 261 
PRO C    C  N N 262 
PRO O    O  N N 263 
PRO CB   C  N N 264 
PRO CG   C  N N 265 
PRO CD   C  N N 266 
PRO OXT  O  N N 267 
PRO H    H  N N 268 
PRO HA   H  N N 269 
PRO HB2  H  N N 270 
PRO HB3  H  N N 271 
PRO HG2  H  N N 272 
PRO HG3  H  N N 273 
PRO HD2  H  N N 274 
PRO HD3  H  N N 275 
PRO HXT  H  N N 276 
SER N    N  N N 277 
SER CA   C  N S 278 
SER C    C  N N 279 
SER O    O  N N 280 
SER CB   C  N N 281 
SER OG   O  N N 282 
SER OXT  O  N N 283 
SER H    H  N N 284 
SER H2   H  N N 285 
SER HA   H  N N 286 
SER HB2  H  N N 287 
SER HB3  H  N N 288 
SER HG   H  N N 289 
SER HXT  H  N N 290 
THR N    N  N N 291 
THR CA   C  N S 292 
THR C    C  N N 293 
THR O    O  N N 294 
THR CB   C  N R 295 
THR OG1  O  N N 296 
THR CG2  C  N N 297 
THR OXT  O  N N 298 
THR H    H  N N 299 
THR H2   H  N N 300 
THR HA   H  N N 301 
THR HB   H  N N 302 
THR HG1  H  N N 303 
THR HG21 H  N N 304 
THR HG22 H  N N 305 
THR HG23 H  N N 306 
THR HXT  H  N N 307 
TRP N    N  N N 308 
TRP CA   C  N S 309 
TRP C    C  N N 310 
TRP O    O  N N 311 
TRP CB   C  N N 312 
TRP CG   C  Y N 313 
TRP CD1  C  Y N 314 
TRP CD2  C  Y N 315 
TRP NE1  N  Y N 316 
TRP CE2  C  Y N 317 
TRP CE3  C  Y N 318 
TRP CZ2  C  Y N 319 
TRP CZ3  C  Y N 320 
TRP CH2  C  Y N 321 
TRP OXT  O  N N 322 
TRP H    H  N N 323 
TRP H2   H  N N 324 
TRP HA   H  N N 325 
TRP HB2  H  N N 326 
TRP HB3  H  N N 327 
TRP HD1  H  N N 328 
TRP HE1  H  N N 329 
TRP HE3  H  N N 330 
TRP HZ2  H  N N 331 
TRP HZ3  H  N N 332 
TRP HH2  H  N N 333 
TRP HXT  H  N N 334 
TYR N    N  N N 335 
TYR CA   C  N S 336 
TYR C    C  N N 337 
TYR O    O  N N 338 
TYR CB   C  N N 339 
TYR CG   C  Y N 340 
TYR CD1  C  Y N 341 
TYR CD2  C  Y N 342 
TYR CE1  C  Y N 343 
TYR CE2  C  Y N 344 
TYR CZ   C  Y N 345 
TYR OH   O  N N 346 
TYR OXT  O  N N 347 
TYR H    H  N N 348 
TYR H2   H  N N 349 
TYR HA   H  N N 350 
TYR HB2  H  N N 351 
TYR HB3  H  N N 352 
TYR HD1  H  N N 353 
TYR HD2  H  N N 354 
TYR HE1  H  N N 355 
TYR HE2  H  N N 356 
TYR HH   H  N N 357 
TYR HXT  H  N N 358 
VAL N    N  N N 359 
VAL CA   C  N S 360 
VAL C    C  N N 361 
VAL O    O  N N 362 
VAL CB   C  N N 363 
VAL CG1  C  N N 364 
VAL CG2  C  N N 365 
VAL OXT  O  N N 366 
VAL H    H  N N 367 
VAL H2   H  N N 368 
VAL HA   H  N N 369 
VAL HB   H  N N 370 
VAL HG11 H  N N 371 
VAL HG12 H  N N 372 
VAL HG13 H  N N 373 
VAL HG21 H  N N 374 
VAL HG22 H  N N 375 
VAL HG23 H  N N 376 
VAL HXT  H  N N 377 
# 
loop_
_chem_comp_bond.comp_id 
_chem_comp_bond.atom_id_1 
_chem_comp_bond.atom_id_2 
_chem_comp_bond.value_order 
_chem_comp_bond.pdbx_aromatic_flag 
_chem_comp_bond.pdbx_stereo_config 
_chem_comp_bond.pdbx_ordinal 
ALA N   CA   sing N N 1   
ALA N   H    sing N N 2   
ALA N   H2   sing N N 3   
ALA CA  C    sing N N 4   
ALA CA  CB   sing N N 5   
ALA CA  HA   sing N N 6   
ALA C   O    doub N N 7   
ALA C   OXT  sing N N 8   
ALA CB  HB1  sing N N 9   
ALA CB  HB2  sing N N 10  
ALA CB  HB3  sing N N 11  
ALA OXT HXT  sing N N 12  
ARG N   CA   sing N N 13  
ARG N   H    sing N N 14  
ARG N   H2   sing N N 15  
ARG CA  C    sing N N 16  
ARG CA  CB   sing N N 17  
ARG CA  HA   sing N N 18  
ARG C   O    doub N N 19  
ARG C   OXT  sing N N 20  
ARG CB  CG   sing N N 21  
ARG CB  HB2  sing N N 22  
ARG CB  HB3  sing N N 23  
ARG CG  CD   sing N N 24  
ARG CG  HG2  sing N N 25  
ARG CG  HG3  sing N N 26  
ARG CD  NE   sing N N 27  
ARG CD  HD2  sing N N 28  
ARG CD  HD3  sing N N 29  
ARG NE  CZ   sing N N 30  
ARG NE  HE   sing N N 31  
ARG CZ  NH1  sing N N 32  
ARG CZ  NH2  doub N N 33  
ARG NH1 HH11 sing N N 34  
ARG NH1 HH12 sing N N 35  
ARG NH2 HH21 sing N N 36  
ARG NH2 HH22 sing N N 37  
ARG OXT HXT  sing N N 38  
ASN N   CA   sing N N 39  
ASN N   H    sing N N 40  
ASN N   H2   sing N N 41  
ASN CA  C    sing N N 42  
ASN CA  CB   sing N N 43  
ASN CA  HA   sing N N 44  
ASN C   O    doub N N 45  
ASN C   OXT  sing N N 46  
ASN CB  CG   sing N N 47  
ASN CB  HB2  sing N N 48  
ASN CB  HB3  sing N N 49  
ASN CG  OD1  doub N N 50  
ASN CG  ND2  sing N N 51  
ASN ND2 HD21 sing N N 52  
ASN ND2 HD22 sing N N 53  
ASN OXT HXT  sing N N 54  
ASP N   CA   sing N N 55  
ASP N   H    sing N N 56  
ASP N   H2   sing N N 57  
ASP CA  C    sing N N 58  
ASP CA  CB   sing N N 59  
ASP CA  HA   sing N N 60  
ASP C   O    doub N N 61  
ASP C   OXT  sing N N 62  
ASP CB  CG   sing N N 63  
ASP CB  HB2  sing N N 64  
ASP CB  HB3  sing N N 65  
ASP CG  OD1  doub N N 66  
ASP CG  OD2  sing N N 67  
ASP OD2 HD2  sing N N 68  
ASP OXT HXT  sing N N 69  
GLN N   CA   sing N N 70  
GLN N   H    sing N N 71  
GLN N   H2   sing N N 72  
GLN CA  C    sing N N 73  
GLN CA  CB   sing N N 74  
GLN CA  HA   sing N N 75  
GLN C   O    doub N N 76  
GLN C   OXT  sing N N 77  
GLN CB  CG   sing N N 78  
GLN CB  HB2  sing N N 79  
GLN CB  HB3  sing N N 80  
GLN CG  CD   sing N N 81  
GLN CG  HG2  sing N N 82  
GLN CG  HG3  sing N N 83  
GLN CD  OE1  doub N N 84  
GLN CD  NE2  sing N N 85  
GLN NE2 HE21 sing N N 86  
GLN NE2 HE22 sing N N 87  
GLN OXT HXT  sing N N 88  
GLU N   CA   sing N N 89  
GLU N   H    sing N N 90  
GLU N   H2   sing N N 91  
GLU CA  C    sing N N 92  
GLU CA  CB   sing N N 93  
GLU CA  HA   sing N N 94  
GLU C   O    doub N N 95  
GLU C   OXT  sing N N 96  
GLU CB  CG   sing N N 97  
GLU CB  HB2  sing N N 98  
GLU CB  HB3  sing N N 99  
GLU CG  CD   sing N N 100 
GLU CG  HG2  sing N N 101 
GLU CG  HG3  sing N N 102 
GLU CD  OE1  doub N N 103 
GLU CD  OE2  sing N N 104 
GLU OE2 HE2  sing N N 105 
GLU OXT HXT  sing N N 106 
GLY N   CA   sing N N 107 
GLY N   H    sing N N 108 
GLY N   H2   sing N N 109 
GLY CA  C    sing N N 110 
GLY CA  HA2  sing N N 111 
GLY CA  HA3  sing N N 112 
GLY C   O    doub N N 113 
GLY C   OXT  sing N N 114 
GLY OXT HXT  sing N N 115 
HIS N   CA   sing N N 116 
HIS N   H    sing N N 117 
HIS N   H2   sing N N 118 
HIS CA  C    sing N N 119 
HIS CA  CB   sing N N 120 
HIS CA  HA   sing N N 121 
HIS C   O    doub N N 122 
HIS C   OXT  sing N N 123 
HIS CB  CG   sing N N 124 
HIS CB  HB2  sing N N 125 
HIS CB  HB3  sing N N 126 
HIS CG  ND1  sing Y N 127 
HIS CG  CD2  doub Y N 128 
HIS ND1 CE1  doub Y N 129 
HIS ND1 HD1  sing N N 130 
HIS CD2 NE2  sing Y N 131 
HIS CD2 HD2  sing N N 132 
HIS CE1 NE2  sing Y N 133 
HIS CE1 HE1  sing N N 134 
HIS NE2 HE2  sing N N 135 
HIS OXT HXT  sing N N 136 
HOH O   H1   sing N N 137 
HOH O   H2   sing N N 138 
ILE N   CA   sing N N 139 
ILE N   H    sing N N 140 
ILE N   H2   sing N N 141 
ILE CA  C    sing N N 142 
ILE CA  CB   sing N N 143 
ILE CA  HA   sing N N 144 
ILE C   O    doub N N 145 
ILE C   OXT  sing N N 146 
ILE CB  CG1  sing N N 147 
ILE CB  CG2  sing N N 148 
ILE CB  HB   sing N N 149 
ILE CG1 CD1  sing N N 150 
ILE CG1 HG12 sing N N 151 
ILE CG1 HG13 sing N N 152 
ILE CG2 HG21 sing N N 153 
ILE CG2 HG22 sing N N 154 
ILE CG2 HG23 sing N N 155 
ILE CD1 HD11 sing N N 156 
ILE CD1 HD12 sing N N 157 
ILE CD1 HD13 sing N N 158 
ILE OXT HXT  sing N N 159 
LEU N   CA   sing N N 160 
LEU N   H    sing N N 161 
LEU N   H2   sing N N 162 
LEU CA  C    sing N N 163 
LEU CA  CB   sing N N 164 
LEU CA  HA   sing N N 165 
LEU C   O    doub N N 166 
LEU C   OXT  sing N N 167 
LEU CB  CG   sing N N 168 
LEU CB  HB2  sing N N 169 
LEU CB  HB3  sing N N 170 
LEU CG  CD1  sing N N 171 
LEU CG  CD2  sing N N 172 
LEU CG  HG   sing N N 173 
LEU CD1 HD11 sing N N 174 
LEU CD1 HD12 sing N N 175 
LEU CD1 HD13 sing N N 176 
LEU CD2 HD21 sing N N 177 
LEU CD2 HD22 sing N N 178 
LEU CD2 HD23 sing N N 179 
LEU OXT HXT  sing N N 180 
LYS N   CA   sing N N 181 
LYS N   H    sing N N 182 
LYS N   H2   sing N N 183 
LYS CA  C    sing N N 184 
LYS CA  CB   sing N N 185 
LYS CA  HA   sing N N 186 
LYS C   O    doub N N 187 
LYS C   OXT  sing N N 188 
LYS CB  CG   sing N N 189 
LYS CB  HB2  sing N N 190 
LYS CB  HB3  sing N N 191 
LYS CG  CD   sing N N 192 
LYS CG  HG2  sing N N 193 
LYS CG  HG3  sing N N 194 
LYS CD  CE   sing N N 195 
LYS CD  HD2  sing N N 196 
LYS CD  HD3  sing N N 197 
LYS CE  NZ   sing N N 198 
LYS CE  HE2  sing N N 199 
LYS CE  HE3  sing N N 200 
LYS NZ  HZ1  sing N N 201 
LYS NZ  HZ2  sing N N 202 
LYS NZ  HZ3  sing N N 203 
LYS OXT HXT  sing N N 204 
MET N   CA   sing N N 205 
MET N   H    sing N N 206 
MET N   H2   sing N N 207 
MET CA  C    sing N N 208 
MET CA  CB   sing N N 209 
MET CA  HA   sing N N 210 
MET C   O    doub N N 211 
MET C   OXT  sing N N 212 
MET CB  CG   sing N N 213 
MET CB  HB2  sing N N 214 
MET CB  HB3  sing N N 215 
MET CG  SD   sing N N 216 
MET CG  HG2  sing N N 217 
MET CG  HG3  sing N N 218 
MET SD  CE   sing N N 219 
MET CE  HE1  sing N N 220 
MET CE  HE2  sing N N 221 
MET CE  HE3  sing N N 222 
MET OXT HXT  sing N N 223 
PHE N   CA   sing N N 224 
PHE N   H    sing N N 225 
PHE N   H2   sing N N 226 
PHE CA  C    sing N N 227 
PHE CA  CB   sing N N 228 
PHE CA  HA   sing N N 229 
PHE C   O    doub N N 230 
PHE C   OXT  sing N N 231 
PHE CB  CG   sing N N 232 
PHE CB  HB2  sing N N 233 
PHE CB  HB3  sing N N 234 
PHE CG  CD1  doub Y N 235 
PHE CG  CD2  sing Y N 236 
PHE CD1 CE1  sing Y N 237 
PHE CD1 HD1  sing N N 238 
PHE CD2 CE2  doub Y N 239 
PHE CD2 HD2  sing N N 240 
PHE CE1 CZ   doub Y N 241 
PHE CE1 HE1  sing N N 242 
PHE CE2 CZ   sing Y N 243 
PHE CE2 HE2  sing N N 244 
PHE CZ  HZ   sing N N 245 
PHE OXT HXT  sing N N 246 
PRO N   CA   sing N N 247 
PRO N   CD   sing N N 248 
PRO N   H    sing N N 249 
PRO CA  C    sing N N 250 
PRO CA  CB   sing N N 251 
PRO CA  HA   sing N N 252 
PRO C   O    doub N N 253 
PRO C   OXT  sing N N 254 
PRO CB  CG   sing N N 255 
PRO CB  HB2  sing N N 256 
PRO CB  HB3  sing N N 257 
PRO CG  CD   sing N N 258 
PRO CG  HG2  sing N N 259 
PRO CG  HG3  sing N N 260 
PRO CD  HD2  sing N N 261 
PRO CD  HD3  sing N N 262 
PRO OXT HXT  sing N N 263 
SER N   CA   sing N N 264 
SER N   H    sing N N 265 
SER N   H2   sing N N 266 
SER CA  C    sing N N 267 
SER CA  CB   sing N N 268 
SER CA  HA   sing N N 269 
SER C   O    doub N N 270 
SER C   OXT  sing N N 271 
SER CB  OG   sing N N 272 
SER CB  HB2  sing N N 273 
SER CB  HB3  sing N N 274 
SER OG  HG   sing N N 275 
SER OXT HXT  sing N N 276 
THR N   CA   sing N N 277 
THR N   H    sing N N 278 
THR N   H2   sing N N 279 
THR CA  C    sing N N 280 
THR CA  CB   sing N N 281 
THR CA  HA   sing N N 282 
THR C   O    doub N N 283 
THR C   OXT  sing N N 284 
THR CB  OG1  sing N N 285 
THR CB  CG2  sing N N 286 
THR CB  HB   sing N N 287 
THR OG1 HG1  sing N N 288 
THR CG2 HG21 sing N N 289 
THR CG2 HG22 sing N N 290 
THR CG2 HG23 sing N N 291 
THR OXT HXT  sing N N 292 
TRP N   CA   sing N N 293 
TRP N   H    sing N N 294 
TRP N   H2   sing N N 295 
TRP CA  C    sing N N 296 
TRP CA  CB   sing N N 297 
TRP CA  HA   sing N N 298 
TRP C   O    doub N N 299 
TRP C   OXT  sing N N 300 
TRP CB  CG   sing N N 301 
TRP CB  HB2  sing N N 302 
TRP CB  HB3  sing N N 303 
TRP CG  CD1  doub Y N 304 
TRP CG  CD2  sing Y N 305 
TRP CD1 NE1  sing Y N 306 
TRP CD1 HD1  sing N N 307 
TRP CD2 CE2  doub Y N 308 
TRP CD2 CE3  sing Y N 309 
TRP NE1 CE2  sing Y N 310 
TRP NE1 HE1  sing N N 311 
TRP CE2 CZ2  sing Y N 312 
TRP CE3 CZ3  doub Y N 313 
TRP CE3 HE3  sing N N 314 
TRP CZ2 CH2  doub Y N 315 
TRP CZ2 HZ2  sing N N 316 
TRP CZ3 CH2  sing Y N 317 
TRP CZ3 HZ3  sing N N 318 
TRP CH2 HH2  sing N N 319 
TRP OXT HXT  sing N N 320 
TYR N   CA   sing N N 321 
TYR N   H    sing N N 322 
TYR N   H2   sing N N 323 
TYR CA  C    sing N N 324 
TYR CA  CB   sing N N 325 
TYR CA  HA   sing N N 326 
TYR C   O    doub N N 327 
TYR C   OXT  sing N N 328 
TYR CB  CG   sing N N 329 
TYR CB  HB2  sing N N 330 
TYR CB  HB3  sing N N 331 
TYR CG  CD1  doub Y N 332 
TYR CG  CD2  sing Y N 333 
TYR CD1 CE1  sing Y N 334 
TYR CD1 HD1  sing N N 335 
TYR CD2 CE2  doub Y N 336 
TYR CD2 HD2  sing N N 337 
TYR CE1 CZ   doub Y N 338 
TYR CE1 HE1  sing N N 339 
TYR CE2 CZ   sing Y N 340 
TYR CE2 HE2  sing N N 341 
TYR CZ  OH   sing N N 342 
TYR OH  HH   sing N N 343 
TYR OXT HXT  sing N N 344 
VAL N   CA   sing N N 345 
VAL N   H    sing N N 346 
VAL N   H2   sing N N 347 
VAL CA  C    sing N N 348 
VAL CA  CB   sing N N 349 
VAL CA  HA   sing N N 350 
VAL C   O    doub N N 351 
VAL C   OXT  sing N N 352 
VAL CB  CG1  sing N N 353 
VAL CB  CG2  sing N N 354 
VAL CB  HB   sing N N 355 
VAL CG1 HG11 sing N N 356 
VAL CG1 HG12 sing N N 357 
VAL CG1 HG13 sing N N 358 
VAL CG2 HG21 sing N N 359 
VAL CG2 HG22 sing N N 360 
VAL CG2 HG23 sing N N 361 
VAL OXT HXT  sing N N 362 
# 
loop_
_pdbx_entity_nonpoly.entity_id 
_pdbx_entity_nonpoly.name 
_pdbx_entity_nonpoly.comp_id 
2 'MAGNESIUM ION' MG  
3 water           HOH 
# 
_pdbx_initial_refinement_model.id               1 
_pdbx_initial_refinement_model.entity_id_list   ? 
_pdbx_initial_refinement_model.type             'experimental model' 
_pdbx_initial_refinement_model.source_name      PDB 
_pdbx_initial_refinement_model.accession_code   2E7W 
_pdbx_initial_refinement_model.details          ? 
# 
